data_3PEF
#
_entry.id   3PEF
#
_cell.length_a   75.968
_cell.length_b   79.141
_cell.length_c   95.470
_cell.angle_alpha   82.15
_cell.angle_beta   88.80
_cell.angle_gamma   87.66
#
_symmetry.space_group_name_H-M   'P 1'
#
loop_
_entity.id
_entity.type
_entity.pdbx_description
1 polymer '6-phosphogluconate dehydrogenase, NAD-binding'
2 non-polymer 'NADP NICOTINAMIDE-ADENINE-DINUCLEOTIDE PHOSPHATE'
3 non-polymer GLYCEROL
4 non-polymer DI(HYDROXYETHYL)ETHER
5 non-polymer 1,2-ETHANEDIOL
6 water water
#
_entity_poly.entity_id   1
_entity_poly.type   'polypeptide(L)'
_entity_poly.pdbx_seq_one_letter_code
;SQKFGFIGLGIMGSAMAKNLVKAGCSVTIWNRSPEKAEELAALGAERAATP(CSO)EVVESCPVTFAMLADPAAAEEVCF
GKHGVLEGIGEGRGYVDMSTVDPATSQRIGVAVVAKGGRFLEAPVSGSKKPAEDGTLIILAAGDRNLYDEAMPGFEKMGK
KIIHLGDVGKGAEMKLVVNMVMGGMMACFCEGLALGEKAGLATDAILDVIGAGAMANPMFALKGGLIRDRNFAPAFPLKH
MQKDLRLAVALGDRVGQPLVASAAANELFKGARAAGFGDEDFSAIFKTYER
;
_entity_poly.pdbx_strand_id   A,B,C,D,E,F,G,H
#
loop_
_chem_comp.id
_chem_comp.type
_chem_comp.name
_chem_comp.formula
EDO non-polymer 1,2-ETHANEDIOL 'C2 H6 O2'
GOL non-polymer GLYCEROL 'C3 H8 O3'
NAP non-polymer 'NADP NICOTINAMIDE-ADENINE-DINUCLEOTIDE PHOSPHATE' 'C21 H28 N7 O17 P3'
PEG non-polymer DI(HYDROXYETHYL)ETHER 'C4 H10 O3'
#
# COMPACT_ATOMS: atom_id res chain seq x y z
N SER A 1 58.09 -60.29 -15.95
CA SER A 1 59.20 -60.36 -15.00
C SER A 1 59.11 -59.25 -13.95
N GLN A 2 59.01 -58.02 -14.46
CA GLN A 2 58.81 -56.81 -13.66
C GLN A 2 58.01 -57.00 -12.37
N LYS A 3 58.44 -56.36 -11.30
CA LYS A 3 57.71 -56.36 -10.04
C LYS A 3 57.07 -55.00 -9.79
N PHE A 4 55.74 -54.98 -9.60
CA PHE A 4 54.99 -53.76 -9.30
C PHE A 4 54.11 -53.90 -8.05
N GLY A 5 53.98 -52.81 -7.29
CA GLY A 5 53.00 -52.72 -6.23
C GLY A 5 51.71 -52.09 -6.76
N PHE A 6 50.57 -52.46 -6.19
CA PHE A 6 49.32 -51.78 -6.56
C PHE A 6 48.41 -51.59 -5.36
N ILE A 7 48.00 -50.34 -5.17
CA ILE A 7 47.21 -49.93 -4.02
C ILE A 7 45.91 -49.32 -4.50
N GLY A 8 44.80 -49.88 -4.06
CA GLY A 8 43.50 -49.36 -4.46
C GLY A 8 42.92 -50.24 -5.55
N LEU A 9 41.98 -51.08 -5.18
CA LEU A 9 41.47 -52.05 -6.14
C LEU A 9 39.99 -51.81 -6.41
N GLY A 10 39.64 -50.56 -6.65
CA GLY A 10 38.27 -50.24 -7.01
C GLY A 10 38.01 -50.56 -8.47
N ILE A 11 36.99 -49.93 -9.04
CA ILE A 11 36.62 -50.14 -10.42
C ILE A 11 37.83 -50.02 -11.35
N MET A 12 38.58 -48.92 -11.24
CA MET A 12 39.76 -48.70 -12.10
C MET A 12 40.97 -49.53 -11.67
N GLY A 13 41.32 -49.46 -10.40
CA GLY A 13 42.52 -50.13 -9.92
C GLY A 13 42.52 -51.64 -10.15
N SER A 14 41.39 -52.30 -9.93
CA SER A 14 41.36 -53.76 -10.06
C SER A 14 41.61 -54.13 -11.53
N ALA A 15 40.99 -53.36 -12.43
CA ALA A 15 41.17 -53.59 -13.85
C ALA A 15 42.59 -53.28 -14.29
N MET A 16 43.15 -52.18 -13.80
CA MET A 16 44.53 -51.84 -14.12
C MET A 16 45.51 -52.90 -13.60
N ALA A 17 45.33 -53.34 -12.36
CA ALA A 17 46.22 -54.33 -11.76
C ALA A 17 46.17 -55.68 -12.48
N LYS A 18 44.98 -56.06 -12.95
CA LYS A 18 44.77 -57.30 -13.68
C LYS A 18 45.57 -57.31 -14.96
N ASN A 19 45.63 -56.14 -15.61
CA ASN A 19 46.42 -55.96 -16.82
C ASN A 19 47.92 -56.16 -16.55
N LEU A 20 48.40 -55.67 -15.42
CA LEU A 20 49.78 -55.92 -15.05
C LEU A 20 49.97 -57.41 -14.79
N VAL A 21 49.06 -58.03 -14.05
CA VAL A 21 49.13 -59.47 -13.83
C VAL A 21 49.02 -60.28 -15.14
N LYS A 22 48.07 -59.93 -16.00
CA LYS A 22 47.95 -60.62 -17.29
C LYS A 22 49.22 -60.49 -18.13
N ALA A 23 49.94 -59.38 -17.95
CA ALA A 23 51.14 -59.11 -18.72
C ALA A 23 52.35 -59.84 -18.18
N GLY A 24 52.16 -60.62 -17.13
CA GLY A 24 53.24 -61.44 -16.61
C GLY A 24 54.06 -60.76 -15.52
N CYS A 25 53.64 -59.57 -15.09
CA CYS A 25 54.29 -58.91 -13.97
C CYS A 25 54.06 -59.66 -12.67
N SER A 26 54.99 -59.47 -11.75
CA SER A 26 54.84 -59.95 -10.39
C SER A 26 54.23 -58.78 -9.60
N VAL A 27 52.97 -58.92 -9.15
CA VAL A 27 52.24 -57.79 -8.57
C VAL A 27 51.84 -58.05 -7.10
N THR A 28 52.21 -57.12 -6.23
CA THR A 28 51.85 -57.14 -4.80
C THR A 28 50.73 -56.10 -4.64
N ILE A 29 49.61 -56.50 -4.05
CA ILE A 29 48.43 -55.64 -4.04
C ILE A 29 47.87 -55.44 -2.65
N TRP A 30 47.14 -54.33 -2.50
CA TRP A 30 46.48 -53.98 -1.25
C TRP A 30 45.23 -53.15 -1.51
N ASN A 31 44.18 -53.42 -0.74
CA ASN A 31 42.99 -52.60 -0.79
C ASN A 31 42.46 -52.48 0.63
N ARG A 32 41.87 -51.33 0.95
CA ARG A 32 41.26 -51.13 2.27
C ARG A 32 40.30 -52.25 2.58
N SER A 33 39.44 -52.57 1.60
CA SER A 33 38.58 -53.76 1.69
C SER A 33 39.23 -54.97 0.98
N PRO A 34 39.81 -55.89 1.75
CA PRO A 34 40.63 -56.98 1.21
C PRO A 34 39.92 -57.94 0.28
N GLU A 35 38.59 -58.00 0.31
CA GLU A 35 37.90 -58.91 -0.60
C GLU A 35 38.09 -58.53 -2.08
N LYS A 36 38.33 -57.25 -2.35
CA LYS A 36 38.52 -56.83 -3.74
C LYS A 36 39.83 -57.34 -4.32
N ALA A 37 40.64 -57.96 -3.47
CA ALA A 37 41.93 -58.53 -3.88
C ALA A 37 41.80 -60.00 -4.28
N GLU A 38 40.66 -60.61 -3.99
CA GLU A 38 40.52 -62.06 -4.15
C GLU A 38 40.72 -62.55 -5.59
N GLU A 39 40.20 -61.81 -6.56
CA GLU A 39 40.28 -62.26 -7.94
C GLU A 39 41.73 -62.18 -8.41
N LEU A 40 42.38 -61.08 -8.11
CA LEU A 40 43.80 -60.95 -8.42
C LEU A 40 44.64 -62.00 -7.69
N ALA A 41 44.33 -62.25 -6.42
CA ALA A 41 45.09 -63.25 -5.67
C ALA A 41 45.08 -64.61 -6.35
N ALA A 42 43.91 -65.02 -6.86
CA ALA A 42 43.81 -66.31 -7.51
C ALA A 42 44.54 -66.27 -8.83
N LEU A 43 44.78 -65.06 -9.35
CA LEU A 43 45.52 -64.94 -10.60
C LEU A 43 47.02 -64.91 -10.37
N GLY A 44 47.44 -65.09 -9.12
CA GLY A 44 48.85 -65.15 -8.78
C GLY A 44 49.41 -63.91 -8.07
N ALA A 45 48.63 -62.83 -8.00
CA ALA A 45 49.07 -61.63 -7.32
C ALA A 45 49.29 -61.93 -5.85
N GLU A 46 50.23 -61.21 -5.24
CA GLU A 46 50.57 -61.40 -3.83
C GLU A 46 49.86 -60.38 -2.92
N ARG A 47 49.20 -60.85 -1.86
CA ARG A 47 48.56 -59.96 -0.87
C ARG A 47 49.57 -59.30 0.05
N ALA A 48 49.45 -57.98 0.20
CA ALA A 48 50.22 -57.24 1.18
C ALA A 48 49.27 -56.89 2.34
N ALA A 49 49.80 -56.84 3.55
CA ALA A 49 48.96 -56.51 4.71
C ALA A 49 48.58 -55.03 4.78
N THR A 50 49.46 -54.15 4.30
CA THR A 50 49.32 -52.71 4.50
C THR A 50 49.93 -52.00 3.31
N PRO A 51 49.58 -50.72 3.11
CA PRO A 51 50.26 -49.94 2.06
C PRO A 51 51.77 -49.93 2.27
N CSO A 52 52.22 -49.80 3.52
CA CSO A 52 53.65 -49.73 3.83
CB CSO A 52 53.83 -49.54 5.35
SG CSO A 52 55.37 -50.23 5.99
C CSO A 52 54.37 -51.00 3.32
O CSO A 52 55.44 -50.94 2.74
OD CSO A 52 55.08 -51.10 7.52
N GLU A 53 53.73 -52.15 3.51
CA GLU A 53 54.30 -53.43 3.05
C GLU A 53 54.52 -53.48 1.53
N VAL A 54 53.56 -52.95 0.76
CA VAL A 54 53.65 -52.88 -0.69
C VAL A 54 54.87 -52.07 -1.11
N VAL A 55 55.01 -50.91 -0.51
CA VAL A 55 56.02 -49.95 -0.92
C VAL A 55 57.41 -50.32 -0.35
N GLU A 56 57.41 -51.19 0.66
CA GLU A 56 58.66 -51.72 1.21
C GLU A 56 59.31 -52.64 0.20
N SER A 57 58.46 -53.38 -0.52
CA SER A 57 58.94 -54.54 -1.26
C SER A 57 58.90 -54.39 -2.77
N CYS A 58 58.31 -53.31 -3.28
CA CYS A 58 58.22 -53.10 -4.72
C CYS A 58 59.02 -51.87 -5.15
N PRO A 59 59.69 -51.95 -6.32
CA PRO A 59 60.49 -50.83 -6.82
C PRO A 59 59.60 -49.66 -7.25
N VAL A 60 58.44 -49.98 -7.83
CA VAL A 60 57.48 -48.98 -8.27
C VAL A 60 56.09 -49.45 -7.86
N THR A 61 55.31 -48.56 -7.23
CA THR A 61 53.95 -48.90 -6.79
C THR A 61 52.95 -47.90 -7.35
N PHE A 62 51.86 -48.40 -7.91
CA PHE A 62 50.79 -47.55 -8.44
C PHE A 62 49.66 -47.45 -7.41
N ALA A 63 48.99 -46.30 -7.34
CA ALA A 63 47.83 -46.15 -6.45
C ALA A 63 46.65 -45.59 -7.24
N MET A 64 45.46 -46.12 -6.98
CA MET A 64 44.24 -45.70 -7.67
C MET A 64 43.11 -45.57 -6.67
N LEU A 65 43.10 -44.46 -5.94
CA LEU A 65 42.22 -44.23 -4.81
C LEU A 65 41.13 -43.20 -5.13
N ALA A 66 40.08 -43.19 -4.32
CA ALA A 66 38.89 -42.37 -4.59
C ALA A 66 39.12 -40.87 -4.73
N ASP A 67 39.78 -40.27 -3.75
CA ASP A 67 39.77 -38.80 -3.63
C ASP A 67 40.96 -38.31 -2.80
N PRO A 68 41.11 -36.98 -2.67
CA PRO A 68 42.25 -36.48 -1.89
C PRO A 68 42.31 -37.04 -0.46
N ALA A 69 41.16 -37.18 0.21
CA ALA A 69 41.15 -37.75 1.57
C ALA A 69 41.71 -39.17 1.59
N ALA A 70 41.30 -40.00 0.64
CA ALA A 70 41.84 -41.36 0.54
C ALA A 70 43.34 -41.32 0.25
N ALA A 71 43.73 -40.54 -0.76
CA ALA A 71 45.12 -40.46 -1.16
C ALA A 71 45.99 -40.06 0.04
N GLU A 72 45.51 -39.14 0.86
CA GLU A 72 46.28 -38.67 2.01
C GLU A 72 46.30 -39.69 3.14
N GLU A 73 45.16 -40.29 3.41
CA GLU A 73 45.13 -41.31 4.46
C GLU A 73 46.11 -42.45 4.12
N VAL A 74 46.12 -42.87 2.87
CA VAL A 74 47.01 -43.96 2.48
C VAL A 74 48.48 -43.55 2.56
N CYS A 75 48.77 -42.29 2.24
CA CYS A 75 50.15 -41.81 2.30
C CYS A 75 50.60 -41.56 3.74
N PHE A 76 49.81 -40.77 4.48
CA PHE A 76 50.24 -40.25 5.79
C PHE A 76 49.77 -41.07 6.99
N GLY A 77 48.83 -41.99 6.78
CA GLY A 77 48.24 -42.72 7.90
C GLY A 77 49.13 -43.80 8.52
N LYS A 78 48.63 -44.47 9.55
CA LYS A 78 49.37 -45.57 10.14
C LYS A 78 49.52 -46.72 9.14
N HIS A 79 50.69 -47.32 9.10
CA HIS A 79 51.00 -48.37 8.14
C HIS A 79 50.91 -47.84 6.70
N GLY A 80 51.06 -46.53 6.55
CA GLY A 80 50.92 -45.90 5.26
C GLY A 80 52.17 -45.93 4.40
N VAL A 81 52.04 -45.37 3.19
CA VAL A 81 53.13 -45.37 2.23
C VAL A 81 54.41 -44.76 2.83
N LEU A 82 54.27 -43.66 3.56
CA LEU A 82 55.43 -42.96 4.13
C LEU A 82 56.21 -43.83 5.13
N GLU A 83 55.51 -44.70 5.85
CA GLU A 83 56.17 -45.62 6.77
C GLU A 83 57.06 -46.64 6.06
N GLY A 84 56.83 -46.84 4.77
CA GLY A 84 57.48 -47.93 4.06
C GLY A 84 58.39 -47.56 2.90
N ILE A 85 58.22 -46.36 2.35
CA ILE A 85 58.99 -45.97 1.18
C ILE A 85 60.40 -45.50 1.56
N GLY A 86 61.32 -45.59 0.62
CA GLY A 86 62.70 -45.17 0.84
C GLY A 86 63.67 -45.78 -0.16
N GLU A 87 64.94 -45.39 -0.04
CA GLU A 87 65.99 -45.96 -0.88
C GLU A 87 65.64 -45.90 -2.37
N GLY A 88 64.95 -44.84 -2.76
CA GLY A 88 64.64 -44.59 -4.16
C GLY A 88 63.47 -45.33 -4.76
N ARG A 89 62.81 -46.17 -3.96
CA ARG A 89 61.62 -46.86 -4.47
C ARG A 89 60.58 -45.79 -4.85
N GLY A 90 59.78 -46.07 -5.87
CA GLY A 90 58.89 -45.08 -6.44
C GLY A 90 57.42 -45.28 -6.10
N TYR A 91 56.72 -44.16 -5.95
CA TYR A 91 55.28 -44.16 -5.70
C TYR A 91 54.61 -43.36 -6.81
N VAL A 92 53.70 -44.01 -7.53
CA VAL A 92 53.02 -43.35 -8.64
C VAL A 92 51.53 -43.24 -8.32
N ASP A 93 51.09 -42.08 -7.85
CA ASP A 93 49.68 -41.91 -7.50
C ASP A 93 48.85 -41.52 -8.71
N MET A 94 47.93 -42.40 -9.08
CA MET A 94 47.09 -42.21 -10.27
C MET A 94 45.67 -41.77 -9.92
N SER A 95 45.45 -41.51 -8.65
CA SER A 95 44.17 -40.98 -8.17
C SER A 95 43.87 -39.59 -8.74
N THR A 96 42.59 -39.30 -8.96
CA THR A 96 42.19 -37.94 -9.30
C THR A 96 42.08 -37.10 -8.05
N VAL A 97 42.94 -36.11 -7.96
CA VAL A 97 43.16 -35.36 -6.74
C VAL A 97 43.54 -33.95 -7.15
N ASP A 98 43.50 -33.00 -6.22
CA ASP A 98 43.87 -31.63 -6.56
C ASP A 98 45.38 -31.49 -6.55
N PRO A 99 45.90 -30.51 -7.30
CA PRO A 99 47.35 -30.29 -7.39
C PRO A 99 48.01 -30.20 -6.01
N ALA A 100 47.41 -29.50 -5.06
CA ALA A 100 48.13 -29.31 -3.80
C ALA A 100 48.24 -30.63 -3.04
N THR A 101 47.25 -31.50 -3.18
CA THR A 101 47.34 -32.80 -2.54
C THR A 101 48.49 -33.63 -3.12
N SER A 102 48.56 -33.74 -4.44
CA SER A 102 49.60 -34.56 -5.04
C SER A 102 50.99 -33.98 -4.75
N GLN A 103 51.12 -32.66 -4.72
CA GLN A 103 52.41 -32.04 -4.41
C GLN A 103 52.84 -32.34 -2.96
N ARG A 104 51.88 -32.24 -2.05
CA ARG A 104 52.05 -32.55 -0.63
CA ARG A 104 52.11 -32.53 -0.65
C ARG A 104 52.60 -33.97 -0.46
N ILE A 105 51.92 -34.92 -1.10
CA ILE A 105 52.34 -36.30 -1.04
C ILE A 105 53.75 -36.48 -1.60
N GLY A 106 53.98 -35.94 -2.79
CA GLY A 106 55.28 -36.06 -3.44
C GLY A 106 56.41 -35.52 -2.60
N VAL A 107 56.19 -34.38 -1.93
CA VAL A 107 57.21 -33.79 -1.07
C VAL A 107 57.51 -34.67 0.13
N ALA A 108 56.46 -35.23 0.74
CA ALA A 108 56.65 -36.10 1.90
C ALA A 108 57.37 -37.37 1.45
N VAL A 109 56.99 -37.90 0.28
CA VAL A 109 57.66 -39.09 -0.25
C VAL A 109 59.14 -38.85 -0.50
N VAL A 110 59.46 -37.71 -1.10
CA VAL A 110 60.85 -37.39 -1.38
C VAL A 110 61.66 -37.20 -0.10
N ALA A 111 61.00 -36.71 0.95
CA ALA A 111 61.68 -36.52 2.22
C ALA A 111 62.07 -37.85 2.84
N LYS A 112 61.28 -38.89 2.57
CA LYS A 112 61.60 -40.24 3.07
C LYS A 112 62.63 -40.94 2.20
N GLY A 113 63.11 -40.27 1.16
CA GLY A 113 64.11 -40.87 0.30
C GLY A 113 63.54 -41.69 -0.85
N GLY A 114 62.24 -41.57 -1.09
CA GLY A 114 61.61 -42.23 -2.22
C GLY A 114 61.41 -41.26 -3.38
N ARG A 115 60.82 -41.75 -4.47
CA ARG A 115 60.55 -40.89 -5.62
C ARG A 115 59.06 -40.86 -5.92
N PHE A 116 58.57 -39.75 -6.47
CA PHE A 116 57.13 -39.60 -6.67
C PHE A 116 56.71 -39.07 -8.05
N LEU A 117 55.62 -39.63 -8.57
CA LEU A 117 55.07 -39.28 -9.88
C LEU A 117 53.56 -39.29 -9.70
N GLU A 118 52.86 -38.25 -10.13
CA GLU A 118 51.41 -38.36 -10.20
C GLU A 118 51.08 -38.79 -11.61
N ALA A 119 50.08 -39.65 -11.77
CA ALA A 119 49.65 -39.99 -13.14
C ALA A 119 48.17 -40.34 -13.21
N PRO A 120 47.30 -39.32 -13.04
CA PRO A 120 45.86 -39.57 -13.18
C PRO A 120 45.57 -39.93 -14.63
N VAL A 121 44.40 -40.52 -14.88
CA VAL A 121 44.11 -41.04 -16.21
C VAL A 121 42.80 -40.52 -16.78
N SER A 122 42.71 -40.55 -18.10
CA SER A 122 41.46 -40.27 -18.79
C SER A 122 40.98 -41.58 -19.44
N GLY A 123 39.70 -41.89 -19.34
CA GLY A 123 39.15 -43.15 -19.83
C GLY A 123 38.55 -43.92 -18.67
N SER A 124 37.45 -44.63 -18.91
CA SER A 124 36.65 -45.19 -17.81
C SER A 124 36.86 -46.69 -17.66
N LYS A 125 35.82 -47.39 -17.21
CA LYS A 125 35.95 -48.80 -16.87
C LYS A 125 36.41 -49.65 -18.06
N LYS A 126 35.78 -49.46 -19.21
CA LYS A 126 36.10 -50.27 -20.39
C LYS A 126 37.53 -50.01 -20.84
N PRO A 127 37.92 -48.74 -21.01
CA PRO A 127 39.33 -48.48 -21.34
C PRO A 127 40.33 -48.99 -20.28
N ALA A 128 39.97 -48.96 -19.00
CA ALA A 128 40.83 -49.54 -17.98
C ALA A 128 41.01 -51.04 -18.21
N GLU A 129 39.92 -51.72 -18.55
CA GLU A 129 39.94 -53.16 -18.83
C GLU A 129 40.77 -53.50 -20.08
N ASP A 130 40.63 -52.69 -21.12
CA ASP A 130 41.29 -52.92 -22.40
C ASP A 130 42.77 -52.51 -22.39
N GLY A 131 43.17 -51.75 -21.37
CA GLY A 131 44.53 -51.23 -21.34
C GLY A 131 44.69 -50.02 -22.25
N THR A 132 43.63 -49.23 -22.33
CA THR A 132 43.49 -48.25 -23.36
C THR A 132 43.39 -46.81 -22.75
N LEU A 133 43.85 -46.67 -21.52
CA LEU A 133 43.78 -45.39 -20.79
C LEU A 133 44.75 -44.36 -21.37
N ILE A 134 44.43 -43.09 -21.18
CA ILE A 134 45.38 -42.01 -21.41
C ILE A 134 45.99 -41.62 -20.07
N ILE A 135 47.32 -41.63 -19.97
CA ILE A 135 48.00 -41.44 -18.71
C ILE A 135 48.69 -40.07 -18.66
N LEU A 136 48.30 -39.25 -17.71
CA LEU A 136 48.76 -37.86 -17.62
C LEU A 136 49.78 -37.69 -16.49
N ALA A 137 51.03 -38.06 -16.73
CA ALA A 137 52.01 -38.07 -15.65
C ALA A 137 52.64 -36.72 -15.44
N ALA A 138 53.10 -36.46 -14.22
CA ALA A 138 53.82 -35.24 -13.89
C ALA A 138 54.66 -35.53 -12.66
N GLY A 139 55.89 -35.05 -12.66
CA GLY A 139 56.83 -35.35 -11.59
C GLY A 139 58.12 -36.00 -12.05
N ASP A 140 58.75 -36.76 -11.15
CA ASP A 140 60.05 -37.40 -11.39
C ASP A 140 60.18 -38.13 -12.73
N ARG A 141 61.09 -37.65 -13.58
CA ARG A 141 61.26 -38.19 -14.93
C ARG A 141 61.90 -39.58 -14.96
N ASN A 142 62.82 -39.82 -14.04
CA ASN A 142 63.45 -41.12 -13.93
C ASN A 142 62.41 -42.19 -13.54
N LEU A 143 61.55 -41.84 -12.59
CA LEU A 143 60.47 -42.72 -12.21
C LEU A 143 59.49 -42.90 -13.37
N TYR A 144 59.22 -41.82 -14.10
CA TYR A 144 58.36 -41.91 -15.27
C TYR A 144 58.93 -42.99 -16.20
N ASP A 145 60.22 -42.91 -16.47
CA ASP A 145 60.84 -43.84 -17.39
C ASP A 145 60.82 -45.26 -16.82
N GLU A 146 61.04 -45.37 -15.52
CA GLU A 146 61.02 -46.67 -14.86
C GLU A 146 59.62 -47.31 -14.84
N ALA A 147 58.57 -46.51 -14.71
CA ALA A 147 57.23 -47.05 -14.64
C ALA A 147 56.65 -47.34 -16.03
N MET A 148 57.30 -46.82 -17.05
CA MET A 148 56.78 -46.93 -18.42
C MET A 148 56.32 -48.34 -18.83
N PRO A 149 57.08 -49.38 -18.47
CA PRO A 149 56.67 -50.72 -18.91
C PRO A 149 55.32 -51.09 -18.34
N GLY A 150 55.03 -50.57 -17.15
CA GLY A 150 53.73 -50.76 -16.52
C GLY A 150 52.67 -49.88 -17.18
N PHE A 151 52.98 -48.59 -17.34
CA PHE A 151 52.06 -47.68 -17.99
C PHE A 151 51.63 -48.25 -19.33
N GLU A 152 52.54 -48.94 -20.01
CA GLU A 152 52.27 -49.43 -21.36
C GLU A 152 51.30 -50.60 -21.38
N LYS A 153 51.16 -51.29 -20.26
CA LYS A 153 50.19 -52.36 -20.18
C LYS A 153 48.84 -51.81 -19.72
N MET A 154 48.83 -50.57 -19.24
CA MET A 154 47.60 -50.03 -18.66
C MET A 154 46.95 -49.00 -19.58
N GLY A 155 47.76 -48.34 -20.40
CA GLY A 155 47.26 -47.30 -21.29
C GLY A 155 47.76 -47.40 -22.73
N LYS A 156 47.24 -46.52 -23.59
CA LYS A 156 47.66 -46.46 -24.99
C LYS A 156 48.41 -45.18 -25.31
N LYS A 157 48.03 -44.09 -24.66
CA LYS A 157 48.72 -42.82 -24.83
C LYS A 157 49.27 -42.44 -23.47
N ILE A 158 50.56 -42.14 -23.42
CA ILE A 158 51.21 -41.83 -22.16
C ILE A 158 52.05 -40.57 -22.34
N ILE A 159 51.79 -39.54 -21.55
CA ILE A 159 52.50 -38.28 -21.72
C ILE A 159 53.02 -37.76 -20.40
N HIS A 160 53.97 -36.84 -20.49
CA HIS A 160 54.56 -36.24 -19.29
C HIS A 160 54.39 -34.73 -19.36
N LEU A 161 53.82 -34.12 -18.33
CA LEU A 161 53.35 -32.74 -18.40
C LEU A 161 54.15 -31.74 -17.57
N GLY A 162 55.24 -32.20 -16.98
CA GLY A 162 56.12 -31.32 -16.22
C GLY A 162 56.16 -31.68 -14.76
N ASP A 163 56.22 -30.67 -13.89
CA ASP A 163 56.32 -30.90 -12.44
C ASP A 163 55.00 -31.37 -11.83
N VAL A 164 55.07 -31.97 -10.66
CA VAL A 164 53.89 -32.46 -9.95
C VAL A 164 52.87 -31.35 -9.86
N GLY A 165 51.62 -31.67 -10.17
CA GLY A 165 50.57 -30.67 -10.13
C GLY A 165 49.99 -30.42 -11.50
N LYS A 166 50.84 -30.49 -12.53
CA LYS A 166 50.42 -30.28 -13.92
C LYS A 166 49.50 -31.40 -14.39
N GLY A 167 49.81 -32.63 -13.97
CA GLY A 167 48.94 -33.76 -14.28
C GLY A 167 47.57 -33.62 -13.63
N ALA A 168 47.55 -33.29 -12.35
CA ALA A 168 46.30 -33.09 -11.61
C ALA A 168 45.47 -31.99 -12.25
N GLU A 169 46.12 -30.88 -12.61
CA GLU A 169 45.44 -29.77 -13.24
C GLU A 169 44.84 -30.15 -14.58
N MET A 170 45.58 -30.91 -15.38
CA MET A 170 45.08 -31.34 -16.67
C MET A 170 43.86 -32.23 -16.47
N LYS A 171 43.98 -33.20 -15.56
CA LYS A 171 42.90 -34.11 -15.26
C LYS A 171 41.63 -33.34 -14.86
N LEU A 172 41.78 -32.39 -13.94
CA LEU A 172 40.63 -31.62 -13.47
C LEU A 172 39.99 -30.77 -14.59
N VAL A 173 40.81 -30.14 -15.41
CA VAL A 173 40.27 -29.33 -16.50
C VAL A 173 39.44 -30.18 -17.44
N VAL A 174 40.03 -31.29 -17.87
CA VAL A 174 39.39 -32.17 -18.82
C VAL A 174 38.11 -32.80 -18.27
N ASN A 175 38.15 -33.21 -17.00
CA ASN A 175 36.93 -33.77 -16.40
C ASN A 175 35.82 -32.77 -16.17
N MET A 176 36.23 -31.52 -15.95
CA MET A 176 35.27 -30.45 -15.75
C MET A 176 34.41 -30.27 -17.00
N VAL A 177 35.07 -30.24 -18.15
CA VAL A 177 34.39 -30.13 -19.44
C VAL A 177 33.46 -31.33 -19.67
N MET A 178 33.95 -32.52 -19.35
CA MET A 178 33.16 -33.73 -19.49
C MET A 178 31.91 -33.72 -18.59
N GLY A 179 32.05 -33.20 -17.36
CA GLY A 179 30.93 -33.12 -16.45
C GLY A 179 29.87 -32.14 -16.94
N GLY A 180 30.30 -30.95 -17.36
CA GLY A 180 29.38 -29.98 -17.91
C GLY A 180 28.70 -30.51 -19.16
N MET A 181 29.45 -31.17 -20.04
CA MET A 181 28.81 -31.67 -21.25
C MET A 181 27.79 -32.79 -20.97
N MET A 182 28.06 -33.64 -19.99
CA MET A 182 27.06 -34.63 -19.57
C MET A 182 25.78 -33.93 -19.06
N ALA A 183 25.97 -32.92 -18.22
CA ALA A 183 24.83 -32.17 -17.68
C ALA A 183 24.01 -31.54 -18.81
N CYS A 184 24.70 -30.94 -19.79
CA CYS A 184 24.01 -30.29 -20.89
C CYS A 184 23.29 -31.31 -21.76
N PHE A 185 23.97 -32.42 -22.05
CA PHE A 185 23.46 -33.49 -22.89
C PHE A 185 22.16 -34.02 -22.29
N CYS A 186 22.16 -34.26 -20.98
CA CYS A 186 20.99 -34.76 -20.29
C CYS A 186 19.83 -33.75 -20.28
N GLU A 187 20.14 -32.48 -20.05
CA GLU A 187 19.12 -31.45 -20.15
C GLU A 187 18.48 -31.49 -21.53
N GLY A 188 19.27 -31.73 -22.57
CA GLY A 188 18.74 -31.79 -23.92
C GLY A 188 17.84 -32.99 -24.20
N LEU A 189 18.26 -34.16 -23.75
CA LEU A 189 17.42 -35.35 -23.89
C LEU A 189 16.12 -35.21 -23.11
N ALA A 190 16.20 -34.58 -21.93
CA ALA A 190 15.02 -34.50 -21.09
C ALA A 190 14.07 -33.46 -21.65
N LEU A 191 14.62 -32.36 -22.14
CA LEU A 191 13.81 -31.34 -22.80
C LEU A 191 13.12 -31.93 -24.03
N GLY A 192 13.88 -32.63 -24.87
CA GLY A 192 13.34 -33.25 -26.06
C GLY A 192 12.20 -34.21 -25.74
N GLU A 193 12.41 -35.07 -24.75
CA GLU A 193 11.35 -35.97 -24.31
C GLU A 193 10.08 -35.22 -23.94
N LYS A 194 10.21 -34.11 -23.21
CA LYS A 194 9.03 -33.37 -22.77
C LYS A 194 8.36 -32.62 -23.91
N ALA A 195 9.12 -32.36 -24.97
CA ALA A 195 8.57 -31.72 -26.16
C ALA A 195 7.92 -32.74 -27.10
N GLY A 196 7.95 -34.00 -26.72
CA GLY A 196 7.36 -35.05 -27.54
C GLY A 196 8.24 -35.61 -28.65
N LEU A 197 9.54 -35.31 -28.62
CA LEU A 197 10.48 -35.93 -29.55
C LEU A 197 10.90 -37.31 -29.05
N ALA A 198 11.06 -38.27 -29.97
CA ALA A 198 11.62 -39.58 -29.63
C ALA A 198 13.14 -39.48 -29.36
N THR A 199 13.62 -40.14 -28.30
CA THR A 199 15.03 -40.00 -27.94
C THR A 199 15.98 -40.56 -29.02
N ASP A 200 15.57 -41.63 -29.69
CA ASP A 200 16.37 -42.16 -30.80
C ASP A 200 16.57 -41.15 -31.93
N ALA A 201 15.56 -40.33 -32.19
CA ALA A 201 15.67 -39.31 -33.23
C ALA A 201 16.68 -38.24 -32.80
N ILE A 202 16.59 -37.82 -31.55
CA ILE A 202 17.54 -36.86 -31.01
C ILE A 202 18.97 -37.37 -31.08
N LEU A 203 19.16 -38.62 -30.64
CA LEU A 203 20.47 -39.29 -30.67
C LEU A 203 21.04 -39.34 -32.08
N ASP A 204 20.18 -39.71 -33.03
CA ASP A 204 20.55 -39.83 -34.42
C ASP A 204 20.95 -38.50 -35.07
N VAL A 205 20.25 -37.42 -34.73
CA VAL A 205 20.61 -36.08 -35.24
C VAL A 205 21.92 -35.58 -34.62
N ILE A 206 22.10 -35.80 -33.33
CA ILE A 206 23.35 -35.40 -32.69
C ILE A 206 24.55 -36.18 -33.26
N GLY A 207 24.36 -37.49 -33.42
CA GLY A 207 25.43 -38.35 -33.91
C GLY A 207 25.84 -38.07 -35.35
N ALA A 208 25.01 -37.31 -36.06
CA ALA A 208 25.30 -37.01 -37.46
C ALA A 208 26.07 -35.70 -37.61
N GLY A 209 26.06 -34.87 -36.57
CA GLY A 209 26.60 -33.53 -36.65
C GLY A 209 27.94 -33.34 -35.98
N ALA A 210 28.33 -32.10 -35.74
CA ALA A 210 29.70 -31.78 -35.31
C ALA A 210 29.96 -32.04 -33.83
N MET A 211 28.89 -32.29 -33.08
CA MET A 211 29.02 -32.56 -31.66
C MET A 211 29.24 -34.04 -31.39
N ALA A 212 28.98 -34.88 -32.38
CA ALA A 212 29.05 -36.33 -32.17
C ALA A 212 30.33 -36.74 -31.44
N ASN A 213 30.20 -37.60 -30.44
CA ASN A 213 31.37 -38.11 -29.71
C ASN A 213 31.06 -39.47 -29.10
N PRO A 214 32.09 -40.27 -28.83
CA PRO A 214 31.89 -41.60 -28.23
C PRO A 214 31.12 -41.57 -26.91
N MET A 215 31.36 -40.57 -26.06
CA MET A 215 30.60 -40.48 -24.79
C MET A 215 29.08 -40.35 -25.02
N PHE A 216 28.69 -39.39 -25.86
CA PHE A 216 27.25 -39.20 -26.12
C PHE A 216 26.70 -40.48 -26.72
N ALA A 217 27.47 -41.11 -27.59
CA ALA A 217 26.97 -42.28 -28.31
C ALA A 217 26.75 -43.44 -27.34
N LEU A 218 27.73 -43.69 -26.48
CA LEU A 218 27.60 -44.74 -25.46
C LEU A 218 26.55 -44.41 -24.40
N LYS A 219 26.66 -43.24 -23.78
CA LYS A 219 25.76 -42.89 -22.68
C LYS A 219 24.31 -42.66 -23.14
N GLY A 220 24.17 -42.11 -24.35
CA GLY A 220 22.86 -41.84 -24.92
C GLY A 220 22.08 -43.14 -24.99
N GLY A 221 22.75 -44.20 -25.41
CA GLY A 221 22.07 -45.48 -25.57
C GLY A 221 21.68 -46.04 -24.22
N LEU A 222 22.59 -45.98 -23.25
CA LEU A 222 22.33 -46.54 -21.94
C LEU A 222 21.23 -45.75 -21.26
N ILE A 223 21.11 -44.35 -21.37
CA ILE A 223 20.01 -43.53 -20.90
C ILE A 223 18.68 -43.96 -21.50
N ARG A 224 18.75 -44.11 -22.82
CA ARG A 224 17.55 -44.60 -23.47
C ARG A 224 17.06 -45.92 -22.84
N ASP A 225 18.00 -46.80 -22.49
CA ASP A 225 17.69 -48.09 -21.88
C ASP A 225 17.53 -48.01 -20.36
N ARG A 226 17.75 -46.83 -19.79
CA ARG A 226 17.68 -46.67 -18.35
C ARG A 226 18.63 -47.64 -17.63
N ASN A 227 19.77 -47.91 -18.25
CA ASN A 227 20.82 -48.71 -17.62
C ASN A 227 21.91 -47.77 -17.08
N PHE A 228 22.05 -47.72 -15.76
CA PHE A 228 22.98 -46.79 -15.14
C PHE A 228 24.01 -47.52 -14.28
N ALA A 229 24.32 -48.77 -14.68
CA ALA A 229 25.36 -49.52 -13.97
C ALA A 229 26.64 -48.68 -14.02
N PRO A 230 27.34 -48.59 -12.88
CA PRO A 230 28.46 -47.65 -12.73
C PRO A 230 29.68 -47.98 -13.57
N ALA A 231 30.10 -47.07 -14.43
CA ALA A 231 31.42 -47.15 -15.05
C ALA A 231 32.29 -46.06 -14.42
N PHE A 232 31.76 -44.85 -14.41
CA PHE A 232 32.38 -43.78 -13.64
C PHE A 232 31.39 -43.36 -12.55
N PRO A 233 31.64 -43.76 -11.29
CA PRO A 233 30.67 -43.48 -10.23
C PRO A 233 30.31 -41.99 -10.13
N LEU A 234 29.02 -41.72 -10.06
CA LEU A 234 28.52 -40.36 -10.01
C LEU A 234 29.13 -39.55 -8.87
N LYS A 235 29.32 -40.16 -7.71
CA LYS A 235 29.95 -39.44 -6.60
C LYS A 235 31.35 -38.95 -6.98
N HIS A 236 32.06 -39.71 -7.80
CA HIS A 236 33.42 -39.31 -8.22
C HIS A 236 33.38 -38.18 -9.25
N MET A 237 32.41 -38.21 -10.16
CA MET A 237 32.24 -37.08 -11.09
C MET A 237 32.04 -35.80 -10.29
N GLN A 238 31.18 -35.90 -9.28
CA GLN A 238 30.86 -34.70 -8.47
C GLN A 238 32.09 -34.21 -7.71
N LYS A 239 32.88 -35.15 -7.18
CA LYS A 239 34.11 -34.82 -6.48
C LYS A 239 35.07 -34.09 -7.44
N ASP A 240 35.13 -34.53 -8.69
CA ASP A 240 36.01 -33.90 -9.67
C ASP A 240 35.57 -32.46 -9.96
N LEU A 241 34.25 -32.26 -10.08
CA LEU A 241 33.72 -30.92 -10.29
C LEU A 241 34.00 -30.04 -9.07
N ARG A 242 33.81 -30.59 -7.89
CA ARG A 242 34.19 -29.90 -6.65
C ARG A 242 35.62 -29.40 -6.74
N LEU A 243 36.52 -30.30 -7.13
CA LEU A 243 37.93 -29.95 -7.17
C LEU A 243 38.29 -28.94 -8.25
N ALA A 244 37.60 -29.01 -9.39
CA ALA A 244 37.82 -28.06 -10.49
C ALA A 244 37.39 -26.65 -10.12
N VAL A 245 36.21 -26.54 -9.51
CA VAL A 245 35.76 -25.26 -8.99
C VAL A 245 36.74 -24.69 -7.94
N ALA A 246 37.30 -25.55 -7.09
CA ALA A 246 38.30 -25.03 -6.14
C ALA A 246 39.56 -24.57 -6.86
N LEU A 247 39.92 -25.26 -7.94
CA LEU A 247 41.06 -24.84 -8.75
C LEU A 247 40.76 -23.46 -9.35
N GLY A 248 39.56 -23.30 -9.91
CA GLY A 248 39.11 -22.01 -10.40
C GLY A 248 39.18 -20.89 -9.36
N ASP A 249 38.73 -21.20 -8.15
CA ASP A 249 38.79 -20.26 -7.05
C ASP A 249 40.25 -19.84 -6.85
N ARG A 250 41.14 -20.83 -6.77
CA ARG A 250 42.55 -20.54 -6.51
C ARG A 250 43.26 -19.74 -7.62
N VAL A 251 43.01 -20.07 -8.88
CA VAL A 251 43.75 -19.38 -9.92
C VAL A 251 43.03 -18.15 -10.47
N GLY A 252 41.92 -17.77 -9.86
CA GLY A 252 41.19 -16.58 -10.29
C GLY A 252 40.34 -16.77 -11.55
N GLN A 253 39.71 -17.93 -11.70
CA GLN A 253 38.84 -18.16 -12.85
C GLN A 253 37.41 -18.46 -12.44
N PRO A 254 36.49 -17.51 -12.69
CA PRO A 254 35.06 -17.77 -12.46
C PRO A 254 34.60 -18.89 -13.38
N LEU A 255 33.78 -19.81 -12.87
CA LEU A 255 33.33 -20.96 -13.64
C LEU A 255 31.82 -21.14 -13.48
N VAL A 256 31.06 -20.23 -14.08
CA VAL A 256 29.61 -20.18 -13.90
C VAL A 256 28.94 -21.49 -14.33
N ALA A 257 29.24 -21.96 -15.54
CA ALA A 257 28.60 -23.17 -16.06
C ALA A 257 29.00 -24.39 -15.26
N SER A 258 30.30 -24.48 -14.99
CA SER A 258 30.86 -25.66 -14.36
C SER A 258 30.38 -25.75 -12.90
N ALA A 259 30.29 -24.61 -12.23
CA ALA A 259 29.75 -24.61 -10.86
C ALA A 259 28.29 -25.01 -10.86
N ALA A 260 27.55 -24.63 -11.89
CA ALA A 260 26.18 -25.10 -12.01
C ALA A 260 26.14 -26.63 -12.12
N ALA A 261 26.97 -27.20 -13.00
CA ALA A 261 27.00 -28.64 -13.16
C ALA A 261 27.37 -29.32 -11.83
N ASN A 262 28.29 -28.72 -11.09
CA ASN A 262 28.66 -29.23 -9.78
C ASN A 262 27.42 -29.34 -8.90
N GLU A 263 26.62 -28.28 -8.85
CA GLU A 263 25.42 -28.30 -8.02
C GLU A 263 24.42 -29.37 -8.50
N LEU A 264 24.23 -29.49 -9.81
CA LEU A 264 23.33 -30.51 -10.35
C LEU A 264 23.82 -31.94 -10.01
N PHE A 265 25.12 -32.17 -10.08
CA PHE A 265 25.62 -33.50 -9.69
C PHE A 265 25.39 -33.75 -8.20
N LYS A 266 25.51 -32.69 -7.40
CA LYS A 266 25.19 -32.80 -5.97
C LYS A 266 23.75 -33.21 -5.77
N GLY A 267 22.88 -32.67 -6.63
CA GLY A 267 21.47 -33.00 -6.56
C GLY A 267 21.27 -34.47 -6.83
N ALA A 268 21.96 -34.98 -7.84
CA ALA A 268 21.91 -36.40 -8.14
C ALA A 268 22.41 -37.25 -6.97
N ARG A 269 23.45 -36.80 -6.27
CA ARG A 269 23.90 -37.57 -5.09
C ARG A 269 22.83 -37.60 -4.03
N ALA A 270 22.15 -36.47 -3.87
CA ALA A 270 21.13 -36.32 -2.84
C ALA A 270 19.92 -37.18 -3.16
N ALA A 271 19.66 -37.43 -4.44
CA ALA A 271 18.56 -38.32 -4.84
C ALA A 271 18.95 -39.80 -4.74
N GLY A 272 20.18 -40.07 -4.30
CA GLY A 272 20.64 -41.42 -4.05
C GLY A 272 21.33 -42.09 -5.23
N PHE A 273 21.82 -41.30 -6.19
CA PHE A 273 22.42 -41.90 -7.38
C PHE A 273 23.95 -41.94 -7.35
N GLY A 274 24.53 -41.61 -6.19
CA GLY A 274 25.98 -41.46 -6.04
C GLY A 274 26.81 -42.64 -6.50
N ASP A 275 26.27 -43.85 -6.37
CA ASP A 275 27.00 -45.06 -6.71
C ASP A 275 26.61 -45.63 -8.09
N GLU A 276 25.68 -44.96 -8.78
CA GLU A 276 25.39 -45.36 -10.16
C GLU A 276 26.32 -44.61 -11.12
N ASP A 277 26.20 -44.87 -12.42
CA ASP A 277 27.02 -44.14 -13.39
C ASP A 277 26.74 -42.65 -13.33
N PHE A 278 27.73 -41.82 -13.68
CA PHE A 278 27.50 -40.39 -13.64
C PHE A 278 26.40 -39.95 -14.62
N SER A 279 26.12 -40.75 -15.63
CA SER A 279 25.01 -40.44 -16.51
C SER A 279 23.66 -40.51 -15.79
N ALA A 280 23.65 -41.08 -14.59
CA ALA A 280 22.42 -41.10 -13.79
C ALA A 280 21.90 -39.71 -13.44
N ILE A 281 22.72 -38.68 -13.63
CA ILE A 281 22.25 -37.31 -13.43
C ILE A 281 20.99 -37.08 -14.27
N PHE A 282 20.84 -37.80 -15.38
CA PHE A 282 19.64 -37.71 -16.20
C PHE A 282 18.34 -37.90 -15.41
N LYS A 283 18.39 -38.74 -14.39
CA LYS A 283 17.19 -39.09 -13.62
C LYS A 283 16.68 -37.96 -12.74
N THR A 284 17.54 -37.00 -12.43
CA THR A 284 17.11 -35.82 -11.71
C THR A 284 16.35 -34.85 -12.62
N TYR A 285 16.47 -35.05 -13.94
CA TYR A 285 15.86 -34.12 -14.89
C TYR A 285 14.44 -34.53 -15.29
N GLU A 286 14.01 -35.70 -14.82
CA GLU A 286 12.69 -36.20 -15.20
C GLU A 286 11.95 -36.91 -14.06
N ARG A 287 11.86 -36.22 -12.88
CA ARG A 287 11.18 -36.68 -11.67
C ARG A 287 11.80 -37.96 -11.10
N SER B 1 -18.94 7.95 -3.40
CA SER B 1 -19.88 7.88 -4.51
C SER B 1 -19.18 7.93 -5.86
N GLN B 2 -17.90 7.60 -5.87
CA GLN B 2 -17.17 7.45 -7.11
C GLN B 2 -17.41 6.05 -7.65
N LYS B 3 -17.46 5.92 -8.97
CA LYS B 3 -17.75 4.64 -9.59
C LYS B 3 -16.50 4.06 -10.23
N PHE B 4 -16.19 2.81 -9.89
CA PHE B 4 -15.04 2.10 -10.45
C PHE B 4 -15.42 0.74 -11.03
N GLY B 5 -14.81 0.39 -12.15
CA GLY B 5 -14.91 -0.96 -12.69
C GLY B 5 -13.73 -1.78 -12.20
N PHE B 6 -13.93 -3.07 -11.96
CA PHE B 6 -12.81 -3.93 -11.58
C PHE B 6 -12.83 -5.29 -12.27
N ILE B 7 -11.76 -5.58 -12.98
CA ILE B 7 -11.68 -6.79 -13.78
C ILE B 7 -10.55 -7.69 -13.30
N GLY B 8 -10.90 -8.91 -12.92
CA GLY B 8 -9.92 -9.87 -12.44
C GLY B 8 -9.96 -9.97 -10.93
N LEU B 9 -10.61 -11.01 -10.43
CA LEU B 9 -10.83 -11.13 -9.01
C LEU B 9 -10.14 -12.35 -8.39
N GLY B 10 -8.83 -12.44 -8.58
CA GLY B 10 -8.04 -13.47 -7.93
C GLY B 10 -7.65 -13.05 -6.53
N ILE B 11 -6.60 -13.65 -5.99
CA ILE B 11 -6.07 -13.24 -4.68
C ILE B 11 -5.95 -11.72 -4.52
N MET B 12 -5.24 -11.08 -5.45
CA MET B 12 -4.99 -9.65 -5.37
C MET B 12 -6.24 -8.84 -5.74
N GLY B 13 -6.83 -9.15 -6.89
CA GLY B 13 -7.97 -8.39 -7.38
C GLY B 13 -9.18 -8.44 -6.48
N SER B 14 -9.40 -9.59 -5.85
CA SER B 14 -10.54 -9.75 -4.95
C SER B 14 -10.43 -8.80 -3.75
N ALA B 15 -9.26 -8.77 -3.12
CA ALA B 15 -9.06 -7.92 -1.94
C ALA B 15 -9.10 -6.44 -2.34
N MET B 16 -8.53 -6.12 -3.49
CA MET B 16 -8.52 -4.73 -3.94
C MET B 16 -9.93 -4.23 -4.20
N ALA B 17 -10.70 -5.00 -4.95
CA ALA B 17 -12.09 -4.62 -5.25
C ALA B 17 -12.89 -4.41 -3.98
N LYS B 18 -12.63 -5.28 -3.00
CA LYS B 18 -13.34 -5.25 -1.73
C LYS B 18 -13.02 -3.95 -1.00
N ASN B 19 -11.77 -3.51 -1.08
CA ASN B 19 -11.40 -2.23 -0.50
C ASN B 19 -12.12 -1.04 -1.13
N LEU B 20 -12.38 -1.11 -2.44
CA LEU B 20 -13.17 -0.06 -3.07
C LEU B 20 -14.62 -0.10 -2.60
N VAL B 21 -15.14 -1.31 -2.42
CA VAL B 21 -16.50 -1.46 -1.90
C VAL B 21 -16.61 -1.00 -0.44
N LYS B 22 -15.66 -1.40 0.40
CA LYS B 22 -15.65 -0.97 1.81
C LYS B 22 -15.53 0.54 1.96
N ALA B 23 -14.83 1.18 1.02
CA ALA B 23 -14.62 2.63 1.05
C ALA B 23 -15.85 3.44 0.65
N GLY B 24 -16.89 2.75 0.17
CA GLY B 24 -18.13 3.42 -0.19
C GLY B 24 -18.30 3.65 -1.67
N CYS B 25 -17.36 3.17 -2.47
CA CYS B 25 -17.45 3.33 -3.92
C CYS B 25 -18.48 2.38 -4.51
N SER B 26 -19.12 2.80 -5.60
CA SER B 26 -19.93 1.88 -6.38
C SER B 26 -19.05 1.15 -7.39
N VAL B 27 -18.99 -0.18 -7.26
CA VAL B 27 -18.04 -0.97 -8.04
C VAL B 27 -18.72 -2.00 -8.93
N THR B 28 -18.31 -2.01 -10.20
CA THR B 28 -18.84 -2.95 -11.18
C THR B 28 -17.76 -3.99 -11.46
N ILE B 29 -18.14 -5.26 -11.40
CA ILE B 29 -17.17 -6.34 -11.27
C ILE B 29 -17.27 -7.40 -12.37
N TRP B 30 -16.13 -7.96 -12.76
CA TRP B 30 -16.12 -9.08 -13.69
C TRP B 30 -14.97 -10.05 -13.45
N ASN B 31 -15.28 -11.33 -13.54
CA ASN B 31 -14.26 -12.37 -13.48
C ASN B 31 -14.60 -13.56 -14.38
N ARG B 32 -13.60 -14.10 -15.06
CA ARG B 32 -13.83 -15.20 -15.99
C ARG B 32 -14.61 -16.34 -15.34
N SER B 33 -14.20 -16.71 -14.13
CA SER B 33 -14.93 -17.70 -13.34
C SER B 33 -15.93 -16.98 -12.43
N PRO B 34 -17.23 -17.25 -12.63
CA PRO B 34 -18.32 -16.53 -11.97
C PRO B 34 -18.25 -16.50 -10.44
N GLU B 35 -17.84 -17.61 -9.84
CA GLU B 35 -17.87 -17.79 -8.39
C GLU B 35 -17.28 -16.63 -7.59
N LYS B 36 -16.09 -16.17 -7.98
CA LYS B 36 -15.42 -15.07 -7.30
C LYS B 36 -16.21 -13.75 -7.41
N ALA B 37 -16.91 -13.58 -8.52
CA ALA B 37 -17.72 -12.40 -8.71
C ALA B 37 -18.91 -12.44 -7.77
N GLU B 38 -19.46 -13.63 -7.58
CA GLU B 38 -20.65 -13.79 -6.76
C GLU B 38 -20.35 -13.47 -5.31
N GLU B 39 -19.05 -13.46 -4.98
CA GLU B 39 -18.62 -13.16 -3.62
C GLU B 39 -18.77 -11.67 -3.31
N LEU B 40 -18.34 -10.84 -4.25
CA LEU B 40 -18.42 -9.40 -4.07
C LEU B 40 -19.82 -8.84 -4.35
N ALA B 41 -20.54 -9.47 -5.26
CA ALA B 41 -21.93 -9.07 -5.50
C ALA B 41 -22.68 -9.06 -4.17
N ALA B 42 -22.45 -10.11 -3.37
CA ALA B 42 -23.11 -10.22 -2.06
C ALA B 42 -22.71 -9.07 -1.15
N LEU B 43 -21.54 -8.50 -1.40
CA LEU B 43 -21.07 -7.38 -0.60
C LEU B 43 -21.57 -6.03 -1.07
N GLY B 44 -22.26 -6.00 -2.21
CA GLY B 44 -22.79 -4.77 -2.76
C GLY B 44 -22.15 -4.32 -4.06
N ALA B 45 -21.29 -5.14 -4.64
CA ALA B 45 -20.73 -4.83 -5.95
C ALA B 45 -21.75 -5.16 -7.02
N GLU B 46 -21.72 -4.41 -8.12
CA GLU B 46 -22.53 -4.75 -9.29
C GLU B 46 -21.76 -5.66 -10.25
N ARG B 47 -22.39 -6.76 -10.62
CA ARG B 47 -21.75 -7.81 -11.42
C ARG B 47 -22.03 -7.64 -12.92
N ALA B 48 -20.98 -7.47 -13.71
CA ALA B 48 -21.12 -7.34 -15.16
C ALA B 48 -20.91 -8.66 -15.88
N ALA B 49 -21.56 -8.81 -17.03
CA ALA B 49 -21.51 -10.02 -17.84
C ALA B 49 -20.16 -10.20 -18.56
N THR B 50 -19.66 -9.13 -19.15
CA THR B 50 -18.40 -9.18 -19.89
C THR B 50 -17.48 -8.04 -19.50
N PRO B 51 -16.19 -8.17 -19.86
CA PRO B 51 -15.28 -7.04 -19.67
C PRO B 51 -15.82 -5.80 -20.40
N CSO B 52 -16.28 -6.01 -21.64
CA CSO B 52 -16.87 -4.96 -22.44
CB CSO B 52 -17.54 -5.54 -23.69
SG CSO B 52 -18.80 -4.42 -24.33
C CSO B 52 -17.91 -4.17 -21.63
O CSO B 52 -17.92 -2.93 -21.66
OD CSO B 52 -20.31 -5.28 -24.77
N GLU B 53 -18.77 -4.89 -20.91
CA GLU B 53 -19.83 -4.26 -20.12
C GLU B 53 -19.25 -3.35 -19.03
N VAL B 54 -18.19 -3.82 -18.38
CA VAL B 54 -17.57 -3.07 -17.29
C VAL B 54 -17.04 -1.70 -17.74
N VAL B 55 -16.23 -1.70 -18.79
CA VAL B 55 -15.56 -0.49 -19.24
C VAL B 55 -16.49 0.36 -20.10
N GLU B 56 -17.65 -0.21 -20.41
CA GLU B 56 -18.68 0.48 -21.18
C GLU B 56 -19.45 1.41 -20.26
N SER B 57 -19.38 1.14 -18.96
CA SER B 57 -20.26 1.81 -18.01
C SER B 57 -19.52 2.38 -16.80
N CYS B 58 -18.20 2.28 -16.81
CA CYS B 58 -17.39 2.83 -15.71
C CYS B 58 -16.40 3.85 -16.24
N PRO B 59 -16.23 4.95 -15.50
CA PRO B 59 -15.32 6.03 -15.91
C PRO B 59 -13.87 5.55 -15.85
N VAL B 60 -13.59 4.70 -14.86
CA VAL B 60 -12.25 4.16 -14.63
C VAL B 60 -12.37 2.69 -14.24
N THR B 61 -11.67 1.81 -14.95
CA THR B 61 -11.70 0.38 -14.65
C THR B 61 -10.29 -0.13 -14.34
N PHE B 62 -10.14 -0.77 -13.19
CA PHE B 62 -8.88 -1.43 -12.84
C PHE B 62 -8.93 -2.89 -13.29
N ALA B 63 -7.77 -3.43 -13.67
CA ALA B 63 -7.67 -4.85 -14.01
C ALA B 63 -6.49 -5.49 -13.29
N MET B 64 -6.68 -6.72 -12.82
CA MET B 64 -5.65 -7.42 -12.06
C MET B 64 -5.60 -8.89 -12.50
N LEU B 65 -4.98 -9.14 -13.66
CA LEU B 65 -5.00 -10.45 -14.31
C LEU B 65 -3.67 -11.22 -14.18
N ALA B 66 -3.71 -12.52 -14.45
CA ALA B 66 -2.57 -13.40 -14.20
C ALA B 66 -1.26 -12.98 -14.89
N ASP B 67 -1.32 -12.79 -16.20
CA ASP B 67 -0.09 -12.64 -17.01
C ASP B 67 -0.42 -12.03 -18.38
N PRO B 68 0.61 -11.80 -19.22
CA PRO B 68 0.41 -11.18 -20.53
C PRO B 68 -0.70 -11.83 -21.36
N ALA B 69 -0.74 -13.16 -21.39
CA ALA B 69 -1.78 -13.86 -22.14
C ALA B 69 -3.18 -13.44 -21.67
N ALA B 70 -3.38 -13.45 -20.36
CA ALA B 70 -4.67 -13.09 -19.76
C ALA B 70 -5.02 -11.63 -20.05
N ALA B 71 -4.07 -10.75 -19.75
CA ALA B 71 -4.23 -9.34 -20.03
C ALA B 71 -4.56 -9.06 -21.52
N GLU B 72 -3.88 -9.75 -22.42
CA GLU B 72 -4.14 -9.54 -23.85
C GLU B 72 -5.49 -10.11 -24.28
N GLU B 73 -5.86 -11.24 -23.71
CA GLU B 73 -7.12 -11.90 -24.08
C GLU B 73 -8.30 -11.05 -23.65
N VAL B 74 -8.24 -10.55 -22.42
CA VAL B 74 -9.29 -9.73 -21.86
C VAL B 74 -9.40 -8.45 -22.65
N CYS B 75 -8.27 -7.95 -23.14
CA CYS B 75 -8.29 -6.70 -23.89
C CYS B 75 -8.81 -6.87 -25.32
N PHE B 76 -8.30 -7.88 -26.04
CA PHE B 76 -8.51 -7.99 -27.49
C PHE B 76 -9.58 -9.01 -27.91
N GLY B 77 -10.01 -9.85 -26.97
CA GLY B 77 -10.90 -10.94 -27.29
C GLY B 77 -12.34 -10.52 -27.57
N LYS B 78 -13.18 -11.52 -27.82
CA LYS B 78 -14.60 -11.30 -28.02
C LYS B 78 -15.22 -10.72 -26.73
N HIS B 79 -16.00 -9.66 -26.88
CA HIS B 79 -16.61 -8.97 -25.74
C HIS B 79 -15.57 -8.45 -24.75
N GLY B 80 -14.38 -8.12 -25.26
CA GLY B 80 -13.30 -7.64 -24.43
C GLY B 80 -13.36 -6.16 -24.12
N VAL B 81 -12.30 -5.67 -23.49
CA VAL B 81 -12.17 -4.26 -23.13
C VAL B 81 -12.30 -3.36 -24.36
N LEU B 82 -11.62 -3.75 -25.43
CA LEU B 82 -11.63 -2.97 -26.66
C LEU B 82 -13.03 -2.70 -27.22
N GLU B 83 -13.98 -3.60 -26.95
CA GLU B 83 -15.32 -3.46 -27.48
C GLU B 83 -16.18 -2.44 -26.72
N GLY B 84 -15.92 -2.30 -25.43
CA GLY B 84 -16.73 -1.43 -24.61
C GLY B 84 -16.06 -0.11 -24.28
N ILE B 85 -14.74 -0.05 -24.41
CA ILE B 85 -13.98 1.14 -24.00
C ILE B 85 -14.12 2.26 -25.02
N GLY B 86 -14.10 3.51 -24.54
CA GLY B 86 -14.16 4.65 -25.43
C GLY B 86 -14.53 5.97 -24.77
N GLU B 87 -14.63 7.02 -25.59
CA GLU B 87 -14.97 8.38 -25.16
C GLU B 87 -14.35 8.85 -23.86
N GLY B 88 -13.05 8.64 -23.71
CA GLY B 88 -12.32 9.18 -22.58
C GLY B 88 -12.32 8.27 -21.38
N ARG B 89 -13.18 7.25 -21.38
CA ARG B 89 -13.18 6.30 -20.27
C ARG B 89 -11.81 5.65 -20.12
N GLY B 90 -11.41 5.39 -18.87
CA GLY B 90 -10.06 4.91 -18.62
C GLY B 90 -9.93 3.44 -18.26
N TYR B 91 -8.89 2.82 -18.80
CA TYR B 91 -8.51 1.45 -18.44
C TYR B 91 -7.17 1.45 -17.73
N VAL B 92 -7.16 0.92 -16.51
CA VAL B 92 -5.93 0.86 -15.71
C VAL B 92 -5.53 -0.60 -15.41
N ASP B 93 -4.61 -1.13 -16.20
CA ASP B 93 -4.17 -2.51 -16.02
C ASP B 93 -3.06 -2.56 -14.97
N MET B 94 -3.35 -3.23 -13.86
CA MET B 94 -2.40 -3.35 -12.76
C MET B 94 -1.74 -4.74 -12.68
N SER B 95 -1.98 -5.57 -13.70
CA SER B 95 -1.35 -6.89 -13.84
C SER B 95 0.15 -6.75 -14.04
N THR B 96 0.94 -7.70 -13.51
CA THR B 96 2.36 -7.72 -13.83
C THR B 96 2.56 -8.33 -15.23
N VAL B 97 3.04 -7.50 -16.16
CA VAL B 97 3.24 -7.91 -17.54
C VAL B 97 4.53 -7.27 -18.06
N ASP B 98 4.92 -7.65 -19.28
CA ASP B 98 6.12 -7.08 -19.88
C ASP B 98 5.77 -5.74 -20.51
N PRO B 99 6.77 -4.84 -20.60
CA PRO B 99 6.53 -3.48 -21.10
C PRO B 99 5.95 -3.49 -22.51
N ALA B 100 6.28 -4.49 -23.32
CA ALA B 100 5.75 -4.56 -24.68
C ALA B 100 4.25 -4.83 -24.66
N THR B 101 3.80 -5.64 -23.71
CA THR B 101 2.38 -5.98 -23.59
C THR B 101 1.56 -4.80 -23.11
N SER B 102 2.03 -4.09 -22.09
CA SER B 102 1.25 -2.95 -21.61
C SER B 102 1.22 -1.85 -22.68
N GLN B 103 2.34 -1.67 -23.38
CA GLN B 103 2.41 -0.68 -24.45
C GLN B 103 1.41 -1.02 -25.54
N ARG B 104 1.37 -2.29 -25.90
CA ARG B 104 0.45 -2.80 -26.91
C ARG B 104 -1.01 -2.52 -26.53
N ILE B 105 -1.37 -2.84 -25.29
CA ILE B 105 -2.72 -2.58 -24.79
C ILE B 105 -3.04 -1.08 -24.77
N GLY B 106 -2.10 -0.28 -24.27
CA GLY B 106 -2.27 1.16 -24.23
C GLY B 106 -2.62 1.75 -25.60
N VAL B 107 -1.84 1.39 -26.62
CA VAL B 107 -2.09 1.88 -27.97
C VAL B 107 -3.49 1.53 -28.46
N ALA B 108 -3.86 0.27 -28.33
CA ALA B 108 -5.18 -0.21 -28.75
C ALA B 108 -6.32 0.49 -28.01
N VAL B 109 -6.13 0.70 -26.72
CA VAL B 109 -7.13 1.41 -25.91
C VAL B 109 -7.30 2.83 -26.42
N VAL B 110 -6.18 3.51 -26.64
CA VAL B 110 -6.20 4.88 -27.13
C VAL B 110 -6.81 5.00 -28.52
N ALA B 111 -6.63 3.98 -29.35
CA ALA B 111 -7.22 3.98 -30.69
C ALA B 111 -8.74 3.85 -30.65
N LYS B 112 -9.25 3.30 -29.55
CA LYS B 112 -10.70 3.11 -29.38
C LYS B 112 -11.37 4.34 -28.78
N GLY B 113 -10.55 5.31 -28.36
CA GLY B 113 -11.04 6.54 -27.78
C GLY B 113 -10.91 6.60 -26.27
N GLY B 114 -10.30 5.57 -25.68
CA GLY B 114 -10.12 5.53 -24.24
C GLY B 114 -8.77 6.09 -23.79
N ARG B 115 -8.56 6.13 -22.48
CA ARG B 115 -7.25 6.47 -21.92
C ARG B 115 -6.69 5.25 -21.19
N PHE B 116 -5.36 5.12 -21.16
CA PHE B 116 -4.73 3.96 -20.54
C PHE B 116 -3.59 4.33 -19.59
N LEU B 117 -3.57 3.64 -18.46
CA LEU B 117 -2.51 3.75 -17.47
C LEU B 117 -2.11 2.33 -17.11
N GLU B 118 -0.83 2.09 -16.91
CA GLU B 118 -0.43 0.84 -16.31
C GLU B 118 -0.07 1.13 -14.86
N ALA B 119 -0.38 0.20 -13.97
CA ALA B 119 -0.07 0.41 -12.55
C ALA B 119 0.11 -0.90 -11.83
N PRO B 120 1.20 -1.63 -12.15
CA PRO B 120 1.59 -2.84 -11.41
C PRO B 120 1.84 -2.45 -9.95
N VAL B 121 1.72 -3.40 -9.04
CA VAL B 121 1.90 -3.09 -7.62
C VAL B 121 2.99 -3.93 -6.94
N SER B 122 3.49 -3.41 -5.82
CA SER B 122 4.38 -4.17 -4.95
C SER B 122 3.68 -4.38 -3.61
N GLY B 123 3.74 -5.61 -3.11
CA GLY B 123 3.04 -6.00 -1.90
C GLY B 123 2.09 -7.14 -2.22
N SER B 124 1.95 -8.07 -1.28
CA SER B 124 1.19 -9.31 -1.52
C SER B 124 -0.26 -9.27 -0.98
N LYS B 125 -0.79 -10.45 -0.66
CA LYS B 125 -2.18 -10.61 -0.27
C LYS B 125 -2.58 -9.75 0.93
N LYS B 126 -1.72 -9.73 1.94
CA LYS B 126 -2.03 -9.01 3.16
C LYS B 126 -1.99 -7.51 2.89
N PRO B 127 -0.91 -7.02 2.27
CA PRO B 127 -0.95 -5.60 1.91
C PRO B 127 -2.16 -5.26 1.01
N ALA B 128 -2.63 -6.21 0.20
CA ALA B 128 -3.78 -5.95 -0.65
C ALA B 128 -5.02 -5.79 0.21
N GLU B 129 -5.15 -6.64 1.22
CA GLU B 129 -6.29 -6.60 2.13
C GLU B 129 -6.25 -5.32 2.93
N ASP B 130 -5.05 -4.95 3.38
CA ASP B 130 -4.86 -3.78 4.25
C ASP B 130 -4.86 -2.45 3.49
N GLY B 131 -4.80 -2.51 2.17
CA GLY B 131 -4.79 -1.28 1.38
C GLY B 131 -3.47 -0.56 1.47
N THR B 132 -2.39 -1.33 1.62
CA THR B 132 -1.07 -0.77 1.81
C THR B 132 -0.12 -1.13 0.67
N LEU B 133 -0.69 -1.41 -0.51
CA LEU B 133 0.13 -1.71 -1.70
C LEU B 133 0.98 -0.50 -2.11
N ILE B 134 2.03 -0.75 -2.87
CA ILE B 134 2.81 0.31 -3.48
C ILE B 134 2.43 0.27 -4.95
N ILE B 135 2.00 1.39 -5.49
CA ILE B 135 1.47 1.40 -6.85
C ILE B 135 2.42 2.09 -7.82
N LEU B 136 2.81 1.35 -8.86
CA LEU B 136 3.84 1.81 -9.79
C LEU B 136 3.24 2.19 -11.13
N ALA B 137 2.66 3.38 -11.20
CA ALA B 137 1.92 3.77 -12.38
C ALA B 137 2.81 4.40 -13.46
N ALA B 138 2.40 4.26 -14.71
CA ALA B 138 3.07 4.90 -15.84
C ALA B 138 2.06 5.05 -16.98
N GLY B 139 2.11 6.18 -17.68
CA GLY B 139 1.16 6.44 -18.74
C GLY B 139 0.38 7.73 -18.55
N ASP B 140 -0.88 7.74 -18.98
CA ASP B 140 -1.67 8.96 -19.06
C ASP B 140 -1.71 9.70 -17.72
N ARG B 141 -1.13 10.89 -17.70
CA ARG B 141 -1.09 11.71 -16.49
C ARG B 141 -2.47 12.11 -15.95
N ASN B 142 -3.38 12.44 -16.87
CA ASN B 142 -4.73 12.83 -16.46
C ASN B 142 -5.50 11.68 -15.84
N LEU B 143 -5.26 10.47 -16.35
CA LEU B 143 -5.91 9.27 -15.82
C LEU B 143 -5.33 8.92 -14.46
N TYR B 144 -4.01 9.11 -14.31
CA TYR B 144 -3.34 8.93 -13.02
C TYR B 144 -4.02 9.77 -11.94
N ASP B 145 -4.14 11.07 -12.21
CA ASP B 145 -4.78 12.00 -11.27
C ASP B 145 -6.23 11.60 -10.99
N GLU B 146 -6.94 11.18 -12.03
CA GLU B 146 -8.34 10.79 -11.90
C GLU B 146 -8.53 9.49 -11.11
N ALA B 147 -7.61 8.55 -11.26
CA ALA B 147 -7.72 7.27 -10.59
C ALA B 147 -7.22 7.35 -9.15
N MET B 148 -6.65 8.49 -8.78
CA MET B 148 -5.98 8.61 -7.50
C MET B 148 -6.83 8.22 -6.27
N PRO B 149 -8.10 8.65 -6.21
CA PRO B 149 -8.85 8.30 -4.99
C PRO B 149 -9.06 6.78 -4.90
N GLY B 150 -9.13 6.12 -6.05
CA GLY B 150 -9.18 4.67 -6.08
C GLY B 150 -7.86 4.07 -5.59
N PHE B 151 -6.77 4.56 -6.15
CA PHE B 151 -5.44 4.14 -5.75
C PHE B 151 -5.25 4.30 -4.24
N GLU B 152 -5.76 5.40 -3.70
CA GLU B 152 -5.52 5.70 -2.31
C GLU B 152 -6.26 4.74 -1.37
N LYS B 153 -7.25 4.02 -1.89
CA LYS B 153 -7.96 3.03 -1.10
C LYS B 153 -7.38 1.61 -1.26
N MET B 154 -6.39 1.52 -2.13
CA MET B 154 -5.75 0.25 -2.44
CA MET B 154 -5.77 0.24 -2.41
C MET B 154 -4.31 0.25 -1.95
N GLY B 155 -3.70 1.43 -1.93
CA GLY B 155 -2.29 1.56 -1.60
C GLY B 155 -1.88 2.67 -0.65
N LYS B 156 -0.63 2.62 -0.20
CA LYS B 156 -0.12 3.61 0.74
C LYS B 156 0.84 4.58 0.05
N LYS B 157 1.52 4.07 -0.97
CA LYS B 157 2.55 4.80 -1.68
C LYS B 157 2.26 4.66 -3.16
N ILE B 158 2.15 5.80 -3.85
CA ILE B 158 1.65 5.83 -5.21
C ILE B 158 2.55 6.73 -6.03
N ILE B 159 3.20 6.17 -7.04
CA ILE B 159 4.13 6.97 -7.83
C ILE B 159 3.85 6.89 -9.31
N HIS B 160 4.33 7.90 -10.04
CA HIS B 160 4.22 7.95 -11.49
C HIS B 160 5.62 7.91 -12.10
N LEU B 161 5.88 6.91 -12.95
CA LEU B 161 7.21 6.69 -13.47
C LEU B 161 7.39 7.11 -14.93
N GLY B 162 6.38 7.72 -15.51
CA GLY B 162 6.52 8.26 -16.86
C GLY B 162 5.73 7.53 -17.93
N ASP B 163 6.38 7.26 -19.05
CA ASP B 163 5.72 6.64 -20.20
C ASP B 163 5.33 5.18 -19.94
N VAL B 164 4.32 4.69 -20.66
CA VAL B 164 3.88 3.30 -20.53
C VAL B 164 5.05 2.37 -20.79
N GLY B 165 5.30 1.45 -19.86
CA GLY B 165 6.43 0.54 -19.97
C GLY B 165 7.35 0.68 -18.78
N LYS B 166 7.51 1.91 -18.29
CA LYS B 166 8.40 2.18 -17.16
C LYS B 166 7.87 1.55 -15.88
N GLY B 167 6.56 1.46 -15.74
CA GLY B 167 5.97 0.81 -14.58
C GLY B 167 6.24 -0.69 -14.60
N ALA B 168 5.99 -1.31 -15.74
CA ALA B 168 6.28 -2.73 -15.92
C ALA B 168 7.75 -2.99 -15.63
N GLU B 169 8.61 -2.13 -16.13
CA GLU B 169 10.04 -2.30 -15.90
C GLU B 169 10.40 -2.23 -14.42
N MET B 170 9.85 -1.25 -13.71
CA MET B 170 10.11 -1.12 -12.28
C MET B 170 9.66 -2.39 -11.55
N LYS B 171 8.43 -2.80 -11.84
CA LYS B 171 7.85 -4.00 -11.22
C LYS B 171 8.73 -5.25 -11.43
N LEU B 172 9.15 -5.47 -12.68
CA LEU B 172 10.00 -6.60 -13.02
C LEU B 172 11.35 -6.56 -12.30
N VAL B 173 11.95 -5.38 -12.20
CA VAL B 173 13.23 -5.25 -11.52
C VAL B 173 13.07 -5.61 -10.06
N VAL B 174 12.08 -5.01 -9.42
CA VAL B 174 11.85 -5.22 -7.99
C VAL B 174 11.55 -6.67 -7.67
N ASN B 175 10.69 -7.29 -8.48
CA ASN B 175 10.33 -8.69 -8.27
C ASN B 175 11.45 -9.67 -8.59
N MET B 176 12.33 -9.28 -9.50
CA MET B 176 13.45 -10.16 -9.82
C MET B 176 14.31 -10.30 -8.57
N VAL B 177 14.51 -9.17 -7.88
CA VAL B 177 15.30 -9.15 -6.66
C VAL B 177 14.62 -9.99 -5.57
N MET B 178 13.30 -9.84 -5.48
CA MET B 178 12.53 -10.60 -4.51
C MET B 178 12.62 -12.11 -4.77
N GLY B 179 12.40 -12.52 -6.03
CA GLY B 179 12.51 -13.92 -6.39
C GLY B 179 13.90 -14.41 -6.03
N GLY B 180 14.92 -13.64 -6.39
CA GLY B 180 16.29 -14.03 -6.07
C GLY B 180 16.51 -14.15 -4.57
N MET B 181 16.06 -13.15 -3.81
CA MET B 181 16.18 -13.21 -2.35
C MET B 181 15.53 -14.47 -1.80
N MET B 182 14.34 -14.79 -2.32
CA MET B 182 13.61 -15.94 -1.79
C MET B 182 14.34 -17.25 -2.10
N ALA B 183 14.88 -17.37 -3.31
CA ALA B 183 15.69 -18.55 -3.65
C ALA B 183 16.86 -18.70 -2.67
N CYS B 184 17.63 -17.63 -2.47
CA CYS B 184 18.78 -17.66 -1.59
CA CYS B 184 18.78 -17.75 -1.60
C CYS B 184 18.41 -17.92 -0.13
N PHE B 185 17.35 -17.25 0.32
CA PHE B 185 16.85 -17.42 1.69
C PHE B 185 16.47 -18.87 1.96
N CYS B 186 15.79 -19.49 1.00
CA CYS B 186 15.41 -20.90 1.14
C CYS B 186 16.63 -21.82 1.10
N GLU B 187 17.59 -21.51 0.25
CA GLU B 187 18.82 -22.30 0.22
C GLU B 187 19.50 -22.23 1.59
N GLY B 188 19.51 -21.04 2.20
CA GLY B 188 20.09 -20.89 3.53
C GLY B 188 19.36 -21.75 4.55
N LEU B 189 18.03 -21.67 4.58
CA LEU B 189 17.25 -22.43 5.56
C LEU B 189 17.40 -23.94 5.35
N ALA B 190 17.44 -24.37 4.09
CA ALA B 190 17.60 -25.80 3.80
C ALA B 190 18.99 -26.29 4.17
N LEU B 191 20.00 -25.49 3.84
CA LEU B 191 21.38 -25.83 4.21
C LEU B 191 21.50 -25.88 5.73
N GLY B 192 20.94 -24.87 6.40
CA GLY B 192 20.96 -24.84 7.85
C GLY B 192 20.31 -26.09 8.41
N GLU B 193 19.15 -26.47 7.89
CA GLU B 193 18.49 -27.68 8.38
C GLU B 193 19.42 -28.89 8.29
N LYS B 194 20.08 -29.05 7.14
CA LYS B 194 20.94 -30.22 6.98
C LYS B 194 22.22 -30.13 7.79
N ALA B 195 22.65 -28.91 8.09
CA ALA B 195 23.83 -28.75 8.95
C ALA B 195 23.50 -29.00 10.43
N GLY B 196 22.21 -29.09 10.76
CA GLY B 196 21.79 -29.39 12.11
C GLY B 196 21.44 -28.16 12.93
N LEU B 197 21.17 -27.06 12.25
CA LEU B 197 20.73 -25.85 12.93
C LEU B 197 19.21 -25.81 13.08
N ALA B 198 18.72 -25.26 14.19
CA ALA B 198 17.28 -25.03 14.34
C ALA B 198 16.88 -23.81 13.52
N THR B 199 15.73 -23.91 12.86
CA THR B 199 15.25 -22.82 12.03
C THR B 199 15.08 -21.53 12.82
N ASP B 200 14.44 -21.63 13.99
CA ASP B 200 14.21 -20.44 14.82
C ASP B 200 15.52 -19.73 15.22
N ALA B 201 16.59 -20.51 15.44
CA ALA B 201 17.91 -19.96 15.73
C ALA B 201 18.44 -19.14 14.54
N ILE B 202 18.32 -19.69 13.35
CA ILE B 202 18.71 -18.98 12.14
C ILE B 202 17.88 -17.71 11.93
N LEU B 203 16.57 -17.85 12.05
CA LEU B 203 15.65 -16.71 11.95
C LEU B 203 16.00 -15.61 12.96
N ASP B 204 16.38 -16.03 14.17
CA ASP B 204 16.74 -15.10 15.24
C ASP B 204 17.98 -14.30 14.90
N VAL B 205 18.97 -14.97 14.33
CA VAL B 205 20.21 -14.29 13.96
C VAL B 205 19.97 -13.32 12.79
N ILE B 206 19.27 -13.78 11.77
CA ILE B 206 18.95 -12.92 10.64
C ILE B 206 18.16 -11.69 11.12
N GLY B 207 17.16 -11.93 11.97
CA GLY B 207 16.29 -10.87 12.45
C GLY B 207 17.03 -9.79 13.21
N ALA B 208 18.19 -10.15 13.75
CA ALA B 208 18.96 -9.22 14.58
C ALA B 208 19.97 -8.42 13.76
N GLY B 209 20.20 -8.83 12.51
CA GLY B 209 21.28 -8.30 11.69
C GLY B 209 20.87 -7.33 10.59
N ALA B 210 21.77 -7.09 9.64
CA ALA B 210 21.55 -6.03 8.64
C ALA B 210 20.65 -6.46 7.49
N MET B 211 20.42 -7.76 7.40
CA MET B 211 19.56 -8.32 6.36
C MET B 211 18.10 -8.39 6.76
N ALA B 212 17.81 -8.16 8.03
CA ALA B 212 16.45 -8.30 8.54
C ALA B 212 15.41 -7.60 7.65
N ASN B 213 14.38 -8.32 7.25
CA ASN B 213 13.28 -7.68 6.53
C ASN B 213 11.95 -8.38 6.81
N PRO B 214 10.83 -7.66 6.61
CA PRO B 214 9.50 -8.24 6.82
C PRO B 214 9.28 -9.55 6.03
N MET B 215 9.81 -9.64 4.81
CA MET B 215 9.58 -10.85 4.03
C MET B 215 10.23 -12.07 4.65
N PHE B 216 11.49 -11.93 5.06
CA PHE B 216 12.16 -13.01 5.77
C PHE B 216 11.43 -13.38 7.06
N ALA B 217 10.95 -12.38 7.79
CA ALA B 217 10.28 -12.65 9.05
C ALA B 217 9.01 -13.48 8.82
N LEU B 218 8.15 -12.98 7.94
CA LEU B 218 6.91 -13.65 7.60
C LEU B 218 7.17 -15.05 7.04
N LYS B 219 7.94 -15.13 5.95
CA LYS B 219 8.08 -16.39 5.25
C LYS B 219 8.90 -17.40 6.06
N GLY B 220 9.83 -16.90 6.87
CA GLY B 220 10.61 -17.76 7.75
C GLY B 220 9.75 -18.62 8.66
N GLY B 221 8.83 -18.00 9.37
CA GLY B 221 7.94 -18.73 10.25
C GLY B 221 7.01 -19.67 9.49
N LEU B 222 6.50 -19.22 8.37
CA LEU B 222 5.65 -20.02 7.54
C LEU B 222 6.36 -21.26 7.04
N ILE B 223 7.61 -21.12 6.65
CA ILE B 223 8.43 -22.25 6.26
C ILE B 223 8.68 -23.21 7.43
N ARG B 224 9.00 -22.68 8.58
CA ARG B 224 9.19 -23.48 9.75
C ARG B 224 7.97 -24.34 10.04
N ASP B 225 6.80 -23.75 9.94
CA ASP B 225 5.56 -24.46 10.20
C ASP B 225 5.10 -25.25 8.99
N ARG B 226 5.93 -25.27 7.94
CA ARG B 226 5.58 -25.92 6.69
C ARG B 226 4.16 -25.55 6.22
N ASN B 227 3.81 -24.27 6.31
CA ASN B 227 2.56 -23.77 5.75
C ASN B 227 2.78 -22.97 4.47
N PHE B 228 2.34 -23.50 3.33
CA PHE B 228 2.59 -22.86 2.04
C PHE B 228 1.33 -22.41 1.31
N ALA B 229 0.31 -22.02 2.08
CA ALA B 229 -0.90 -21.44 1.52
C ALA B 229 -0.54 -20.23 0.66
N PRO B 230 -1.11 -20.14 -0.56
CA PRO B 230 -0.66 -19.13 -1.51
C PRO B 230 -0.97 -17.69 -1.09
N ALA B 231 0.05 -16.84 -0.95
CA ALA B 231 -0.15 -15.41 -0.88
C ALA B 231 0.25 -14.83 -2.24
N PHE B 232 1.44 -15.21 -2.69
CA PHE B 232 1.88 -14.91 -4.04
C PHE B 232 2.14 -16.26 -4.72
N PRO B 233 1.23 -16.67 -5.61
CA PRO B 233 1.29 -17.98 -6.24
C PRO B 233 2.64 -18.21 -6.91
N LEU B 234 3.25 -19.34 -6.63
CA LEU B 234 4.58 -19.65 -7.14
C LEU B 234 4.64 -19.54 -8.67
N LYS B 235 3.59 -19.98 -9.36
CA LYS B 235 3.59 -19.92 -10.82
C LYS B 235 3.69 -18.47 -11.35
N HIS B 236 3.27 -17.51 -10.53
CA HIS B 236 3.31 -16.12 -10.93
C HIS B 236 4.70 -15.55 -10.71
N MET B 237 5.33 -15.95 -9.60
CA MET B 237 6.72 -15.56 -9.37
C MET B 237 7.60 -16.02 -10.54
N GLN B 238 7.40 -17.27 -10.97
CA GLN B 238 8.17 -17.82 -12.09
C GLN B 238 7.90 -17.05 -13.38
N LYS B 239 6.64 -16.72 -13.63
CA LYS B 239 6.28 -15.88 -14.78
C LYS B 239 7.06 -14.54 -14.75
N ASP B 240 7.11 -13.92 -13.58
CA ASP B 240 7.80 -12.65 -13.38
C ASP B 240 9.29 -12.75 -13.66
N LEU B 241 9.91 -13.86 -13.25
CA LEU B 241 11.34 -14.03 -13.48
C LEU B 241 11.56 -14.33 -14.96
N ARG B 242 10.63 -15.06 -15.55
CA ARG B 242 10.63 -15.24 -17.00
C ARG B 242 10.69 -13.86 -17.68
N LEU B 243 9.80 -12.96 -17.28
CA LEU B 243 9.73 -11.65 -17.90
C LEU B 243 10.99 -10.83 -17.60
N ALA B 244 11.47 -10.89 -16.37
CA ALA B 244 12.70 -10.19 -16.02
C ALA B 244 13.89 -10.62 -16.89
N VAL B 245 14.00 -11.93 -17.14
CA VAL B 245 15.06 -12.46 -18.00
C VAL B 245 14.92 -11.96 -19.44
N ALA B 246 13.69 -11.87 -19.94
CA ALA B 246 13.46 -11.33 -21.28
C ALA B 246 13.79 -9.84 -21.34
N LEU B 247 13.51 -9.12 -20.26
CA LEU B 247 13.90 -7.70 -20.19
C LEU B 247 15.42 -7.58 -20.23
N GLY B 248 16.12 -8.39 -19.42
CA GLY B 248 17.57 -8.44 -19.46
C GLY B 248 18.10 -8.75 -20.85
N ASP B 249 17.49 -9.71 -21.52
CA ASP B 249 17.86 -10.07 -22.87
C ASP B 249 17.78 -8.84 -23.78
N ARG B 250 16.65 -8.15 -23.71
CA ARG B 250 16.40 -7.00 -24.56
C ARG B 250 17.34 -5.81 -24.32
N VAL B 251 17.62 -5.48 -23.05
CA VAL B 251 18.48 -4.33 -22.74
C VAL B 251 19.98 -4.68 -22.61
N GLY B 252 20.32 -5.96 -22.77
CA GLY B 252 21.71 -6.36 -22.80
C GLY B 252 22.34 -6.46 -21.42
N GLN B 253 21.55 -6.93 -20.46
CA GLN B 253 22.04 -7.16 -19.12
C GLN B 253 22.05 -8.65 -18.80
N PRO B 254 23.25 -9.25 -18.69
CA PRO B 254 23.31 -10.64 -18.26
C PRO B 254 22.81 -10.74 -16.82
N LEU B 255 22.07 -11.80 -16.51
CA LEU B 255 21.52 -11.97 -15.18
C LEU B 255 21.76 -13.38 -14.71
N VAL B 256 23.01 -13.68 -14.39
CA VAL B 256 23.36 -15.04 -14.01
C VAL B 256 22.53 -15.56 -12.82
N ALA B 257 22.43 -14.79 -11.72
CA ALA B 257 21.73 -15.28 -10.53
C ALA B 257 20.21 -15.31 -10.69
N SER B 258 19.68 -14.29 -11.34
CA SER B 258 18.24 -14.23 -11.51
C SER B 258 17.76 -15.31 -12.50
N ALA B 259 18.60 -15.66 -13.46
CA ALA B 259 18.26 -16.73 -14.41
C ALA B 259 18.30 -18.08 -13.70
N ALA B 260 19.25 -18.24 -12.79
CA ALA B 260 19.26 -19.45 -11.96
C ALA B 260 17.95 -19.54 -11.17
N ALA B 261 17.54 -18.42 -10.59
CA ALA B 261 16.30 -18.39 -9.80
C ALA B 261 15.09 -18.75 -10.66
N ASN B 262 15.00 -18.19 -11.86
CA ASN B 262 13.97 -18.60 -12.81
C ASN B 262 13.89 -20.12 -12.96
N GLU B 263 15.03 -20.76 -13.18
CA GLU B 263 15.05 -22.21 -13.39
C GLU B 263 14.65 -23.01 -12.14
N LEU B 264 15.11 -22.56 -10.98
CA LEU B 264 14.72 -23.20 -9.72
C LEU B 264 13.22 -23.11 -9.50
N PHE B 265 12.61 -21.97 -9.80
CA PHE B 265 11.15 -21.85 -9.67
C PHE B 265 10.43 -22.72 -10.69
N LYS B 266 11.02 -22.91 -11.87
CA LYS B 266 10.44 -23.83 -12.86
C LYS B 266 10.45 -25.24 -12.30
N GLY B 267 11.50 -25.56 -11.53
CA GLY B 267 11.60 -26.87 -10.91
C GLY B 267 10.47 -27.03 -9.90
N ALA B 268 10.22 -25.96 -9.14
CA ALA B 268 9.12 -26.00 -8.18
C ALA B 268 7.75 -26.19 -8.86
N ARG B 269 7.53 -25.54 -10.00
CA ARG B 269 6.30 -25.78 -10.75
C ARG B 269 6.18 -27.25 -11.18
N ALA B 270 7.27 -27.78 -11.75
CA ALA B 270 7.28 -29.15 -12.24
C ALA B 270 7.02 -30.13 -11.11
N ALA B 271 7.36 -29.72 -9.90
CA ALA B 271 7.17 -30.58 -8.75
C ALA B 271 5.72 -30.54 -8.25
N GLY B 272 4.94 -29.61 -8.79
CA GLY B 272 3.53 -29.49 -8.42
C GLY B 272 3.19 -28.41 -7.40
N PHE B 273 4.11 -27.47 -7.17
CA PHE B 273 3.85 -26.42 -6.19
C PHE B 273 3.41 -25.09 -6.82
N GLY B 274 2.91 -25.15 -8.06
CA GLY B 274 2.59 -23.96 -8.81
C GLY B 274 1.50 -23.08 -8.22
N ASP B 275 0.52 -23.70 -7.59
CA ASP B 275 -0.59 -22.98 -6.99
C ASP B 275 -0.38 -22.70 -5.50
N GLU B 276 0.79 -23.06 -4.99
CA GLU B 276 1.14 -22.78 -3.60
C GLU B 276 1.92 -21.46 -3.52
N ASP B 277 2.22 -20.99 -2.31
CA ASP B 277 2.96 -19.74 -2.17
C ASP B 277 4.33 -19.88 -2.82
N PHE B 278 4.91 -18.77 -3.25
CA PHE B 278 6.22 -18.86 -3.90
C PHE B 278 7.29 -19.37 -2.95
N SER B 279 7.06 -19.23 -1.64
CA SER B 279 7.98 -19.80 -0.64
C SER B 279 8.04 -21.32 -0.68
N ALA B 280 7.13 -21.94 -1.43
CA ALA B 280 7.10 -23.40 -1.57
C ALA B 280 8.33 -23.92 -2.29
N ILE B 281 9.10 -23.03 -2.89
CA ILE B 281 10.35 -23.43 -3.53
C ILE B 281 11.28 -24.11 -2.50
N PHE B 282 11.12 -23.76 -1.23
CA PHE B 282 11.91 -24.40 -0.16
C PHE B 282 11.78 -25.93 -0.22
N LYS B 283 10.61 -26.43 -0.60
CA LYS B 283 10.36 -27.86 -0.61
C LYS B 283 11.17 -28.62 -1.67
N THR B 284 11.52 -27.96 -2.77
CA THR B 284 12.40 -28.60 -3.74
C THR B 284 13.80 -28.79 -3.16
N TYR B 285 14.24 -27.87 -2.31
CA TYR B 285 15.59 -27.87 -1.74
C TYR B 285 15.66 -28.92 -0.70
N GLU B 286 14.63 -28.96 0.11
CA GLU B 286 14.51 -29.95 1.14
C GLU B 286 14.25 -31.27 0.48
N ARG B 287 13.03 -31.74 0.60
CA ARG B 287 12.61 -32.94 -0.12
C ARG B 287 13.61 -34.06 -0.04
N SER C 1 15.32 -27.83 -65.67
CA SER C 1 16.23 -26.89 -65.03
C SER C 1 15.88 -26.68 -63.57
N GLN C 2 14.62 -26.93 -63.22
CA GLN C 2 14.16 -26.83 -61.83
C GLN C 2 14.31 -25.42 -61.27
N LYS C 3 13.21 -24.84 -60.79
CA LYS C 3 13.25 -23.46 -60.30
C LYS C 3 12.91 -23.33 -58.82
N PHE C 4 13.79 -22.67 -58.08
CA PHE C 4 13.54 -22.37 -56.67
C PHE C 4 13.67 -20.88 -56.40
N GLY C 5 12.93 -20.41 -55.40
CA GLY C 5 13.15 -19.08 -54.85
C GLY C 5 14.04 -19.17 -53.62
N PHE C 6 14.74 -18.08 -53.31
CA PHE C 6 15.51 -18.03 -52.08
C PHE C 6 15.47 -16.66 -51.40
N ILE C 7 15.12 -16.67 -50.12
CA ILE C 7 14.98 -15.44 -49.34
C ILE C 7 15.96 -15.45 -48.15
N GLY C 8 16.76 -14.39 -48.04
CA GLY C 8 17.69 -14.25 -46.92
C GLY C 8 19.06 -14.79 -47.27
N LEU C 9 19.98 -13.88 -47.58
CA LEU C 9 21.30 -14.27 -48.07
C LEU C 9 22.44 -13.91 -47.10
N GLY C 10 22.36 -14.44 -45.88
CA GLY C 10 23.42 -14.24 -44.90
C GLY C 10 24.47 -15.33 -45.06
N ILE C 11 25.23 -15.58 -44.01
CA ILE C 11 26.22 -16.65 -44.03
C ILE C 11 25.66 -17.98 -44.54
N MET C 12 24.54 -18.43 -43.98
CA MET C 12 23.93 -19.69 -44.41
C MET C 12 23.24 -19.61 -45.78
N GLY C 13 22.20 -18.77 -45.88
CA GLY C 13 21.44 -18.68 -47.12
C GLY C 13 22.25 -18.46 -48.38
N SER C 14 23.26 -17.61 -48.31
CA SER C 14 24.05 -17.32 -49.52
C SER C 14 24.77 -18.59 -49.96
N ALA C 15 25.33 -19.33 -49.01
CA ALA C 15 26.03 -20.59 -49.29
C ALA C 15 25.09 -21.66 -49.87
N MET C 16 23.92 -21.79 -49.26
CA MET C 16 22.92 -22.77 -49.69
C MET C 16 22.40 -22.41 -51.09
N ALA C 17 22.09 -21.13 -51.29
CA ALA C 17 21.60 -20.68 -52.60
C ALA C 17 22.67 -20.90 -53.66
N LYS C 18 23.94 -20.65 -53.31
CA LYS C 18 25.02 -20.90 -54.25
C LYS C 18 24.99 -22.36 -54.73
N ASN C 19 24.68 -23.26 -53.80
CA ASN C 19 24.64 -24.68 -54.15
C ASN C 19 23.53 -25.02 -55.13
N LEU C 20 22.38 -24.38 -54.99
CA LEU C 20 21.29 -24.59 -55.94
C LEU C 20 21.68 -24.09 -57.32
N VAL C 21 22.28 -22.90 -57.39
CA VAL C 21 22.72 -22.35 -58.66
C VAL C 21 23.74 -23.27 -59.31
N LYS C 22 24.72 -23.71 -58.53
CA LYS C 22 25.77 -24.63 -59.00
C LYS C 22 25.19 -25.96 -59.51
N ALA C 23 24.09 -26.39 -58.90
CA ALA C 23 23.40 -27.61 -59.32
C ALA C 23 22.65 -27.44 -60.65
N GLY C 24 22.50 -26.19 -61.10
CA GLY C 24 21.88 -25.92 -62.39
C GLY C 24 20.49 -25.29 -62.30
N CYS C 25 19.96 -25.20 -61.09
CA CYS C 25 18.63 -24.65 -60.86
C CYS C 25 18.54 -23.17 -61.29
N SER C 26 17.36 -22.75 -61.75
CA SER C 26 17.10 -21.33 -61.90
C SER C 26 16.68 -20.81 -60.52
N VAL C 27 17.45 -19.87 -59.99
CA VAL C 27 17.18 -19.37 -58.65
C VAL C 27 16.81 -17.88 -58.63
N THR C 28 15.70 -17.56 -58.00
CA THR C 28 15.27 -16.17 -57.82
C THR C 28 15.50 -15.81 -56.36
N ILE C 29 16.13 -14.66 -56.11
CA ILE C 29 16.59 -14.36 -54.76
C ILE C 29 16.15 -12.99 -54.24
N TRP C 30 16.31 -12.80 -52.94
CA TRP C 30 15.97 -11.53 -52.30
C TRP C 30 16.68 -11.43 -50.96
N ASN C 31 17.17 -10.24 -50.64
CA ASN C 31 17.72 -9.94 -49.31
C ASN C 31 17.39 -8.50 -48.92
N ARG C 32 17.07 -8.29 -47.64
CA ARG C 32 16.75 -6.95 -47.13
C ARG C 32 17.82 -5.93 -47.56
N SER C 33 19.09 -6.33 -47.44
CA SER C 33 20.20 -5.52 -47.92
C SER C 33 20.61 -6.01 -49.32
N PRO C 34 20.24 -5.27 -50.38
CA PRO C 34 20.36 -5.78 -51.76
C PRO C 34 21.80 -6.04 -52.20
N GLU C 35 22.76 -5.44 -51.51
CA GLU C 35 24.17 -5.58 -51.89
C GLU C 35 24.63 -7.04 -51.80
N LYS C 36 24.08 -7.77 -50.84
CA LYS C 36 24.45 -9.15 -50.60
C LYS C 36 23.97 -10.07 -51.71
N ALA C 37 23.10 -9.56 -52.56
CA ALA C 37 22.55 -10.35 -53.67
C ALA C 37 23.49 -10.33 -54.86
N GLU C 38 24.44 -9.40 -54.85
CA GLU C 38 25.25 -9.13 -56.04
C GLU C 38 26.07 -10.31 -56.54
N GLU C 39 26.63 -11.09 -55.62
CA GLU C 39 27.47 -12.23 -56.00
C GLU C 39 26.70 -13.35 -56.69
N LEU C 40 25.60 -13.78 -56.08
CA LEU C 40 24.72 -14.75 -56.71
C LEU C 40 24.17 -14.21 -58.02
N ALA C 41 23.93 -12.90 -58.07
CA ALA C 41 23.43 -12.25 -59.28
C ALA C 41 24.38 -12.49 -60.44
N ALA C 42 25.67 -12.31 -60.20
CA ALA C 42 26.68 -12.55 -61.21
C ALA C 42 26.65 -14.02 -61.59
N LEU C 43 26.23 -14.87 -60.66
CA LEU C 43 26.24 -16.31 -60.88
C LEU C 43 25.08 -16.82 -61.76
N GLY C 44 24.13 -15.94 -62.05
CA GLY C 44 23.00 -16.32 -62.87
C GLY C 44 21.67 -16.18 -62.15
N ALA C 45 21.72 -16.07 -60.83
CA ALA C 45 20.51 -15.87 -60.03
C ALA C 45 19.80 -14.60 -60.48
N GLU C 46 18.48 -14.64 -60.55
CA GLU C 46 17.69 -13.46 -60.88
C GLU C 46 17.25 -12.76 -59.58
N ARG C 47 17.45 -11.45 -59.53
CA ARG C 47 17.16 -10.68 -58.33
C ARG C 47 15.71 -10.19 -58.30
N ALA C 48 15.03 -10.42 -57.19
CA ALA C 48 13.69 -9.91 -57.00
C ALA C 48 13.72 -8.71 -56.04
N ALA C 49 12.76 -7.80 -56.19
CA ALA C 49 12.70 -6.60 -55.39
C ALA C 49 12.08 -6.86 -54.02
N THR C 50 11.15 -7.80 -53.97
CA THR C 50 10.41 -8.10 -52.74
C THR C 50 10.29 -9.60 -52.53
N PRO C 51 10.15 -10.04 -51.26
CA PRO C 51 9.82 -11.44 -51.00
C PRO C 51 8.56 -11.83 -51.75
N CSO C 52 7.58 -10.91 -51.76
CA CSO C 52 6.34 -11.13 -52.48
CB CSO C 52 5.50 -9.84 -52.49
SG CSO C 52 4.32 -9.78 -53.87
C CSO C 52 6.67 -11.58 -53.92
O CSO C 52 6.15 -12.59 -54.40
OD CSO C 52 3.71 -8.13 -54.11
N GLU C 53 7.58 -10.85 -54.57
CA GLU C 53 7.98 -11.16 -55.94
C GLU C 53 8.59 -12.55 -56.10
N VAL C 54 9.35 -12.98 -55.10
CA VAL C 54 9.98 -14.29 -55.13
C VAL C 54 8.95 -15.41 -55.08
N VAL C 55 8.02 -15.32 -54.13
CA VAL C 55 7.01 -16.35 -53.96
C VAL C 55 5.91 -16.27 -55.02
N GLU C 56 5.83 -15.14 -55.72
CA GLU C 56 4.90 -15.01 -56.84
C GLU C 56 5.34 -15.93 -57.98
N SER C 57 6.64 -16.03 -58.18
CA SER C 57 7.19 -16.58 -59.41
C SER C 57 7.88 -17.94 -59.29
N CYS C 58 7.87 -18.51 -58.09
CA CYS C 58 8.57 -19.79 -57.87
C CYS C 58 7.65 -20.87 -57.26
N PRO C 59 7.82 -22.12 -57.72
CA PRO C 59 7.01 -23.23 -57.21
C PRO C 59 7.32 -23.50 -55.73
N VAL C 60 8.60 -23.39 -55.38
CA VAL C 60 9.07 -23.63 -54.02
C VAL C 60 10.13 -22.61 -53.65
N THR C 61 9.94 -21.93 -52.53
CA THR C 61 10.90 -20.92 -52.06
C THR C 61 11.48 -21.29 -50.70
N PHE C 62 12.79 -21.29 -50.58
CA PHE C 62 13.44 -21.47 -49.28
C PHE C 62 13.73 -20.13 -48.63
N ALA C 63 13.67 -20.08 -47.31
CA ALA C 63 14.05 -18.88 -46.58
C ALA C 63 15.05 -19.22 -45.47
N MET C 64 16.00 -18.32 -45.25
CA MET C 64 17.04 -18.52 -44.24
C MET C 64 17.32 -17.22 -43.49
N LEU C 65 16.49 -16.91 -42.50
CA LEU C 65 16.52 -15.60 -41.85
C LEU C 65 17.05 -15.68 -40.42
N ALA C 66 17.47 -14.54 -39.89
CA ALA C 66 18.13 -14.45 -38.58
C ALA C 66 17.36 -15.08 -37.42
N ASP C 67 16.11 -14.66 -37.23
CA ASP C 67 15.37 -14.99 -36.03
C ASP C 67 13.85 -14.89 -36.24
N PRO C 68 13.05 -15.26 -35.22
CA PRO C 68 11.59 -15.19 -35.34
C PRO C 68 11.08 -13.83 -35.79
N ALA C 69 11.63 -12.75 -35.23
CA ALA C 69 11.22 -11.41 -35.67
C ALA C 69 11.38 -11.27 -37.18
N ALA C 70 12.57 -11.59 -37.68
CA ALA C 70 12.85 -11.45 -39.11
C ALA C 70 11.93 -12.35 -39.95
N ALA C 71 11.74 -13.59 -39.52
CA ALA C 71 10.86 -14.51 -40.24
C ALA C 71 9.42 -13.98 -40.25
N GLU C 72 9.00 -13.37 -39.14
CA GLU C 72 7.65 -12.82 -39.04
C GLU C 72 7.49 -11.59 -39.93
N GLU C 73 8.52 -10.75 -39.98
CA GLU C 73 8.50 -9.55 -40.81
C GLU C 73 8.37 -9.93 -42.28
N VAL C 74 9.24 -10.82 -42.74
CA VAL C 74 9.27 -11.19 -44.13
C VAL C 74 7.96 -11.85 -44.54
N CYS C 75 7.37 -12.62 -43.63
CA CYS C 75 6.12 -13.31 -43.94
C CYS C 75 4.92 -12.36 -43.97
N PHE C 76 4.69 -11.66 -42.87
CA PHE C 76 3.49 -10.83 -42.71
C PHE C 76 3.65 -9.38 -43.16
N GLY C 77 4.89 -8.93 -43.30
CA GLY C 77 5.17 -7.53 -43.58
C GLY C 77 4.69 -7.01 -44.92
N LYS C 78 4.87 -5.71 -45.12
CA LYS C 78 4.52 -5.08 -46.38
C LYS C 78 5.33 -5.74 -47.49
N HIS C 79 4.65 -6.11 -48.56
CA HIS C 79 5.26 -6.80 -49.68
C HIS C 79 5.92 -8.10 -49.25
N GLY C 80 5.40 -8.69 -48.18
CA GLY C 80 5.96 -9.92 -47.65
C GLY C 80 5.55 -11.15 -48.42
N VAL C 81 5.84 -12.31 -47.85
CA VAL C 81 5.53 -13.59 -48.47
C VAL C 81 4.03 -13.76 -48.65
N LEU C 82 3.27 -13.34 -47.63
CA LEU C 82 1.82 -13.47 -47.63
C LEU C 82 1.15 -12.79 -48.81
N GLU C 83 1.67 -11.64 -49.22
CA GLU C 83 1.12 -10.93 -50.36
C GLU C 83 1.36 -11.69 -51.66
N GLY C 84 2.28 -12.64 -51.64
CA GLY C 84 2.70 -13.32 -52.85
C GLY C 84 2.27 -14.76 -53.04
N ILE C 85 2.24 -15.55 -51.97
CA ILE C 85 1.96 -16.97 -52.11
C ILE C 85 0.50 -17.27 -52.40
N GLY C 86 0.26 -18.48 -52.90
CA GLY C 86 -1.07 -18.89 -53.29
C GLY C 86 -0.97 -19.97 -54.33
N GLU C 87 -2.11 -20.47 -54.77
CA GLU C 87 -2.17 -21.47 -55.82
C GLU C 87 -1.14 -22.57 -55.63
N GLY C 88 -1.02 -23.04 -54.38
CA GLY C 88 -0.24 -24.22 -54.07
C GLY C 88 1.27 -24.07 -54.05
N ARG C 89 1.76 -22.86 -54.29
CA ARG C 89 3.21 -22.66 -54.25
C ARG C 89 3.75 -22.75 -52.81
N GLY C 90 4.91 -23.41 -52.68
CA GLY C 90 5.42 -23.77 -51.37
C GLY C 90 6.40 -22.81 -50.75
N TYR C 91 6.27 -22.62 -49.44
CA TYR C 91 7.22 -21.84 -48.66
C TYR C 91 7.92 -22.75 -47.65
N VAL C 92 9.24 -22.84 -47.76
CA VAL C 92 10.04 -23.65 -46.85
C VAL C 92 10.94 -22.75 -46.00
N ASP C 93 10.55 -22.56 -44.74
CA ASP C 93 11.32 -21.70 -43.84
C ASP C 93 12.32 -22.55 -43.10
N MET C 94 13.60 -22.26 -43.35
CA MET C 94 14.71 -23.02 -42.78
C MET C 94 15.39 -22.22 -41.65
N SER C 95 14.88 -21.02 -41.41
CA SER C 95 15.30 -20.18 -40.29
C SER C 95 15.19 -20.91 -38.94
N THR C 96 16.08 -20.61 -38.01
CA THR C 96 15.98 -21.17 -36.67
C THR C 96 15.04 -20.33 -35.82
N VAL C 97 13.92 -20.93 -35.46
CA VAL C 97 12.79 -20.19 -34.94
C VAL C 97 12.07 -21.06 -33.87
N ASP C 98 11.21 -20.46 -33.05
CA ASP C 98 10.48 -21.25 -32.07
C ASP C 98 9.25 -21.88 -32.71
N PRO C 99 8.82 -23.03 -32.17
CA PRO C 99 7.71 -23.80 -32.74
C PRO C 99 6.47 -22.96 -33.01
N ALA C 100 6.16 -22.02 -32.12
CA ALA C 100 4.95 -21.22 -32.27
C ALA C 100 4.99 -20.32 -33.48
N THR C 101 6.14 -19.72 -33.79
CA THR C 101 6.15 -18.82 -34.94
C THR C 101 6.14 -19.57 -36.26
N SER C 102 6.80 -20.72 -36.32
CA SER C 102 6.75 -21.50 -37.54
C SER C 102 5.33 -22.02 -37.80
N GLN C 103 4.62 -22.34 -36.72
CA GLN C 103 3.21 -22.73 -36.85
C GLN C 103 2.32 -21.57 -37.27
N ARG C 104 2.59 -20.40 -36.70
CA ARG C 104 1.80 -19.22 -37.00
C ARG C 104 2.00 -18.85 -38.46
N ILE C 105 3.24 -18.98 -38.94
CA ILE C 105 3.55 -18.69 -40.33
C ILE C 105 2.93 -19.73 -41.26
N GLY C 106 2.97 -20.99 -40.84
CA GLY C 106 2.41 -22.06 -41.64
C GLY C 106 0.92 -21.89 -41.86
N VAL C 107 0.20 -21.63 -40.77
CA VAL C 107 -1.24 -21.45 -40.85
C VAL C 107 -1.59 -20.28 -41.77
N ALA C 108 -0.85 -19.19 -41.64
CA ALA C 108 -1.06 -18.01 -42.47
C ALA C 108 -0.80 -18.30 -43.95
N VAL C 109 0.28 -19.01 -44.25
CA VAL C 109 0.60 -19.35 -45.63
C VAL C 109 -0.48 -20.26 -46.22
N VAL C 110 -0.88 -21.25 -45.43
CA VAL C 110 -1.85 -22.24 -45.87
C VAL C 110 -3.23 -21.61 -46.10
N ALA C 111 -3.62 -20.69 -45.23
CA ALA C 111 -4.89 -19.98 -45.37
C ALA C 111 -4.88 -19.05 -46.59
N LYS C 112 -3.73 -18.96 -47.25
CA LYS C 112 -3.59 -18.12 -48.44
C LYS C 112 -3.55 -18.97 -49.70
N GLY C 113 -3.75 -20.28 -49.53
CA GLY C 113 -3.71 -21.21 -50.64
C GLY C 113 -2.34 -21.82 -50.88
N GLY C 114 -1.34 -21.37 -50.12
CA GLY C 114 0.01 -21.91 -50.25
C GLY C 114 0.24 -23.15 -49.42
N ARG C 115 1.41 -23.78 -49.59
CA ARG C 115 1.79 -24.90 -48.73
C ARG C 115 3.04 -24.53 -47.94
N PHE C 116 3.10 -24.96 -46.68
CA PHE C 116 4.22 -24.63 -45.80
C PHE C 116 4.97 -25.82 -45.24
N LEU C 117 6.28 -25.65 -45.10
CA LEU C 117 7.16 -26.67 -44.56
C LEU C 117 8.25 -25.92 -43.78
N GLU C 118 8.51 -26.33 -42.54
CA GLU C 118 9.68 -25.82 -41.84
C GLU C 118 10.84 -26.80 -42.04
N ALA C 119 12.06 -26.29 -42.08
CA ALA C 119 13.23 -27.16 -42.23
C ALA C 119 14.50 -26.50 -41.72
N PRO C 120 14.56 -26.26 -40.39
CA PRO C 120 15.78 -25.70 -39.82
C PRO C 120 16.91 -26.70 -40.04
N VAL C 121 18.16 -26.25 -39.97
CA VAL C 121 19.26 -27.12 -40.29
C VAL C 121 20.29 -27.15 -39.17
N SER C 122 21.07 -28.24 -39.15
CA SER C 122 22.20 -28.39 -38.26
C SER C 122 23.48 -28.53 -39.08
N GLY C 123 24.52 -27.79 -38.68
CA GLY C 123 25.75 -27.68 -39.45
C GLY C 123 25.96 -26.23 -39.79
N SER C 124 27.20 -25.77 -39.71
CA SER C 124 27.52 -24.34 -39.87
C SER C 124 27.94 -23.94 -41.30
N LYS C 125 28.77 -22.91 -41.39
CA LYS C 125 29.15 -22.32 -42.68
C LYS C 125 29.78 -23.32 -43.66
N LYS C 126 30.77 -24.07 -43.19
CA LYS C 126 31.42 -25.08 -44.03
C LYS C 126 30.47 -26.19 -44.49
N PRO C 127 29.70 -26.78 -43.58
CA PRO C 127 28.74 -27.74 -44.12
C PRO C 127 27.76 -27.10 -45.12
N ALA C 128 27.43 -25.83 -44.92
CA ALA C 128 26.53 -25.15 -45.86
C ALA C 128 27.17 -25.02 -47.25
N GLU C 129 28.44 -24.63 -47.27
CA GLU C 129 29.20 -24.57 -48.52
C GLU C 129 29.35 -25.96 -49.17
N ASP C 130 29.63 -26.97 -48.34
CA ASP C 130 29.89 -28.34 -48.82
C ASP C 130 28.62 -29.09 -49.24
N GLY C 131 27.47 -28.55 -48.84
CA GLY C 131 26.21 -29.25 -49.06
C GLY C 131 26.02 -30.45 -48.15
N THR C 132 26.60 -30.40 -46.95
CA THR C 132 26.46 -31.51 -46.03
C THR C 132 25.63 -31.18 -44.80
N LEU C 133 24.65 -30.29 -44.96
CA LEU C 133 23.80 -29.89 -43.84
C LEU C 133 22.86 -31.03 -43.42
N ILE C 134 22.48 -31.05 -42.15
CA ILE C 134 21.39 -31.90 -41.70
C ILE C 134 20.06 -31.11 -41.74
N ILE C 135 19.08 -31.61 -42.48
CA ILE C 135 17.80 -30.93 -42.68
C ILE C 135 16.70 -31.53 -41.79
N LEU C 136 16.19 -30.72 -40.87
CA LEU C 136 15.19 -31.18 -39.91
C LEU C 136 13.81 -30.64 -40.28
N ALA C 137 13.21 -31.24 -41.31
CA ALA C 137 11.94 -30.78 -41.84
C ALA C 137 10.74 -31.29 -41.05
N ALA C 138 9.65 -30.53 -41.09
CA ALA C 138 8.37 -30.93 -40.51
C ALA C 138 7.27 -30.11 -41.15
N GLY C 139 6.16 -30.76 -41.48
CA GLY C 139 5.07 -30.09 -42.15
C GLY C 139 4.60 -30.78 -43.42
N ASP C 140 4.11 -29.99 -44.35
CA ASP C 140 3.48 -30.49 -45.58
C ASP C 140 4.35 -31.54 -46.27
N ARG C 141 3.96 -32.81 -46.09
CA ARG C 141 4.70 -33.94 -46.62
C ARG C 141 4.88 -33.86 -48.15
N ASN C 142 3.83 -33.43 -48.85
CA ASN C 142 3.91 -33.25 -50.29
C ASN C 142 4.96 -32.22 -50.70
N LEU C 143 5.01 -31.10 -49.98
CA LEU C 143 6.01 -30.07 -50.24
C LEU C 143 7.41 -30.62 -49.99
N TYR C 144 7.52 -31.40 -48.92
CA TYR C 144 8.75 -32.08 -48.58
C TYR C 144 9.30 -32.80 -49.81
N ASP C 145 8.47 -33.64 -50.43
CA ASP C 145 8.91 -34.45 -51.56
C ASP C 145 9.31 -33.62 -52.76
N GLU C 146 8.59 -32.53 -53.01
CA GLU C 146 8.91 -31.69 -54.14
C GLU C 146 10.17 -30.87 -53.87
N ALA C 147 10.41 -30.60 -52.59
CA ALA C 147 11.58 -29.83 -52.20
C ALA C 147 12.85 -30.66 -52.28
N MET C 148 12.71 -31.97 -52.28
CA MET C 148 13.86 -32.88 -52.17
C MET C 148 15.02 -32.60 -53.12
N PRO C 149 14.72 -32.40 -54.41
CA PRO C 149 15.85 -32.14 -55.32
C PRO C 149 16.69 -31.00 -54.79
N GLY C 150 16.04 -30.02 -54.15
CA GLY C 150 16.73 -28.90 -53.56
C GLY C 150 17.44 -29.25 -52.27
N PHE C 151 16.74 -29.96 -51.38
CA PHE C 151 17.35 -30.41 -50.13
C PHE C 151 18.64 -31.20 -50.41
N GLU C 152 18.57 -32.07 -51.42
CA GLU C 152 19.66 -33.00 -51.70
C GLU C 152 20.93 -32.31 -52.23
N LYS C 153 20.79 -31.07 -52.67
CA LYS C 153 21.94 -30.29 -53.10
C LYS C 153 22.46 -29.39 -51.97
N MET C 154 21.70 -29.32 -50.88
CA MET C 154 22.08 -28.41 -49.79
C MET C 154 22.58 -29.16 -48.56
N GLY C 155 22.17 -30.43 -48.43
CA GLY C 155 22.46 -31.21 -47.25
C GLY C 155 22.65 -32.68 -47.55
N LYS C 156 23.15 -33.42 -46.56
CA LYS C 156 23.48 -34.82 -46.77
C LYS C 156 22.46 -35.74 -46.10
N LYS C 157 21.95 -35.31 -44.95
CA LYS C 157 21.00 -36.09 -44.19
C LYS C 157 19.70 -35.31 -44.10
N ILE C 158 18.62 -35.88 -44.65
CA ILE C 158 17.35 -35.16 -44.69
C ILE C 158 16.25 -36.03 -44.11
N ILE C 159 15.54 -35.47 -43.13
CA ILE C 159 14.52 -36.24 -42.43
C ILE C 159 13.22 -35.44 -42.25
N HIS C 160 12.14 -36.17 -41.93
CA HIS C 160 10.84 -35.54 -41.69
C HIS C 160 10.37 -35.90 -40.29
N LEU C 161 10.12 -34.88 -39.47
CA LEU C 161 9.86 -35.08 -38.05
C LEU C 161 8.41 -34.98 -37.63
N GLY C 162 7.52 -34.76 -38.60
CA GLY C 162 6.09 -34.71 -38.33
C GLY C 162 5.45 -33.35 -38.55
N ASP C 163 4.54 -32.97 -37.65
CA ASP C 163 3.83 -31.70 -37.75
C ASP C 163 4.76 -30.50 -37.55
N VAL C 164 4.42 -29.40 -38.19
CA VAL C 164 5.13 -28.15 -38.00
C VAL C 164 5.34 -27.88 -36.51
N GLY C 165 6.56 -27.56 -36.12
CA GLY C 165 6.89 -27.36 -34.73
C GLY C 165 7.91 -28.37 -34.26
N LYS C 166 7.82 -29.59 -34.79
CA LYS C 166 8.73 -30.66 -34.41
C LYS C 166 10.15 -30.42 -34.93
N GLY C 167 10.25 -29.81 -36.10
CA GLY C 167 11.55 -29.47 -36.65
C GLY C 167 12.24 -28.45 -35.76
N ALA C 168 11.50 -27.40 -35.40
CA ALA C 168 12.01 -26.33 -34.55
C ALA C 168 12.42 -26.87 -33.18
N GLU C 169 11.61 -27.77 -32.65
CA GLU C 169 11.88 -28.36 -31.33
C GLU C 169 13.17 -29.17 -31.35
N MET C 170 13.35 -29.99 -32.39
CA MET C 170 14.60 -30.73 -32.56
C MET C 170 15.78 -29.79 -32.72
N LYS C 171 15.62 -28.78 -33.55
CA LYS C 171 16.70 -27.83 -33.76
C LYS C 171 17.12 -27.12 -32.45
N LEU C 172 16.14 -26.68 -31.67
CA LEU C 172 16.46 -25.95 -30.43
C LEU C 172 17.13 -26.86 -29.39
N VAL C 173 16.62 -28.08 -29.29
CA VAL C 173 17.18 -29.06 -28.37
C VAL C 173 18.64 -29.31 -28.67
N VAL C 174 18.93 -29.55 -29.94
CA VAL C 174 20.29 -29.84 -30.35
C VAL C 174 21.25 -28.66 -30.17
N ASN C 175 20.80 -27.46 -30.53
CA ASN C 175 21.65 -26.28 -30.37
C ASN C 175 21.86 -25.86 -28.92
N MET C 176 20.90 -26.20 -28.07
CA MET C 176 21.01 -25.90 -26.66
C MET C 176 22.20 -26.67 -26.12
N VAL C 177 22.27 -27.95 -26.49
CA VAL C 177 23.38 -28.83 -26.10
C VAL C 177 24.70 -28.25 -26.60
N MET C 178 24.68 -27.83 -27.86
CA MET C 178 25.87 -27.25 -28.49
C MET C 178 26.34 -26.01 -27.73
N GLY C 179 25.41 -25.11 -27.46
CA GLY C 179 25.74 -23.89 -26.74
C GLY C 179 26.34 -24.19 -25.38
N GLY C 180 25.72 -25.13 -24.66
CA GLY C 180 26.19 -25.53 -23.35
C GLY C 180 27.56 -26.19 -23.43
N MET C 181 27.75 -27.03 -24.45
CA MET C 181 29.06 -27.65 -24.70
C MET C 181 30.14 -26.59 -24.92
N MET C 182 29.82 -25.58 -25.73
CA MET C 182 30.81 -24.55 -26.06
C MET C 182 31.20 -23.78 -24.80
N ALA C 183 30.21 -23.47 -23.98
CA ALA C 183 30.46 -22.71 -22.76
C ALA C 183 31.36 -23.50 -21.81
N CYS C 184 31.05 -24.78 -21.62
CA CYS C 184 31.88 -25.62 -20.75
C CYS C 184 33.29 -25.82 -21.33
N PHE C 185 33.36 -26.07 -22.62
CA PHE C 185 34.64 -26.18 -23.32
C PHE C 185 35.54 -24.96 -23.06
N CYS C 186 34.98 -23.77 -23.23
CA CYS C 186 35.75 -22.55 -23.07
C CYS C 186 36.16 -22.29 -21.61
N GLU C 187 35.27 -22.62 -20.67
CA GLU C 187 35.63 -22.52 -19.25
C GLU C 187 36.86 -23.39 -18.96
N GLY C 188 36.90 -24.58 -19.53
CA GLY C 188 38.02 -25.49 -19.34
C GLY C 188 39.31 -24.91 -19.90
N LEU C 189 39.24 -24.41 -21.13
CA LEU C 189 40.42 -23.86 -21.77
C LEU C 189 40.95 -22.68 -20.97
N ALA C 190 40.05 -21.82 -20.50
CA ALA C 190 40.46 -20.61 -19.80
C ALA C 190 41.02 -20.98 -18.43
N LEU C 191 40.33 -21.90 -17.75
CA LEU C 191 40.82 -22.40 -16.49
C LEU C 191 42.20 -22.99 -16.67
N GLY C 192 42.35 -23.80 -17.72
CA GLY C 192 43.62 -24.44 -18.00
C GLY C 192 44.71 -23.41 -18.19
N GLU C 193 44.41 -22.38 -18.97
CA GLU C 193 45.41 -21.37 -19.24
C GLU C 193 45.77 -20.60 -17.95
N LYS C 194 44.77 -20.29 -17.12
CA LYS C 194 45.05 -19.58 -15.88
C LYS C 194 45.85 -20.44 -14.89
N ALA C 195 45.68 -21.76 -14.95
CA ALA C 195 46.49 -22.66 -14.12
C ALA C 195 47.92 -22.83 -14.66
N GLY C 196 48.19 -22.24 -15.82
CA GLY C 196 49.52 -22.35 -16.40
C GLY C 196 49.69 -23.56 -17.29
N LEU C 197 48.59 -24.15 -17.73
CA LEU C 197 48.68 -25.28 -18.67
C LEU C 197 48.72 -24.74 -20.10
N ALA C 198 49.47 -25.40 -20.96
CA ALA C 198 49.45 -25.10 -22.39
C ALA C 198 48.12 -25.55 -23.00
N THR C 199 47.44 -24.66 -23.71
CA THR C 199 46.11 -25.03 -24.19
C THR C 199 46.14 -26.02 -25.35
N ASP C 200 47.20 -26.01 -26.15
CA ASP C 200 47.40 -27.10 -27.12
C ASP C 200 47.51 -28.48 -26.44
N ALA C 201 48.14 -28.55 -25.27
CA ALA C 201 48.21 -29.83 -24.55
C ALA C 201 46.83 -30.29 -24.11
N ILE C 202 46.06 -29.35 -23.59
CA ILE C 202 44.69 -29.67 -23.21
C ILE C 202 43.90 -30.22 -24.39
N LEU C 203 44.07 -29.58 -25.53
CA LEU C 203 43.28 -29.92 -26.73
C LEU C 203 43.66 -31.32 -27.20
N ASP C 204 44.93 -31.69 -27.04
CA ASP C 204 45.41 -33.03 -27.40
C ASP C 204 44.78 -34.10 -26.52
N VAL C 205 44.73 -33.84 -25.21
CA VAL C 205 44.12 -34.78 -24.25
C VAL C 205 42.63 -34.96 -24.52
N ILE C 206 41.91 -33.87 -24.69
CA ILE C 206 40.49 -33.98 -25.06
C ILE C 206 40.35 -34.75 -26.37
N GLY C 207 41.16 -34.39 -27.36
CA GLY C 207 41.08 -35.03 -28.66
C GLY C 207 41.34 -36.52 -28.61
N ALA C 208 42.08 -36.97 -27.61
CA ALA C 208 42.45 -38.37 -27.55
C ALA C 208 41.38 -39.24 -26.86
N GLY C 209 40.38 -38.61 -26.26
CA GLY C 209 39.51 -39.28 -25.30
C GLY C 209 38.05 -39.37 -25.73
N ALA C 210 37.17 -39.71 -24.80
CA ALA C 210 35.80 -40.07 -25.14
C ALA C 210 34.93 -38.88 -25.56
N MET C 211 35.33 -37.66 -25.18
CA MET C 211 34.49 -36.53 -25.54
C MET C 211 34.93 -35.80 -26.82
N ALA C 212 35.99 -36.30 -27.44
CA ALA C 212 36.48 -35.70 -28.69
C ALA C 212 35.39 -35.59 -29.75
N ASN C 213 35.26 -34.42 -30.36
CA ASN C 213 34.31 -34.22 -31.43
C ASN C 213 34.84 -33.17 -32.39
N PRO C 214 34.29 -33.14 -33.61
CA PRO C 214 34.71 -32.18 -34.63
C PRO C 214 34.59 -30.72 -34.18
N MET C 215 33.55 -30.38 -33.43
CA MET C 215 33.39 -28.99 -32.97
C MET C 215 34.54 -28.56 -32.07
N PHE C 216 34.89 -29.40 -31.10
CA PHE C 216 35.98 -29.07 -30.18
C PHE C 216 37.30 -29.03 -30.95
N ALA C 217 37.47 -29.98 -31.87
CA ALA C 217 38.71 -30.05 -32.60
C ALA C 217 38.91 -28.74 -33.38
N LEU C 218 37.87 -28.32 -34.08
CA LEU C 218 37.97 -27.14 -34.94
C LEU C 218 38.04 -25.86 -34.10
N LYS C 219 37.04 -25.65 -33.25
CA LYS C 219 36.97 -24.43 -32.44
C LYS C 219 38.15 -24.29 -31.47
N GLY C 220 38.61 -25.40 -30.90
CA GLY C 220 39.84 -25.38 -30.14
C GLY C 220 41.00 -24.81 -30.96
N GLY C 221 41.16 -25.30 -32.19
CA GLY C 221 42.22 -24.81 -33.06
C GLY C 221 42.10 -23.32 -33.34
N LEU C 222 40.89 -22.87 -33.64
CA LEU C 222 40.62 -21.48 -33.92
C LEU C 222 40.87 -20.57 -32.75
N ILE C 223 40.55 -21.03 -31.55
CA ILE C 223 40.78 -20.28 -30.34
C ILE C 223 42.27 -20.15 -30.15
N ARG C 224 42.97 -21.22 -30.36
CA ARG C 224 44.38 -21.17 -30.33
C ARG C 224 44.94 -20.19 -31.38
N ASP C 225 44.38 -20.19 -32.57
CA ASP C 225 44.78 -19.26 -33.61
C ASP C 225 44.34 -17.83 -33.29
N ARG C 226 43.51 -17.66 -32.31
CA ARG C 226 42.86 -16.39 -32.02
C ARG C 226 42.01 -15.88 -33.18
N ASN C 227 41.51 -16.79 -33.99
CA ASN C 227 40.67 -16.50 -35.14
C ASN C 227 39.18 -16.67 -34.82
N PHE C 228 38.46 -15.56 -34.61
CA PHE C 228 37.03 -15.61 -34.30
C PHE C 228 36.11 -15.10 -35.41
N ALA C 229 36.54 -15.24 -36.66
CA ALA C 229 35.69 -14.88 -37.80
C ALA C 229 34.42 -15.70 -37.66
N PRO C 230 33.26 -15.09 -37.92
CA PRO C 230 32.02 -15.82 -37.63
C PRO C 230 31.74 -16.96 -38.61
N ALA C 231 31.51 -18.16 -38.08
CA ALA C 231 30.89 -19.24 -38.86
C ALA C 231 29.44 -19.37 -38.39
N PHE C 232 29.26 -19.47 -37.07
CA PHE C 232 27.94 -19.28 -36.44
C PHE C 232 27.99 -18.02 -35.56
N PRO C 233 27.35 -16.92 -36.01
CA PRO C 233 27.43 -15.66 -35.26
C PRO C 233 26.98 -15.84 -33.83
N LEU C 234 27.75 -15.28 -32.89
CA LEU C 234 27.47 -15.42 -31.48
C LEU C 234 26.06 -14.94 -31.14
N LYS C 235 25.66 -13.82 -31.70
CA LYS C 235 24.32 -13.29 -31.42
C LYS C 235 23.21 -14.29 -31.76
N HIS C 236 23.43 -15.13 -32.77
CA HIS C 236 22.45 -16.14 -33.15
C HIS C 236 22.45 -17.35 -32.19
N MET C 237 23.63 -17.70 -31.69
CA MET C 237 23.71 -18.74 -30.67
C MET C 237 22.94 -18.29 -29.43
N GLN C 238 23.07 -17.02 -29.07
CA GLN C 238 22.37 -16.53 -27.88
C GLN C 238 20.86 -16.58 -28.11
N LYS C 239 20.43 -16.20 -29.30
CA LYS C 239 19.02 -16.26 -29.67
C LYS C 239 18.49 -17.69 -29.53
N ASP C 240 19.24 -18.66 -30.02
CA ASP C 240 18.81 -20.07 -29.94
C ASP C 240 18.66 -20.56 -28.50
N LEU C 241 19.56 -20.13 -27.62
CA LEU C 241 19.47 -20.51 -26.22
C LEU C 241 18.30 -19.81 -25.55
N ARG C 242 18.08 -18.55 -25.91
CA ARG C 242 16.86 -17.87 -25.50
C ARG C 242 15.63 -18.70 -25.84
N LEU C 243 15.52 -19.11 -27.10
CA LEU C 243 14.39 -19.93 -27.54
C LEU C 243 14.33 -21.28 -26.84
N ALA C 244 15.48 -21.90 -26.58
CA ALA C 244 15.50 -23.17 -25.86
C ALA C 244 14.98 -23.00 -24.42
N VAL C 245 15.37 -21.91 -23.76
CA VAL C 245 14.87 -21.63 -22.41
C VAL C 245 13.34 -21.40 -22.41
N ALA C 246 12.83 -20.68 -23.41
CA ALA C 246 11.38 -20.47 -23.55
C ALA C 246 10.65 -21.80 -23.76
N LEU C 247 11.25 -22.68 -24.55
CA LEU C 247 10.68 -24.01 -24.74
C LEU C 247 10.66 -24.79 -23.41
N GLY C 248 11.77 -24.73 -22.66
CA GLY C 248 11.81 -25.31 -21.33
C GLY C 248 10.69 -24.80 -20.45
N ASP C 249 10.60 -23.47 -20.34
CA ASP C 249 9.52 -22.82 -19.61
C ASP C 249 8.17 -23.43 -20.02
N ARG C 250 7.91 -23.49 -21.32
CA ARG C 250 6.63 -23.98 -21.84
C ARG C 250 6.32 -25.45 -21.53
N VAL C 251 7.29 -26.35 -21.76
CA VAL C 251 7.01 -27.77 -21.56
C VAL C 251 7.24 -28.25 -20.13
N GLY C 252 7.70 -27.34 -19.27
CA GLY C 252 7.89 -27.70 -17.88
C GLY C 252 9.19 -28.45 -17.62
N GLN C 253 10.27 -27.98 -18.24
CA GLN C 253 11.59 -28.53 -17.99
C GLN C 253 12.55 -27.45 -17.46
N PRO C 254 12.99 -27.59 -16.19
CA PRO C 254 14.01 -26.66 -15.68
C PRO C 254 15.32 -26.93 -16.43
N LEU C 255 16.03 -25.86 -16.80
CA LEU C 255 17.25 -26.00 -17.59
C LEU C 255 18.38 -25.20 -16.95
N VAL C 256 18.89 -25.68 -15.82
CA VAL C 256 19.84 -24.90 -15.03
C VAL C 256 21.11 -24.58 -15.78
N ALA C 257 21.74 -25.60 -16.35
CA ALA C 257 22.98 -25.41 -17.10
C ALA C 257 22.74 -24.58 -18.37
N SER C 258 21.70 -24.93 -19.12
CA SER C 258 21.43 -24.23 -20.36
C SER C 258 21.10 -22.76 -20.11
N ALA C 259 20.32 -22.50 -19.06
CA ALA C 259 19.97 -21.11 -18.74
C ALA C 259 21.24 -20.32 -18.40
N ALA C 260 22.16 -20.96 -17.69
CA ALA C 260 23.44 -20.33 -17.36
C ALA C 260 24.22 -19.98 -18.64
N ALA C 261 24.22 -20.91 -19.59
CA ALA C 261 24.89 -20.70 -20.87
C ALA C 261 24.26 -19.52 -21.61
N ASN C 262 22.93 -19.45 -21.57
CA ASN C 262 22.21 -18.32 -22.16
C ASN C 262 22.76 -17.02 -21.59
N GLU C 263 22.90 -16.94 -20.27
CA GLU C 263 23.35 -15.70 -19.67
C GLU C 263 24.80 -15.38 -20.03
N LEU C 264 25.64 -16.42 -20.07
CA LEU C 264 27.03 -16.23 -20.44
C LEU C 264 27.16 -15.73 -21.88
N PHE C 265 26.38 -16.30 -22.79
CA PHE C 265 26.34 -15.74 -24.13
C PHE C 265 25.84 -14.30 -24.19
N LYS C 266 24.87 -13.94 -23.34
CA LYS C 266 24.46 -12.54 -23.25
C LYS C 266 25.64 -11.67 -22.84
N GLY C 267 26.44 -12.16 -21.90
CA GLY C 267 27.61 -11.40 -21.48
C GLY C 267 28.56 -11.18 -22.65
N ALA C 268 28.74 -12.22 -23.46
CA ALA C 268 29.59 -12.11 -24.65
C ALA C 268 29.07 -11.02 -25.59
N ARG C 269 27.75 -10.94 -25.77
CA ARG C 269 27.15 -9.87 -26.59
C ARG C 269 27.37 -8.49 -25.99
N ALA C 270 27.10 -8.37 -24.69
CA ALA C 270 27.36 -7.11 -23.99
C ALA C 270 28.81 -6.68 -24.18
N ALA C 271 29.72 -7.64 -24.25
CA ALA C 271 31.14 -7.30 -24.38
C ALA C 271 31.52 -6.90 -25.82
N GLY C 272 30.58 -6.97 -26.76
CA GLY C 272 30.83 -6.58 -28.14
C GLY C 272 31.20 -7.68 -29.12
N PHE C 273 30.93 -8.94 -28.79
CA PHE C 273 31.34 -10.06 -29.65
C PHE C 273 30.20 -10.69 -30.43
N GLY C 274 29.05 -10.03 -30.47
CA GLY C 274 27.86 -10.61 -31.06
C GLY C 274 27.98 -10.99 -32.54
N ASP C 275 28.82 -10.27 -33.27
CA ASP C 275 28.97 -10.57 -34.69
C ASP C 275 30.19 -11.42 -34.96
N GLU C 276 30.85 -11.90 -33.91
CA GLU C 276 31.96 -12.82 -34.09
C GLU C 276 31.42 -14.25 -33.98
N ASP C 277 32.25 -15.26 -34.18
CA ASP C 277 31.81 -16.64 -34.03
C ASP C 277 31.38 -16.91 -32.60
N PHE C 278 30.43 -17.82 -32.40
CA PHE C 278 29.99 -18.12 -31.03
C PHE C 278 31.12 -18.55 -30.08
N SER C 279 32.17 -19.14 -30.65
CA SER C 279 33.35 -19.50 -29.85
C SER C 279 34.04 -18.27 -29.24
N ALA C 280 33.63 -17.07 -29.64
CA ALA C 280 34.20 -15.84 -29.07
C ALA C 280 33.85 -15.71 -27.58
N ILE C 281 32.89 -16.50 -27.12
CA ILE C 281 32.57 -16.50 -25.70
C ILE C 281 33.83 -16.76 -24.89
N PHE C 282 34.78 -17.47 -25.49
CA PHE C 282 36.06 -17.73 -24.83
C PHE C 282 36.71 -16.44 -24.34
N LYS C 283 36.57 -15.37 -25.10
CA LYS C 283 37.20 -14.12 -24.72
C LYS C 283 36.59 -13.48 -23.46
N THR C 284 35.35 -13.84 -23.11
CA THR C 284 34.80 -13.33 -21.86
C THR C 284 35.37 -14.07 -20.66
N TYR C 285 35.87 -15.25 -20.86
CA TYR C 285 36.39 -16.03 -19.76
C TYR C 285 37.79 -15.56 -19.49
N GLU C 286 38.33 -14.78 -20.41
CA GLU C 286 39.70 -14.31 -20.36
C GLU C 286 40.01 -12.83 -20.18
N ARG C 287 41.30 -12.57 -20.35
CA ARG C 287 41.80 -11.24 -20.57
C ARG C 287 40.71 -10.26 -20.27
N SER D 1 43.17 -4.47 36.29
CA SER D 1 42.30 -4.47 35.13
C SER D 1 42.27 -5.85 34.50
N GLN D 2 41.23 -6.11 33.71
CA GLN D 2 41.06 -7.39 33.03
C GLN D 2 42.06 -7.52 31.89
N LYS D 3 42.75 -8.65 31.84
CA LYS D 3 43.78 -8.89 30.83
C LYS D 3 43.23 -9.73 29.66
N PHE D 4 43.40 -9.23 28.43
CA PHE D 4 42.98 -9.95 27.22
C PHE D 4 44.08 -9.90 26.15
N GLY D 5 44.19 -10.98 25.39
CA GLY D 5 45.00 -10.96 24.19
C GLY D 5 44.16 -10.73 22.95
N PHE D 6 44.75 -10.13 21.92
CA PHE D 6 44.04 -9.95 20.66
C PHE D 6 44.95 -10.17 19.46
N ILE D 7 44.58 -11.14 18.63
CA ILE D 7 45.37 -11.53 17.46
C ILE D 7 44.62 -11.23 16.16
N GLY D 8 45.25 -10.45 15.29
CA GLY D 8 44.68 -10.11 13.99
C GLY D 8 44.02 -8.76 14.08
N LEU D 9 44.66 -7.75 13.52
CA LEU D 9 44.14 -6.39 13.65
C LEU D 9 43.75 -5.80 12.29
N GLY D 10 42.86 -6.48 11.56
CA GLY D 10 42.39 -5.96 10.30
C GLY D 10 41.25 -4.98 10.55
N ILE D 11 40.43 -4.73 9.53
CA ILE D 11 39.25 -3.91 9.73
C ILE D 11 38.48 -4.29 11.02
N MET D 12 38.15 -5.57 11.18
CA MET D 12 37.32 -5.98 12.33
C MET D 12 38.11 -6.03 13.62
N GLY D 13 39.26 -6.70 13.58
CA GLY D 13 40.01 -6.97 14.80
C GLY D 13 40.51 -5.69 15.42
N SER D 14 40.93 -4.77 14.57
CA SER D 14 41.39 -3.46 15.01
C SER D 14 40.30 -2.75 15.81
N ALA D 15 39.10 -2.70 15.27
CA ALA D 15 37.99 -2.01 15.92
C ALA D 15 37.57 -2.71 17.21
N MET D 16 37.63 -4.04 17.21
CA MET D 16 37.24 -4.83 18.37
C MET D 16 38.22 -4.64 19.54
N ALA D 17 39.51 -4.75 19.25
CA ALA D 17 40.52 -4.61 20.28
C ALA D 17 40.43 -3.20 20.90
N LYS D 18 40.14 -2.21 20.05
CA LYS D 18 40.05 -0.83 20.51
C LYS D 18 38.93 -0.69 21.54
N ASN D 19 37.86 -1.43 21.35
CA ASN D 19 36.81 -1.44 22.36
C ASN D 19 37.27 -2.04 23.70
N LEU D 20 38.06 -3.10 23.64
CA LEU D 20 38.59 -3.68 24.87
C LEU D 20 39.49 -2.66 25.59
N VAL D 21 40.36 -1.97 24.85
CA VAL D 21 41.25 -0.99 25.46
C VAL D 21 40.45 0.18 26.03
N LYS D 22 39.45 0.63 25.27
CA LYS D 22 38.61 1.75 25.65
C LYS D 22 37.89 1.46 26.96
N ALA D 23 37.41 0.24 27.11
CA ALA D 23 36.69 -0.17 28.31
C ALA D 23 37.64 -0.34 29.49
N GLY D 24 38.94 -0.14 29.23
CA GLY D 24 39.93 -0.18 30.29
C GLY D 24 40.54 -1.54 30.54
N CYS D 25 40.43 -2.45 29.58
CA CYS D 25 41.18 -3.70 29.67
C CYS D 25 42.66 -3.45 29.42
N SER D 26 43.46 -4.39 29.89
CA SER D 26 44.90 -4.42 29.65
C SER D 26 45.11 -5.40 28.51
N VAL D 27 45.34 -4.88 27.32
CA VAL D 27 45.30 -5.71 26.14
C VAL D 27 46.68 -5.93 25.51
N THR D 28 46.99 -7.19 25.23
CA THR D 28 48.22 -7.53 24.52
C THR D 28 47.88 -7.96 23.08
N ILE D 29 48.55 -7.38 22.10
CA ILE D 29 48.14 -7.54 20.70
C ILE D 29 49.24 -8.03 19.78
N TRP D 30 48.84 -8.65 18.68
CA TRP D 30 49.76 -9.06 17.63
C TRP D 30 49.06 -9.03 16.28
N ASN D 31 49.79 -8.62 15.25
CA ASN D 31 49.32 -8.69 13.88
C ASN D 31 50.48 -9.12 12.99
N ARG D 32 50.20 -9.83 11.91
CA ARG D 32 51.28 -10.24 11.01
C ARG D 32 52.06 -9.01 10.56
N SER D 33 51.34 -8.03 10.01
CA SER D 33 51.93 -6.76 9.58
C SER D 33 51.90 -5.76 10.73
N PRO D 34 53.08 -5.39 11.24
CA PRO D 34 53.25 -4.57 12.46
C PRO D 34 52.69 -3.14 12.40
N GLU D 35 52.55 -2.54 11.23
CA GLU D 35 51.98 -1.20 11.14
C GLU D 35 50.57 -1.13 11.71
N LYS D 36 49.82 -2.22 11.57
CA LYS D 36 48.43 -2.28 12.02
C LYS D 36 48.37 -2.32 13.53
N ALA D 37 49.48 -2.71 14.15
CA ALA D 37 49.57 -2.81 15.60
C ALA D 37 50.04 -1.51 16.24
N GLU D 38 50.47 -0.56 15.40
CA GLU D 38 51.02 0.69 15.90
C GLU D 38 49.93 1.57 16.50
N GLU D 39 48.78 1.61 15.84
CA GLU D 39 47.69 2.46 16.29
C GLU D 39 47.22 2.05 17.69
N LEU D 40 47.05 0.75 17.89
CA LEU D 40 46.60 0.22 19.18
C LEU D 40 47.66 0.44 20.27
N ALA D 41 48.92 0.19 19.93
CA ALA D 41 50.01 0.46 20.85
C ALA D 41 49.89 1.89 21.38
N ALA D 42 49.67 2.84 20.48
CA ALA D 42 49.59 4.24 20.86
C ALA D 42 48.42 4.51 21.82
N LEU D 43 47.48 3.58 21.88
CA LEU D 43 46.34 3.71 22.78
C LEU D 43 46.60 3.01 24.11
N GLY D 44 47.75 2.34 24.24
CA GLY D 44 48.13 1.69 25.49
C GLY D 44 48.27 0.17 25.44
N ALA D 45 47.78 -0.45 24.37
CA ALA D 45 47.91 -1.89 24.19
C ALA D 45 49.38 -2.33 24.15
N GLU D 46 49.66 -3.51 24.67
CA GLU D 46 51.02 -4.04 24.71
C GLU D 46 51.32 -4.96 23.51
N ARG D 47 52.33 -4.61 22.73
CA ARG D 47 52.71 -5.41 21.56
C ARG D 47 53.50 -6.66 21.91
N ALA D 48 53.01 -7.81 21.48
CA ALA D 48 53.77 -9.05 21.57
C ALA D 48 54.46 -9.29 20.23
N ALA D 49 55.51 -10.12 20.23
CA ALA D 49 56.23 -10.38 18.99
C ALA D 49 55.61 -11.52 18.16
N THR D 50 55.01 -12.49 18.84
CA THR D 50 54.45 -13.67 18.18
C THR D 50 53.09 -14.01 18.77
N PRO D 51 52.28 -14.81 18.05
CA PRO D 51 51.02 -15.21 18.67
C PRO D 51 51.29 -16.01 19.94
N CSO D 52 52.33 -16.82 19.92
CA CSO D 52 52.70 -17.62 21.08
CB CSO D 52 53.98 -18.41 20.77
SG CSO D 52 54.90 -18.95 22.23
C CSO D 52 52.85 -16.72 22.31
O CSO D 52 52.43 -17.09 23.41
OD CSO D 52 56.64 -19.03 21.87
N GLU D 53 53.42 -15.52 22.13
CA GLU D 53 53.65 -14.59 23.24
C GLU D 53 52.37 -13.97 23.80
N VAL D 54 51.39 -13.70 22.94
CA VAL D 54 50.13 -13.18 23.41
C VAL D 54 49.44 -14.21 24.32
N VAL D 55 49.36 -15.43 23.81
CA VAL D 55 48.66 -16.52 24.48
C VAL D 55 49.40 -17.00 25.73
N GLU D 56 50.72 -16.88 25.75
CA GLU D 56 51.48 -17.18 26.98
C GLU D 56 51.02 -16.24 28.09
N SER D 57 50.79 -14.99 27.71
CA SER D 57 50.64 -13.89 28.66
C SER D 57 49.23 -13.61 29.14
N CYS D 58 48.23 -14.14 28.43
CA CYS D 58 46.85 -13.71 28.66
C CYS D 58 45.92 -14.87 29.04
N PRO D 59 44.96 -14.61 29.95
CA PRO D 59 44.03 -15.67 30.36
C PRO D 59 43.07 -16.01 29.23
N VAL D 60 42.71 -15.00 28.44
CA VAL D 60 41.82 -15.18 27.30
C VAL D 60 42.32 -14.39 26.10
N THR D 61 42.45 -15.06 24.96
CA THR D 61 42.89 -14.38 23.74
C THR D 61 41.88 -14.52 22.60
N PHE D 62 41.49 -13.39 22.01
CA PHE D 62 40.60 -13.39 20.86
C PHE D 62 41.42 -13.35 19.58
N ALA D 63 40.87 -13.89 18.50
CA ALA D 63 41.54 -13.81 17.21
C ALA D 63 40.55 -13.41 16.12
N MET D 64 40.98 -12.54 15.19
CA MET D 64 40.11 -12.11 14.11
C MET D 64 40.85 -12.11 12.78
N LEU D 65 40.97 -13.30 12.18
CA LEU D 65 41.83 -13.54 11.03
C LEU D 65 41.04 -13.68 9.74
N ALA D 66 41.72 -13.52 8.62
CA ALA D 66 41.06 -13.46 7.30
C ALA D 66 40.27 -14.72 6.96
N ASP D 67 40.88 -15.90 7.16
CA ASP D 67 40.35 -17.12 6.56
C ASP D 67 40.93 -18.40 7.17
N PRO D 68 40.38 -19.58 6.79
CA PRO D 68 40.92 -20.82 7.35
C PRO D 68 42.44 -20.92 7.26
N ALA D 69 43.04 -20.57 6.11
CA ALA D 69 44.50 -20.66 5.98
C ALA D 69 45.18 -19.80 7.03
N ALA D 70 44.67 -18.59 7.22
CA ALA D 70 45.23 -17.71 8.22
C ALA D 70 45.06 -18.30 9.62
N ALA D 71 43.85 -18.75 9.93
CA ALA D 71 43.57 -19.29 11.26
C ALA D 71 44.48 -20.45 11.58
N GLU D 72 44.73 -21.29 10.58
CA GLU D 72 45.52 -22.49 10.82
C GLU D 72 47.00 -22.18 10.99
N GLU D 73 47.51 -21.25 10.18
CA GLU D 73 48.89 -20.85 10.25
C GLU D 73 49.23 -20.23 11.60
N VAL D 74 48.32 -19.42 12.12
CA VAL D 74 48.53 -18.75 13.40
C VAL D 74 48.42 -19.75 14.53
N CYS D 75 47.54 -20.73 14.36
CA CYS D 75 47.37 -21.76 15.38
C CYS D 75 48.54 -22.78 15.38
N PHE D 76 48.77 -23.42 14.24
CA PHE D 76 49.74 -24.52 14.12
C PHE D 76 51.15 -24.12 13.69
N GLY D 77 51.34 -22.87 13.29
CA GLY D 77 52.61 -22.42 12.75
C GLY D 77 53.68 -22.17 13.81
N LYS D 78 54.92 -22.05 13.36
CA LYS D 78 56.02 -21.75 14.27
C LYS D 78 55.67 -20.53 15.11
N HIS D 79 55.95 -20.61 16.40
CA HIS D 79 55.62 -19.53 17.33
C HIS D 79 54.13 -19.15 17.29
N GLY D 80 53.27 -20.10 16.95
CA GLY D 80 51.84 -19.85 16.91
C GLY D 80 51.14 -20.11 18.23
N VAL D 81 49.82 -20.04 18.20
CA VAL D 81 49.01 -20.15 19.41
C VAL D 81 49.29 -21.43 20.19
N LEU D 82 49.39 -22.54 19.47
CA LEU D 82 49.60 -23.86 20.07
C LEU D 82 50.89 -23.94 20.91
N GLU D 83 51.96 -23.28 20.46
CA GLU D 83 53.20 -23.25 21.21
C GLU D 83 53.07 -22.53 22.56
N GLY D 84 52.08 -21.67 22.70
CA GLY D 84 51.95 -20.88 23.91
C GLY D 84 50.79 -21.24 24.80
N ILE D 85 49.86 -22.02 24.28
CA ILE D 85 48.64 -22.36 25.00
C ILE D 85 48.90 -23.46 26.05
N GLY D 86 48.14 -23.44 27.14
CA GLY D 86 48.33 -24.41 28.21
C GLY D 86 47.67 -23.96 29.50
N GLU D 87 47.70 -24.83 30.51
CA GLU D 87 47.20 -24.48 31.85
C GLU D 87 45.79 -23.86 31.82
N GLY D 88 44.94 -24.37 30.93
CA GLY D 88 43.58 -23.89 30.84
C GLY D 88 43.38 -22.50 30.25
N ARG D 89 44.46 -21.86 29.79
CA ARG D 89 44.32 -20.57 29.09
C ARG D 89 43.40 -20.71 27.88
N GLY D 90 42.62 -19.67 27.59
CA GLY D 90 41.60 -19.76 26.58
C GLY D 90 41.88 -19.04 25.27
N TYR D 91 41.51 -19.68 24.17
CA TYR D 91 41.65 -19.11 22.85
C TYR D 91 40.26 -19.04 22.26
N VAL D 92 39.87 -17.84 21.84
CA VAL D 92 38.54 -17.61 21.30
C VAL D 92 38.67 -17.13 19.85
N ASP D 93 38.52 -18.03 18.90
CA ASP D 93 38.73 -17.69 17.48
C ASP D 93 37.45 -17.12 16.88
N MET D 94 37.50 -15.85 16.46
CA MET D 94 36.32 -15.16 15.95
C MET D 94 36.34 -15.02 14.43
N SER D 95 37.38 -15.54 13.81
CA SER D 95 37.53 -15.50 12.35
C SER D 95 36.36 -16.26 11.73
N THR D 96 35.99 -15.88 10.50
CA THR D 96 34.99 -16.64 9.77
C THR D 96 35.65 -17.78 8.99
N VAL D 97 35.29 -19.00 9.35
CA VAL D 97 36.07 -20.19 9.02
C VAL D 97 35.07 -21.36 8.83
N ASP D 98 35.49 -22.47 8.23
CA ASP D 98 34.58 -23.63 8.14
C ASP D 98 34.60 -24.44 9.43
N PRO D 99 33.55 -25.23 9.69
CA PRO D 99 33.42 -26.06 10.90
C PRO D 99 34.61 -26.99 11.13
N ALA D 100 35.08 -27.63 10.07
CA ALA D 100 36.19 -28.56 10.20
C ALA D 100 37.40 -27.84 10.77
N THR D 101 37.61 -26.60 10.33
CA THR D 101 38.77 -25.82 10.73
C THR D 101 38.74 -25.44 12.22
N SER D 102 37.62 -24.88 12.67
CA SER D 102 37.52 -24.49 14.06
C SER D 102 37.55 -25.74 14.95
N GLN D 103 36.94 -26.84 14.50
CA GLN D 103 36.98 -28.08 15.28
C GLN D 103 38.41 -28.60 15.45
N ARG D 104 39.15 -28.62 14.35
CA ARG D 104 40.55 -29.03 14.33
C ARG D 104 41.40 -28.18 15.27
N ILE D 105 41.19 -26.86 15.22
CA ILE D 105 41.90 -25.96 16.11
C ILE D 105 41.57 -26.20 17.59
N GLY D 106 40.29 -26.41 17.88
CA GLY D 106 39.86 -26.63 19.25
C GLY D 106 40.41 -27.93 19.81
N VAL D 107 40.31 -29.00 19.04
CA VAL D 107 40.89 -30.27 19.45
C VAL D 107 42.37 -30.10 19.82
N ALA D 108 43.13 -29.47 18.94
CA ALA D 108 44.55 -29.27 19.19
C ALA D 108 44.81 -28.40 20.42
N VAL D 109 44.04 -27.33 20.58
CA VAL D 109 44.16 -26.46 21.75
C VAL D 109 43.87 -27.21 23.06
N VAL D 110 42.77 -27.94 23.09
CA VAL D 110 42.39 -28.76 24.22
C VAL D 110 43.49 -29.79 24.54
N ALA D 111 44.04 -30.40 23.51
CA ALA D 111 45.12 -31.37 23.68
C ALA D 111 46.33 -30.74 24.37
N LYS D 112 46.59 -29.47 24.10
CA LYS D 112 47.67 -28.75 24.76
C LYS D 112 47.27 -28.35 26.16
N GLY D 113 46.05 -28.69 26.57
CA GLY D 113 45.58 -28.33 27.89
C GLY D 113 44.99 -26.93 27.98
N GLY D 114 44.64 -26.34 26.84
CA GLY D 114 43.94 -25.07 26.83
C GLY D 114 42.43 -25.24 26.70
N ARG D 115 41.70 -24.12 26.67
CA ARG D 115 40.26 -24.16 26.38
C ARG D 115 39.98 -23.46 25.04
N PHE D 116 38.98 -23.96 24.31
CA PHE D 116 38.65 -23.36 23.03
C PHE D 116 37.18 -23.01 22.83
N LEU D 117 36.94 -21.84 22.23
CA LEU D 117 35.60 -21.38 21.91
C LEU D 117 35.73 -20.73 20.54
N GLU D 118 34.82 -21.04 19.62
CA GLU D 118 34.73 -20.27 18.37
C GLU D 118 33.67 -19.19 18.54
N ALA D 119 33.87 -18.02 17.94
CA ALA D 119 32.89 -16.94 18.06
C ALA D 119 32.86 -15.98 16.88
N PRO D 120 32.53 -16.49 15.68
CA PRO D 120 32.39 -15.60 14.53
C PRO D 120 31.30 -14.59 14.82
N VAL D 121 31.27 -13.50 14.05
CA VAL D 121 30.34 -12.41 14.33
C VAL D 121 29.56 -11.99 13.09
N SER D 122 28.39 -11.41 13.32
CA SER D 122 27.60 -10.81 12.26
C SER D 122 27.55 -9.30 12.53
N GLY D 123 27.65 -8.50 11.48
CA GLY D 123 27.82 -7.05 11.60
C GLY D 123 29.18 -6.61 11.06
N SER D 124 29.21 -5.48 10.36
CA SER D 124 30.42 -5.07 9.64
C SER D 124 31.30 -4.06 10.41
N LYS D 125 31.95 -3.17 9.67
CA LYS D 125 32.93 -2.28 10.24
C LYS D 125 32.33 -1.31 11.27
N LYS D 126 31.18 -0.73 10.94
CA LYS D 126 30.55 0.23 11.83
C LYS D 126 30.05 -0.45 13.11
N PRO D 127 29.33 -1.58 12.97
CA PRO D 127 28.98 -2.35 14.16
C PRO D 127 30.21 -2.74 15.01
N ALA D 128 31.34 -3.09 14.37
CA ALA D 128 32.56 -3.41 15.12
C ALA D 128 33.03 -2.21 15.93
N GLU D 129 33.03 -1.03 15.29
CA GLU D 129 33.47 0.19 15.95
C GLU D 129 32.52 0.53 17.11
N ASP D 130 31.23 0.41 16.87
CA ASP D 130 30.22 0.76 17.86
C ASP D 130 30.08 -0.30 18.96
N GLY D 131 30.68 -1.47 18.76
CA GLY D 131 30.51 -2.56 19.72
C GLY D 131 29.11 -3.15 19.72
N THR D 132 28.50 -3.19 18.54
CA THR D 132 27.13 -3.71 18.42
C THR D 132 27.10 -4.98 17.56
N LEU D 133 28.18 -5.75 17.63
CA LEU D 133 28.28 -7.01 16.88
C LEU D 133 27.34 -8.07 17.42
N ILE D 134 26.94 -9.00 16.57
CA ILE D 134 26.23 -10.18 17.01
C ILE D 134 27.26 -11.29 17.15
N ILE D 135 27.35 -11.88 18.33
CA ILE D 135 28.41 -12.86 18.56
C ILE D 135 27.86 -14.30 18.65
N LEU D 136 28.32 -15.14 17.74
CA LEU D 136 27.77 -16.48 17.55
C LEU D 136 28.70 -17.53 18.13
N ALA D 137 28.73 -17.64 19.46
CA ALA D 137 29.73 -18.48 20.10
C ALA D 137 29.35 -19.97 20.04
N ALA D 138 30.36 -20.85 20.07
CA ALA D 138 30.13 -22.28 20.16
C ALA D 138 31.38 -22.89 20.75
N GLY D 139 31.20 -23.82 21.69
CA GLY D 139 32.34 -24.45 22.34
C GLY D 139 32.27 -24.36 23.85
N ASP D 140 33.45 -24.29 24.46
CA ASP D 140 33.61 -24.41 25.91
C ASP D 140 32.76 -23.39 26.70
N ARG D 141 31.79 -23.89 27.46
CA ARG D 141 30.87 -23.00 28.17
C ARG D 141 31.58 -22.15 29.22
N ASN D 142 32.55 -22.74 29.90
CA ASN D 142 33.24 -22.00 30.92
C ASN D 142 34.14 -20.90 30.30
N LEU D 143 34.67 -21.14 29.10
CA LEU D 143 35.46 -20.11 28.42
C LEU D 143 34.51 -19.03 27.90
N TYR D 144 33.32 -19.44 27.49
CA TYR D 144 32.27 -18.50 27.11
C TYR D 144 32.00 -17.50 28.24
N ASP D 145 31.79 -18.01 29.44
CA ASP D 145 31.54 -17.16 30.59
C ASP D 145 32.73 -16.24 30.84
N GLU D 146 33.92 -16.78 30.72
CA GLU D 146 35.11 -16.02 31.08
C GLU D 146 35.38 -14.88 30.10
N ALA D 147 35.05 -15.11 28.82
CA ALA D 147 35.22 -14.09 27.80
C ALA D 147 34.08 -13.06 27.80
N MET D 148 33.05 -13.33 28.61
CA MET D 148 31.83 -12.53 28.52
C MET D 148 32.06 -11.02 28.73
N PRO D 149 32.89 -10.65 29.71
CA PRO D 149 33.16 -9.22 29.88
C PRO D 149 33.75 -8.58 28.62
N GLY D 150 34.50 -9.34 27.82
CA GLY D 150 35.04 -8.82 26.57
C GLY D 150 33.98 -8.75 25.48
N PHE D 151 33.28 -9.87 25.30
CA PHE D 151 32.16 -9.94 24.35
C PHE D 151 31.22 -8.77 24.54
N GLU D 152 30.98 -8.40 25.79
CA GLU D 152 29.99 -7.36 26.08
C GLU D 152 30.46 -5.97 25.65
N LYS D 153 31.77 -5.84 25.46
CA LYS D 153 32.33 -4.58 25.01
C LYS D 153 32.49 -4.57 23.50
N MET D 154 32.35 -5.75 22.88
CA MET D 154 32.56 -5.85 21.44
C MET D 154 31.26 -6.04 20.69
N GLY D 155 30.22 -6.51 21.40
CA GLY D 155 28.95 -6.83 20.79
C GLY D 155 27.74 -6.50 21.65
N LYS D 156 26.56 -6.52 21.04
CA LYS D 156 25.31 -6.22 21.74
C LYS D 156 24.47 -7.48 21.99
N LYS D 157 24.61 -8.48 21.11
CA LYS D 157 23.84 -9.71 21.22
C LYS D 157 24.81 -10.88 21.22
N ILE D 158 24.81 -11.65 22.29
CA ILE D 158 25.74 -12.75 22.44
C ILE D 158 24.98 -14.04 22.70
N ILE D 159 25.28 -15.08 21.93
CA ILE D 159 24.61 -16.37 22.08
C ILE D 159 25.62 -17.51 21.99
N HIS D 160 25.18 -18.69 22.42
CA HIS D 160 26.00 -19.89 22.43
C HIS D 160 25.22 -20.99 21.72
N LEU D 161 25.76 -21.48 20.59
CA LEU D 161 25.01 -22.36 19.68
C LEU D 161 25.25 -23.86 19.91
N GLY D 162 26.07 -24.20 20.90
CA GLY D 162 26.36 -25.59 21.18
C GLY D 162 27.82 -25.94 21.00
N ASP D 163 28.09 -27.14 20.48
CA ASP D 163 29.45 -27.66 20.25
C ASP D 163 30.21 -26.85 19.21
N VAL D 164 31.54 -26.87 19.29
CA VAL D 164 32.37 -26.23 18.29
C VAL D 164 31.93 -26.68 16.90
N GLY D 165 31.73 -25.71 16.02
CA GLY D 165 31.29 -26.01 14.67
C GLY D 165 29.93 -25.40 14.40
N LYS D 166 29.12 -25.28 15.45
CA LYS D 166 27.79 -24.71 15.30
C LYS D 166 27.82 -23.20 15.03
N GLY D 167 28.79 -22.50 15.63
CA GLY D 167 28.97 -21.08 15.36
C GLY D 167 29.35 -20.88 13.90
N ALA D 168 30.24 -21.71 13.40
CA ALA D 168 30.74 -21.56 12.04
C ALA D 168 29.63 -21.86 11.01
N GLU D 169 28.83 -22.88 11.27
CA GLU D 169 27.72 -23.23 10.38
C GLU D 169 26.67 -22.14 10.31
N MET D 170 26.32 -21.58 11.46
CA MET D 170 25.38 -20.47 11.50
C MET D 170 25.91 -19.29 10.70
N LYS D 171 27.17 -18.94 10.95
CA LYS D 171 27.79 -17.78 10.29
C LYS D 171 27.81 -17.97 8.77
N LEU D 172 28.18 -19.17 8.34
CA LEU D 172 28.24 -19.45 6.90
C LEU D 172 26.86 -19.41 6.27
N VAL D 173 25.87 -19.96 6.97
CA VAL D 173 24.51 -19.96 6.45
C VAL D 173 24.00 -18.53 6.26
N VAL D 174 24.16 -17.68 7.27
CA VAL D 174 23.64 -16.33 7.15
C VAL D 174 24.40 -15.51 6.12
N ASN D 175 25.71 -15.68 6.05
CA ASN D 175 26.50 -14.91 5.07
C ASN D 175 26.23 -15.38 3.64
N MET D 176 25.88 -16.65 3.50
CA MET D 176 25.58 -17.18 2.20
C MET D 176 24.34 -16.45 1.72
N VAL D 177 23.34 -16.34 2.59
CA VAL D 177 22.14 -15.61 2.24
C VAL D 177 22.45 -14.15 1.88
N MET D 178 23.25 -13.50 2.71
CA MET D 178 23.66 -12.12 2.45
C MET D 178 24.40 -11.93 1.12
N GLY D 179 25.31 -12.85 0.79
CA GLY D 179 26.05 -12.78 -0.46
C GLY D 179 25.13 -12.89 -1.65
N GLY D 180 24.17 -13.82 -1.59
CA GLY D 180 23.18 -13.98 -2.63
C GLY D 180 22.31 -12.73 -2.78
N MET D 181 21.92 -12.16 -1.64
CA MET D 181 21.07 -10.98 -1.62
C MET D 181 21.78 -9.83 -2.32
N MET D 182 23.05 -9.66 -1.97
CA MET D 182 23.85 -8.60 -2.57
C MET D 182 23.94 -8.80 -4.08
N ALA D 183 24.16 -10.04 -4.50
CA ALA D 183 24.30 -10.35 -5.91
C ALA D 183 23.03 -9.99 -6.66
N CYS D 184 21.87 -10.38 -6.09
CA CYS D 184 20.57 -10.16 -6.75
C CYS D 184 20.17 -8.69 -6.72
N PHE D 185 20.41 -8.04 -5.59
CA PHE D 185 20.16 -6.60 -5.44
C PHE D 185 20.92 -5.86 -6.52
N CYS D 186 22.16 -6.25 -6.75
CA CYS D 186 23.01 -5.59 -7.74
C CYS D 186 22.57 -5.88 -9.19
N GLU D 187 22.14 -7.11 -9.47
CA GLU D 187 21.60 -7.42 -10.80
C GLU D 187 20.40 -6.52 -11.07
N GLY D 188 19.56 -6.34 -10.06
CA GLY D 188 18.39 -5.50 -10.18
C GLY D 188 18.74 -4.05 -10.47
N LEU D 189 19.68 -3.51 -9.70
CA LEU D 189 20.10 -2.12 -9.88
C LEU D 189 20.69 -1.91 -11.29
N ALA D 190 21.45 -2.88 -11.78
CA ALA D 190 22.07 -2.75 -13.10
C ALA D 190 21.04 -2.94 -14.21
N LEU D 191 20.11 -3.87 -14.00
CA LEU D 191 19.04 -4.06 -14.97
C LEU D 191 18.20 -2.80 -15.07
N GLY D 192 17.80 -2.26 -13.92
CA GLY D 192 16.96 -1.07 -13.88
C GLY D 192 17.62 0.08 -14.58
N GLU D 193 18.91 0.27 -14.31
CA GLU D 193 19.72 1.29 -14.96
C GLU D 193 19.66 1.17 -16.48
N LYS D 194 19.80 -0.03 -17.01
CA LYS D 194 19.86 -0.21 -18.45
C LYS D 194 18.48 -0.05 -19.07
N ALA D 195 17.46 -0.35 -18.28
CA ALA D 195 16.08 -0.16 -18.72
C ALA D 195 15.70 1.34 -18.71
N GLY D 196 16.53 2.14 -18.04
CA GLY D 196 16.32 3.57 -18.01
C GLY D 196 15.66 4.13 -16.77
N LEU D 197 15.54 3.31 -15.73
CA LEU D 197 14.97 3.75 -14.45
C LEU D 197 16.00 4.55 -13.64
N ALA D 198 15.52 5.44 -12.76
CA ALA D 198 16.41 6.15 -11.84
C ALA D 198 16.77 5.29 -10.63
N THR D 199 18.07 5.19 -10.34
CA THR D 199 18.54 4.42 -9.19
C THR D 199 17.80 4.78 -7.91
N ASP D 200 17.60 6.08 -7.68
CA ASP D 200 16.83 6.52 -6.51
C ASP D 200 15.38 6.05 -6.55
N ALA D 201 14.82 5.94 -7.74
CA ALA D 201 13.45 5.46 -7.88
C ALA D 201 13.34 4.00 -7.44
N ILE D 202 14.28 3.17 -7.89
CA ILE D 202 14.29 1.75 -7.53
C ILE D 202 14.50 1.57 -6.03
N LEU D 203 15.44 2.35 -5.49
CA LEU D 203 15.78 2.27 -4.08
C LEU D 203 14.58 2.58 -3.22
N ASP D 204 13.85 3.64 -3.59
CA ASP D 204 12.69 4.06 -2.81
CA ASP D 204 12.67 4.08 -2.85
C ASP D 204 11.57 3.01 -2.83
N VAL D 205 11.34 2.40 -3.99
CA VAL D 205 10.32 1.36 -4.08
C VAL D 205 10.70 0.20 -3.16
N ILE D 206 11.95 -0.24 -3.25
CA ILE D 206 12.45 -1.34 -2.44
C ILE D 206 12.40 -1.02 -0.95
N GLY D 207 12.85 0.17 -0.58
CA GLY D 207 12.79 0.64 0.79
C GLY D 207 11.39 0.74 1.37
N ALA D 208 10.38 0.73 0.51
CA ALA D 208 9.00 0.88 0.98
C ALA D 208 8.26 -0.46 1.16
N GLY D 209 8.86 -1.55 0.70
CA GLY D 209 8.17 -2.84 0.63
C GLY D 209 8.72 -3.92 1.55
N ALA D 210 8.28 -5.16 1.32
CA ALA D 210 8.59 -6.26 2.24
C ALA D 210 10.08 -6.67 2.27
N MET D 211 10.85 -6.24 1.26
CA MET D 211 12.27 -6.58 1.17
C MET D 211 13.17 -5.59 1.93
N ALA D 212 12.61 -4.45 2.31
CA ALA D 212 13.44 -3.37 2.85
C ALA D 212 14.31 -3.82 4.01
N ASN D 213 15.59 -3.47 3.96
CA ASN D 213 16.48 -3.83 5.05
C ASN D 213 17.66 -2.86 5.12
N PRO D 214 18.28 -2.77 6.30
CA PRO D 214 19.41 -1.85 6.50
C PRO D 214 20.52 -2.06 5.49
N MET D 215 20.83 -3.32 5.13
CA MET D 215 21.90 -3.54 4.16
C MET D 215 21.61 -2.89 2.80
N PHE D 216 20.44 -3.18 2.21
CA PHE D 216 20.08 -2.57 0.93
C PHE D 216 20.09 -1.03 1.04
N ALA D 217 19.60 -0.52 2.16
CA ALA D 217 19.50 0.93 2.34
C ALA D 217 20.89 1.59 2.33
N LEU D 218 21.82 1.03 3.09
CA LEU D 218 23.17 1.57 3.19
C LEU D 218 23.94 1.32 1.89
N LYS D 219 23.96 0.07 1.43
CA LYS D 219 24.75 -0.28 0.26
C LYS D 219 24.20 0.35 -1.02
N GLY D 220 22.88 0.47 -1.09
CA GLY D 220 22.24 1.11 -2.24
C GLY D 220 22.74 2.54 -2.42
N GLY D 221 22.79 3.29 -1.32
CA GLY D 221 23.24 4.66 -1.35
C GLY D 221 24.70 4.79 -1.72
N LEU D 222 25.53 3.87 -1.24
CA LEU D 222 26.94 3.89 -1.56
C LEU D 222 27.12 3.51 -3.01
N ILE D 223 26.40 2.48 -3.62
CA ILE D 223 26.39 2.14 -5.03
C ILE D 223 25.96 3.35 -5.85
N ARG D 224 24.91 4.00 -5.46
CA ARG D 224 24.51 5.15 -6.24
C ARG D 224 25.65 6.18 -6.36
N ASP D 225 26.37 6.39 -5.26
CA ASP D 225 27.48 7.34 -5.20
C ASP D 225 28.81 6.77 -5.68
N ARG D 226 28.79 5.53 -6.18
CA ARG D 226 30.01 4.87 -6.66
C ARG D 226 31.14 4.87 -5.62
N ASN D 227 30.77 4.76 -4.35
CA ASN D 227 31.74 4.70 -3.25
C ASN D 227 31.88 3.26 -2.74
N PHE D 228 33.03 2.64 -2.99
CA PHE D 228 33.22 1.24 -2.61
C PHE D 228 34.33 1.02 -1.60
N ALA D 229 34.57 2.00 -0.74
CA ALA D 229 35.52 1.85 0.36
C ALA D 229 35.17 0.60 1.19
N PRO D 230 36.16 -0.22 1.52
CA PRO D 230 35.93 -1.53 2.14
C PRO D 230 35.32 -1.42 3.53
N ALA D 231 34.17 -2.06 3.73
CA ALA D 231 33.67 -2.28 5.08
C ALA D 231 33.75 -3.79 5.31
N PHE D 232 33.16 -4.55 4.38
CA PHE D 232 33.35 -5.99 4.30
C PHE D 232 34.04 -6.30 2.98
N PRO D 233 35.37 -6.53 3.01
CA PRO D 233 36.17 -6.77 1.80
C PRO D 233 35.61 -7.86 0.88
N LEU D 234 35.50 -7.52 -0.39
CA LEU D 234 34.91 -8.43 -1.37
C LEU D 234 35.58 -9.81 -1.33
N LYS D 235 36.91 -9.84 -1.21
CA LYS D 235 37.64 -11.11 -1.16
C LYS D 235 37.15 -12.02 -0.01
N HIS D 236 36.74 -11.41 1.10
CA HIS D 236 36.28 -12.19 2.24
C HIS D 236 34.85 -12.68 2.03
N MET D 237 34.04 -11.87 1.36
CA MET D 237 32.69 -12.33 1.01
C MET D 237 32.80 -13.56 0.11
N GLN D 238 33.69 -13.50 -0.88
CA GLN D 238 33.82 -14.63 -1.81
C GLN D 238 34.27 -15.89 -1.05
N LYS D 239 35.21 -15.70 -0.14
CA LYS D 239 35.72 -16.78 0.72
C LYS D 239 34.57 -17.45 1.48
N ASP D 240 33.66 -16.63 1.99
CA ASP D 240 32.56 -17.13 2.76
C ASP D 240 31.62 -17.96 1.88
N LEU D 241 31.41 -17.52 0.63
CA LEU D 241 30.58 -18.28 -0.31
C LEU D 241 31.24 -19.62 -0.69
N ARG D 242 32.53 -19.59 -0.92
CA ARG D 242 33.34 -20.78 -1.08
C ARG D 242 33.08 -21.76 0.08
N LEU D 243 33.21 -21.28 1.32
CA LEU D 243 33.02 -22.17 2.46
C LEU D 243 31.59 -22.67 2.55
N ALA D 244 30.62 -21.79 2.30
CA ALA D 244 29.22 -22.20 2.32
C ALA D 244 28.96 -23.31 1.33
N VAL D 245 29.51 -23.15 0.13
CA VAL D 245 29.29 -24.14 -0.91
C VAL D 245 29.95 -25.46 -0.57
N ALA D 246 31.11 -25.41 0.11
CA ALA D 246 31.78 -26.61 0.58
C ALA D 246 30.95 -27.32 1.66
N LEU D 247 30.28 -26.53 2.50
CA LEU D 247 29.44 -27.09 3.55
C LEU D 247 28.25 -27.80 2.91
N GLY D 248 27.62 -27.13 1.93
CA GLY D 248 26.58 -27.72 1.13
C GLY D 248 27.06 -29.04 0.56
N ASP D 249 28.28 -29.05 0.04
CA ASP D 249 28.86 -30.27 -0.52
C ASP D 249 28.92 -31.36 0.57
N ARG D 250 29.39 -31.01 1.76
CA ARG D 250 29.55 -32.00 2.81
C ARG D 250 28.23 -32.58 3.34
N VAL D 251 27.19 -31.75 3.49
CA VAL D 251 25.95 -32.24 4.07
C VAL D 251 24.91 -32.66 3.04
N GLY D 252 25.29 -32.66 1.76
CA GLY D 252 24.40 -33.12 0.70
C GLY D 252 23.28 -32.16 0.34
N GLN D 253 23.59 -30.87 0.29
CA GLN D 253 22.65 -29.84 -0.11
C GLN D 253 23.11 -29.10 -1.37
N PRO D 254 22.39 -29.30 -2.49
CA PRO D 254 22.68 -28.49 -3.68
C PRO D 254 22.32 -27.02 -3.41
N LEU D 255 23.14 -26.12 -3.93
CA LEU D 255 22.97 -24.69 -3.71
C LEU D 255 23.18 -23.97 -5.04
N VAL D 256 22.30 -24.25 -6.01
CA VAL D 256 22.41 -23.66 -7.34
C VAL D 256 22.58 -22.13 -7.28
N ALA D 257 21.73 -21.45 -6.53
CA ALA D 257 21.78 -19.99 -6.47
C ALA D 257 23.03 -19.47 -5.78
N SER D 258 23.36 -20.06 -4.64
CA SER D 258 24.52 -19.58 -3.89
C SER D 258 25.83 -19.89 -4.64
N ALA D 259 25.85 -21.00 -5.38
CA ALA D 259 27.02 -21.33 -6.19
C ALA D 259 27.18 -20.31 -7.30
N ALA D 260 26.07 -19.87 -7.87
CA ALA D 260 26.13 -18.83 -8.89
C ALA D 260 26.71 -17.55 -8.28
N ALA D 261 26.24 -17.17 -7.10
CA ALA D 261 26.76 -15.98 -6.42
C ALA D 261 28.26 -16.10 -6.12
N ASN D 262 28.69 -17.30 -5.72
CA ASN D 262 30.12 -17.57 -5.53
C ASN D 262 30.93 -17.22 -6.80
N GLU D 263 30.47 -17.70 -7.95
CA GLU D 263 31.21 -17.46 -9.19
C GLU D 263 31.17 -15.98 -9.60
N LEU D 264 30.05 -15.32 -9.33
CA LEU D 264 29.97 -13.88 -9.65
C LEU D 264 30.91 -13.08 -8.79
N PHE D 265 30.99 -13.40 -7.50
CA PHE D 265 32.00 -12.77 -6.66
C PHE D 265 33.43 -13.11 -7.10
N LYS D 266 33.67 -14.33 -7.56
CA LYS D 266 35.00 -14.63 -8.14
C LYS D 266 35.29 -13.75 -9.35
N GLY D 267 34.25 -13.46 -10.13
CA GLY D 267 34.40 -12.58 -11.28
C GLY D 267 34.82 -11.19 -10.81
N ALA D 268 34.17 -10.69 -9.76
CA ALA D 268 34.56 -9.41 -9.21
C ALA D 268 36.00 -9.42 -8.71
N ARG D 269 36.44 -10.50 -8.07
CA ARG D 269 37.84 -10.60 -7.65
CA ARG D 269 37.84 -10.60 -7.65
C ARG D 269 38.77 -10.50 -8.85
N ALA D 270 38.44 -11.23 -9.92
CA ALA D 270 39.27 -11.25 -11.12
C ALA D 270 39.33 -9.88 -11.78
N ALA D 271 38.30 -9.07 -11.59
CA ALA D 271 38.26 -7.73 -12.18
C ALA D 271 39.05 -6.74 -11.36
N GLY D 272 39.54 -7.19 -10.21
CA GLY D 272 40.42 -6.37 -9.39
C GLY D 272 39.78 -5.71 -8.19
N PHE D 273 38.57 -6.13 -7.84
CA PHE D 273 37.82 -5.46 -6.78
C PHE D 273 37.90 -6.17 -5.42
N GLY D 274 38.80 -7.13 -5.26
CA GLY D 274 38.87 -7.94 -4.06
C GLY D 274 39.07 -7.15 -2.76
N ASP D 275 39.73 -6.00 -2.84
CA ASP D 275 40.02 -5.23 -1.62
C ASP D 275 39.02 -4.11 -1.36
N GLU D 276 38.06 -3.98 -2.27
CA GLU D 276 36.99 -3.00 -2.11
C GLU D 276 35.84 -3.65 -1.37
N ASP D 277 34.79 -2.87 -1.09
CA ASP D 277 33.64 -3.43 -0.40
C ASP D 277 33.00 -4.49 -1.27
N PHE D 278 32.29 -5.43 -0.64
CA PHE D 278 31.72 -6.51 -1.44
C PHE D 278 30.59 -6.00 -2.31
N SER D 279 30.12 -4.79 -2.02
CA SER D 279 29.13 -4.12 -2.87
C SER D 279 29.70 -3.79 -4.27
N ALA D 280 31.02 -3.89 -4.43
CA ALA D 280 31.66 -3.59 -5.69
C ALA D 280 31.36 -4.63 -6.77
N ILE D 281 30.76 -5.75 -6.39
CA ILE D 281 30.33 -6.71 -7.40
C ILE D 281 29.44 -5.97 -8.39
N PHE D 282 28.77 -4.93 -7.92
CA PHE D 282 27.90 -4.13 -8.80
C PHE D 282 28.61 -3.70 -10.08
N LYS D 283 29.89 -3.37 -9.96
CA LYS D 283 30.63 -2.85 -11.10
C LYS D 283 30.83 -3.90 -12.20
N THR D 284 30.77 -5.17 -11.84
CA THR D 284 30.91 -6.22 -12.85
C THR D 284 29.65 -6.34 -13.72
N TYR D 285 28.50 -5.91 -13.20
CA TYR D 285 27.27 -5.94 -13.99
C TYR D 285 27.18 -4.67 -14.83
N GLU D 286 28.12 -3.77 -14.58
CA GLU D 286 28.16 -2.47 -15.23
C GLU D 286 29.13 -2.50 -16.41
N SER E 1 -50.57 64.61 -3.32
CA SER E 1 -50.05 63.80 -4.42
C SER E 1 -50.78 62.47 -4.48
N GLN E 2 -50.02 61.38 -4.51
CA GLN E 2 -50.60 60.05 -4.54
C GLN E 2 -50.92 59.59 -3.12
N LYS E 3 -52.00 58.85 -2.94
CA LYS E 3 -52.39 58.39 -1.61
C LYS E 3 -51.89 56.96 -1.35
N PHE E 4 -51.15 56.78 -0.24
CA PHE E 4 -50.76 55.42 0.17
C PHE E 4 -51.13 55.13 1.61
N GLY E 5 -51.45 53.88 1.91
CA GLY E 5 -51.60 53.44 3.29
C GLY E 5 -50.30 52.81 3.74
N PHE E 6 -50.00 52.86 5.04
CA PHE E 6 -48.85 52.16 5.57
C PHE E 6 -49.11 51.55 6.94
N ILE E 7 -48.82 50.26 7.06
CA ILE E 7 -49.16 49.45 8.23
C ILE E 7 -47.92 48.77 8.78
N GLY E 8 -47.61 49.07 10.04
CA GLY E 8 -46.45 48.52 10.72
C GLY E 8 -45.32 49.53 10.67
N LEU E 9 -45.11 50.25 11.77
CA LEU E 9 -44.14 51.33 11.80
C LEU E 9 -42.96 50.97 12.71
N GLY E 10 -42.38 49.80 12.49
CA GLY E 10 -41.19 49.42 13.23
C GLY E 10 -39.94 50.06 12.64
N ILE E 11 -38.79 49.48 12.94
CA ILE E 11 -37.53 49.97 12.39
C ILE E 11 -37.63 50.23 10.89
N MET E 12 -38.07 49.22 10.14
CA MET E 12 -38.11 49.35 8.67
C MET E 12 -39.30 50.16 8.21
N GLY E 13 -40.48 49.82 8.74
CA GLY E 13 -41.72 50.42 8.32
C GLY E 13 -41.79 51.93 8.57
N SER E 14 -41.27 52.38 9.70
CA SER E 14 -41.31 53.80 9.98
C SER E 14 -40.42 54.59 9.02
N ALA E 15 -39.25 54.04 8.70
CA ALA E 15 -38.34 54.73 7.77
C ALA E 15 -38.92 54.74 6.35
N MET E 16 -39.52 53.62 5.94
CA MET E 16 -40.13 53.55 4.63
C MET E 16 -41.31 54.53 4.50
N ALA E 17 -42.21 54.52 5.49
CA ALA E 17 -43.34 55.46 5.49
C ALA E 17 -42.85 56.92 5.47
N LYS E 18 -41.78 57.18 6.20
CA LYS E 18 -41.25 58.54 6.28
C LYS E 18 -40.85 58.99 4.88
N ASN E 19 -40.31 58.05 4.11
CA ASN E 19 -39.88 58.37 2.76
C ASN E 19 -41.04 58.72 1.86
N LEU E 20 -42.16 58.01 2.03
CA LEU E 20 -43.37 58.34 1.29
C LEU E 20 -43.87 59.74 1.67
N VAL E 21 -43.90 60.00 2.97
CA VAL E 21 -44.37 61.30 3.46
C VAL E 21 -43.46 62.42 2.95
N LYS E 22 -42.16 62.19 3.04
CA LYS E 22 -41.21 63.22 2.63
C LYS E 22 -41.21 63.46 1.12
N ALA E 23 -41.81 62.55 0.36
CA ALA E 23 -41.86 62.71 -1.09
C ALA E 23 -43.20 63.28 -1.58
N GLY E 24 -43.99 63.83 -0.67
CA GLY E 24 -45.22 64.48 -1.04
C GLY E 24 -46.46 63.59 -0.98
N CYS E 25 -46.29 62.32 -0.64
CA CYS E 25 -47.43 61.42 -0.64
C CYS E 25 -48.41 61.77 0.47
N SER E 26 -49.68 61.46 0.24
CA SER E 26 -50.70 61.56 1.27
C SER E 26 -50.76 60.18 1.94
N VAL E 27 -50.14 60.06 3.11
CA VAL E 27 -49.97 58.75 3.74
C VAL E 27 -50.87 58.54 4.96
N THR E 28 -51.59 57.42 4.98
CA THR E 28 -52.44 57.07 6.11
C THR E 28 -51.77 55.92 6.83
N ILE E 29 -51.54 56.06 8.13
CA ILE E 29 -50.69 55.09 8.84
C ILE E 29 -51.39 54.38 10.01
N TRP E 30 -50.92 53.17 10.30
CA TRP E 30 -51.37 52.41 11.47
C TRP E 30 -50.27 51.55 12.04
N ASN E 31 -50.19 51.49 13.36
CA ASN E 31 -49.29 50.58 14.02
C ASN E 31 -49.95 50.04 15.28
N ARG E 32 -49.69 48.78 15.61
CA ARG E 32 -50.23 48.18 16.82
C ARG E 32 -49.96 49.10 18.01
N SER E 33 -48.73 49.60 18.11
CA SER E 33 -48.39 50.59 19.14
C SER E 33 -48.37 51.97 18.52
N PRO E 34 -49.40 52.78 18.79
CA PRO E 34 -49.69 54.03 18.08
C PRO E 34 -48.68 55.17 18.30
N GLU E 35 -47.85 55.08 19.34
CA GLU E 35 -46.86 56.11 19.57
C GLU E 35 -45.78 56.11 18.49
N LYS E 36 -45.60 54.98 17.82
CA LYS E 36 -44.61 54.93 16.76
C LYS E 36 -45.10 55.72 15.54
N ALA E 37 -46.35 56.18 15.61
CA ALA E 37 -46.94 57.02 14.55
C ALA E 37 -46.76 58.51 14.79
N GLU E 38 -46.25 58.89 15.95
CA GLU E 38 -46.25 60.29 16.34
C GLU E 38 -45.35 61.16 15.48
N GLU E 39 -44.21 60.62 15.08
N GLU E 39 -44.19 60.65 15.11
CA GLU E 39 -43.23 61.36 14.29
CA GLU E 39 -43.28 61.45 14.28
C GLU E 39 -43.69 61.54 12.84
C GLU E 39 -43.91 61.65 12.91
N LEU E 40 -44.48 60.59 12.36
CA LEU E 40 -45.07 60.69 11.03
C LEU E 40 -46.29 61.61 11.03
N ALA E 41 -47.11 61.51 12.06
CA ALA E 41 -48.29 62.36 12.20
C ALA E 41 -47.87 63.82 12.17
N ALA E 42 -46.80 64.14 12.90
CA ALA E 42 -46.28 65.50 12.96
C ALA E 42 -45.71 65.93 11.60
N LEU E 43 -45.40 64.97 10.74
CA LEU E 43 -44.95 65.30 9.40
C LEU E 43 -46.15 65.42 8.45
N GLY E 44 -47.35 65.28 9.00
CA GLY E 44 -48.56 65.47 8.22
C GLY E 44 -49.30 64.19 7.83
N ALA E 45 -48.75 63.04 8.22
CA ALA E 45 -49.38 61.75 7.92
C ALA E 45 -50.68 61.61 8.71
N GLU E 46 -51.66 60.91 8.13
CA GLU E 46 -52.94 60.73 8.81
C GLU E 46 -53.05 59.40 9.58
N ARG E 47 -53.42 59.47 10.86
CA ARG E 47 -53.65 58.27 11.66
C ARG E 47 -54.96 57.60 11.29
N ALA E 48 -54.91 56.28 11.14
CA ALA E 48 -56.12 55.47 11.06
C ALA E 48 -56.23 54.71 12.38
N ALA E 49 -57.47 54.39 12.76
CA ALA E 49 -57.72 53.73 14.02
C ALA E 49 -57.35 52.24 13.96
N THR E 50 -57.49 51.62 12.78
CA THR E 50 -57.34 50.18 12.63
C THR E 50 -56.78 49.87 11.25
N PRO E 51 -56.27 48.64 11.08
CA PRO E 51 -55.76 48.28 9.74
C PRO E 51 -56.86 48.37 8.70
N CSO E 52 -58.07 47.99 9.09
CA CSO E 52 -59.22 47.96 8.20
CB CSO E 52 -60.42 47.36 8.95
SG CSO E 52 -62.01 47.91 8.30
C CSO E 52 -59.53 49.35 7.64
O CSO E 52 -59.91 49.50 6.48
OD CSO E 52 -63.28 47.73 9.53
N GLU E 53 -59.35 50.38 8.46
CA GLU E 53 -59.65 51.76 8.06
C GLU E 53 -58.59 52.26 7.07
N VAL E 54 -57.37 51.75 7.21
CA VAL E 54 -56.31 52.11 6.27
C VAL E 54 -56.67 51.62 4.87
N VAL E 55 -57.09 50.36 4.78
N VAL E 55 -57.07 50.35 4.76
CA VAL E 55 -57.31 49.74 3.48
CA VAL E 55 -57.30 49.76 3.45
C VAL E 55 -58.68 50.09 2.87
C VAL E 55 -58.64 50.17 2.84
N GLU E 56 -59.56 50.67 3.67
CA GLU E 56 -60.85 51.13 3.17
C GLU E 56 -60.63 52.39 2.34
N SER E 57 -59.63 53.17 2.73
CA SER E 57 -59.48 54.55 2.23
C SER E 57 -58.30 54.81 1.32
N CYS E 58 -57.39 53.85 1.17
CA CYS E 58 -56.22 54.04 0.31
C CYS E 58 -56.27 53.07 -0.87
N PRO E 59 -55.86 53.56 -2.05
CA PRO E 59 -55.87 52.71 -3.25
C PRO E 59 -54.81 51.61 -3.15
N VAL E 60 -53.72 51.89 -2.44
CA VAL E 60 -52.61 50.94 -2.27
C VAL E 60 -52.07 51.08 -0.83
N THR E 61 -51.90 49.96 -0.14
CA THR E 61 -51.40 49.97 1.22
C THR E 61 -50.19 49.03 1.39
N PHE E 62 -49.12 49.53 1.99
CA PHE E 62 -47.94 48.72 2.23
C PHE E 62 -47.98 48.25 3.66
N ALA E 63 -47.43 47.06 3.90
CA ALA E 63 -47.38 46.51 5.25
C ALA E 63 -45.94 46.03 5.59
N MET E 64 -45.46 46.35 6.78
CA MET E 64 -44.11 45.93 7.15
C MET E 64 -44.11 45.39 8.57
N LEU E 65 -44.47 44.11 8.71
CA LEU E 65 -44.77 43.47 10.01
C LEU E 65 -43.66 42.47 10.40
N ALA E 66 -43.55 42.15 11.69
CA ALA E 66 -42.45 41.32 12.20
C ALA E 66 -42.30 39.95 11.56
N ASP E 67 -43.40 39.23 11.42
CA ASP E 67 -43.30 37.83 11.09
C ASP E 67 -44.63 37.26 10.60
N PRO E 68 -44.65 35.96 10.24
CA PRO E 68 -45.92 35.39 9.72
C PRO E 68 -47.08 35.56 10.70
N ALA E 69 -46.85 35.36 12.00
CA ALA E 69 -47.93 35.50 12.97
C ALA E 69 -48.53 36.91 12.93
N ALA E 70 -47.67 37.91 12.85
CA ALA E 70 -48.14 39.29 12.75
C ALA E 70 -48.86 39.55 11.42
N ALA E 71 -48.27 39.09 10.32
CA ALA E 71 -48.88 39.32 9.01
C ALA E 71 -50.30 38.74 9.01
N GLU E 72 -50.47 37.54 9.56
CA GLU E 72 -51.80 36.91 9.63
C GLU E 72 -52.81 37.62 10.54
N GLU E 73 -52.38 37.97 11.75
CA GLU E 73 -53.27 38.68 12.65
C GLU E 73 -53.77 39.96 12.00
N VAL E 74 -52.88 40.74 11.40
CA VAL E 74 -53.26 41.99 10.78
C VAL E 74 -54.20 41.79 9.57
N CYS E 75 -53.99 40.70 8.84
CA CYS E 75 -54.86 40.35 7.73
C CYS E 75 -56.23 39.79 8.17
N PHE E 76 -56.21 38.71 8.96
CA PHE E 76 -57.42 37.96 9.33
C PHE E 76 -58.11 38.38 10.65
N GLY E 77 -57.43 39.15 11.49
CA GLY E 77 -58.00 39.53 12.78
C GLY E 77 -59.16 40.52 12.72
N LYS E 78 -59.78 40.76 13.88
CA LYS E 78 -60.81 41.79 14.00
C LYS E 78 -60.26 43.15 13.61
N HIS E 79 -61.03 43.91 12.84
CA HIS E 79 -60.57 45.20 12.33
C HIS E 79 -59.32 45.05 11.45
N GLY E 80 -59.09 43.83 10.96
CA GLY E 80 -58.00 43.55 10.05
C GLY E 80 -58.19 43.95 8.60
N VAL E 81 -57.17 43.72 7.78
CA VAL E 81 -57.18 44.11 6.36
C VAL E 81 -58.37 43.56 5.59
N LEU E 82 -58.71 42.30 5.83
CA LEU E 82 -59.79 41.64 5.11
C LEU E 82 -61.16 42.32 5.34
N GLU E 83 -61.33 42.97 6.49
CA GLU E 83 -62.61 43.64 6.79
C GLU E 83 -62.77 44.95 6.03
N GLY E 84 -61.68 45.46 5.47
CA GLY E 84 -61.71 46.77 4.84
C GLY E 84 -61.40 46.77 3.35
N ILE E 85 -60.77 45.70 2.87
CA ILE E 85 -60.32 45.70 1.50
C ILE E 85 -61.41 45.32 0.51
N GLY E 86 -61.34 45.86 -0.71
CA GLY E 86 -62.32 45.59 -1.74
C GLY E 86 -62.23 46.60 -2.86
N GLU E 87 -63.08 46.43 -3.88
CA GLU E 87 -63.16 47.39 -4.99
C GLU E 87 -61.86 47.51 -5.76
N GLY E 88 -61.02 46.47 -5.70
CA GLY E 88 -59.74 46.53 -6.39
C GLY E 88 -58.63 47.27 -5.66
N ARG E 89 -58.90 47.73 -4.43
CA ARG E 89 -57.84 48.37 -3.65
C ARG E 89 -56.72 47.36 -3.36
N GLY E 90 -55.48 47.84 -3.34
CA GLY E 90 -54.33 46.96 -3.27
C GLY E 90 -53.72 46.83 -1.89
N TYR E 91 -53.25 45.63 -1.58
CA TYR E 91 -52.49 45.40 -0.36
C TYR E 91 -51.12 44.82 -0.74
N VAL E 92 -50.06 45.51 -0.33
CA VAL E 92 -48.70 45.10 -0.64
C VAL E 92 -47.94 44.76 0.65
N ASP E 93 -47.83 43.47 0.95
CA ASP E 93 -47.20 43.03 2.18
C ASP E 93 -45.70 42.87 1.98
N MET E 94 -44.93 43.68 2.68
CA MET E 94 -43.49 43.69 2.50
C MET E 94 -42.79 42.98 3.65
N SER E 95 -43.58 42.38 4.52
CA SER E 95 -43.07 41.59 5.64
C SER E 95 -42.24 40.40 5.14
N THR E 96 -41.19 40.03 5.87
CA THR E 96 -40.48 38.79 5.60
C THR E 96 -41.20 37.58 6.23
N VAL E 97 -41.71 36.73 5.35
CA VAL E 97 -42.71 35.74 5.70
C VAL E 97 -42.44 34.49 4.85
N ASP E 98 -43.00 33.34 5.22
CA ASP E 98 -42.85 32.14 4.38
C ASP E 98 -43.84 32.22 3.21
N PRO E 99 -43.55 31.51 2.12
CA PRO E 99 -44.34 31.49 0.90
C PRO E 99 -45.81 31.15 1.16
N ALA E 100 -46.05 30.09 1.94
CA ALA E 100 -47.43 29.68 2.24
C ALA E 100 -48.24 30.82 2.89
N THR E 101 -47.60 31.58 3.76
CA THR E 101 -48.31 32.69 4.41
C THR E 101 -48.76 33.77 3.41
N SER E 102 -47.85 34.28 2.60
CA SER E 102 -48.19 35.33 1.64
C SER E 102 -49.21 34.85 0.59
N GLN E 103 -49.15 33.58 0.19
CA GLN E 103 -50.15 33.06 -0.74
C GLN E 103 -51.54 33.03 -0.09
N ARG E 104 -51.59 32.60 1.17
CA ARG E 104 -52.87 32.46 1.89
C ARG E 104 -53.49 33.84 2.10
N ILE E 105 -52.65 34.81 2.46
CA ILE E 105 -53.10 36.17 2.61
C ILE E 105 -53.60 36.67 1.25
N GLY E 106 -52.82 36.41 0.21
CA GLY E 106 -53.19 36.79 -1.14
C GLY E 106 -54.52 36.23 -1.59
N VAL E 107 -54.72 34.93 -1.41
CA VAL E 107 -55.99 34.32 -1.79
C VAL E 107 -57.17 34.98 -1.07
N ALA E 108 -57.00 35.30 0.21
CA ALA E 108 -58.10 35.89 0.96
C ALA E 108 -58.40 37.32 0.48
N VAL E 109 -57.36 38.10 0.24
CA VAL E 109 -57.56 39.46 -0.22
C VAL E 109 -58.32 39.47 -1.55
N VAL E 110 -57.86 38.68 -2.50
CA VAL E 110 -58.53 38.57 -3.80
C VAL E 110 -59.99 38.16 -3.60
N ALA E 111 -60.26 37.26 -2.67
CA ALA E 111 -61.62 36.79 -2.47
C ALA E 111 -62.56 37.90 -1.97
N LYS E 112 -61.97 38.91 -1.32
CA LYS E 112 -62.73 40.08 -0.86
C LYS E 112 -62.88 41.12 -1.96
N GLY E 113 -62.30 40.83 -3.12
CA GLY E 113 -62.33 41.77 -4.23
C GLY E 113 -61.16 42.76 -4.28
N GLY E 114 -60.16 42.55 -3.42
CA GLY E 114 -58.97 43.38 -3.44
C GLY E 114 -57.91 42.75 -4.32
N ARG E 115 -56.76 43.42 -4.48
CA ARG E 115 -55.64 42.82 -5.19
C ARG E 115 -54.44 42.71 -4.24
N PHE E 116 -53.59 41.73 -4.48
CA PHE E 116 -52.46 41.46 -3.57
C PHE E 116 -51.12 41.31 -4.27
N LEU E 117 -50.08 41.85 -3.61
CA LEU E 117 -48.70 41.79 -4.09
C LEU E 117 -47.82 41.63 -2.86
N GLU E 118 -46.85 40.73 -2.91
CA GLU E 118 -45.88 40.64 -1.81
C GLU E 118 -44.63 41.36 -2.28
N ALA E 119 -43.93 42.04 -1.38
CA ALA E 119 -42.68 42.71 -1.77
C ALA E 119 -41.70 42.83 -0.61
N PRO E 120 -41.17 41.69 -0.15
CA PRO E 120 -40.16 41.71 0.91
C PRO E 120 -38.92 42.43 0.40
N VAL E 121 -38.04 42.87 1.29
CA VAL E 121 -36.95 43.72 0.87
C VAL E 121 -35.58 43.29 1.38
N SER E 122 -34.56 43.69 0.63
CA SER E 122 -33.19 43.44 1.03
C SER E 122 -32.51 44.77 1.30
N GLY E 123 -31.84 44.87 2.44
CA GLY E 123 -31.28 46.12 2.91
C GLY E 123 -31.88 46.42 4.27
N SER E 124 -31.06 46.97 5.16
CA SER E 124 -31.44 47.13 6.56
C SER E 124 -31.91 48.56 6.89
N LYS E 125 -31.71 48.96 8.14
CA LYS E 125 -32.16 50.27 8.61
C LYS E 125 -31.64 51.45 7.77
N LYS E 126 -30.33 51.49 7.51
CA LYS E 126 -29.79 52.61 6.78
C LYS E 126 -30.32 52.70 5.35
N PRO E 127 -30.31 51.58 4.59
CA PRO E 127 -30.94 51.62 3.27
C PRO E 127 -32.42 51.99 3.33
N ALA E 128 -33.13 51.54 4.37
CA ALA E 128 -34.53 51.90 4.53
C ALA E 128 -34.66 53.42 4.69
N GLU E 129 -33.76 54.02 5.47
CA GLU E 129 -33.73 55.47 5.63
C GLU E 129 -33.36 56.18 4.32
N ASP E 130 -32.33 55.70 3.64
CA ASP E 130 -31.85 56.35 2.41
C ASP E 130 -32.76 56.09 1.21
N GLY E 131 -33.66 55.12 1.31
CA GLY E 131 -34.51 54.78 0.19
C GLY E 131 -33.80 53.94 -0.86
N THR E 132 -32.77 53.22 -0.44
CA THR E 132 -32.01 52.38 -1.36
C THR E 132 -32.26 50.88 -1.13
N LEU E 133 -33.49 50.52 -0.75
CA LEU E 133 -33.81 49.11 -0.55
C LEU E 133 -33.84 48.37 -1.87
N ILE E 134 -33.70 47.06 -1.80
CA ILE E 134 -33.99 46.23 -2.95
C ILE E 134 -35.34 45.56 -2.71
N ILE E 135 -36.24 45.72 -3.66
CA ILE E 135 -37.61 45.28 -3.48
C ILE E 135 -37.91 44.07 -4.38
N LEU E 136 -38.37 42.99 -3.74
CA LEU E 136 -38.51 41.69 -4.38
C LEU E 136 -39.98 41.35 -4.51
N ALA E 137 -40.64 41.94 -5.51
CA ALA E 137 -42.07 41.78 -5.60
C ALA E 137 -42.48 40.49 -6.31
N ALA E 138 -43.66 40.01 -5.97
CA ALA E 138 -44.27 38.87 -6.65
C ALA E 138 -45.80 38.90 -6.46
N GLY E 139 -46.54 38.56 -7.51
CA GLY E 139 -47.99 38.65 -7.49
C GLY E 139 -48.57 39.61 -8.54
N ASP E 140 -49.70 40.22 -8.22
CA ASP E 140 -50.49 41.04 -9.16
C ASP E 140 -49.66 42.07 -9.94
N ARG E 141 -49.54 41.88 -11.24
CA ARG E 141 -48.68 42.74 -12.04
C ARG E 141 -49.24 44.15 -12.20
N ASN E 142 -50.57 44.27 -12.28
CA ASN E 142 -51.20 45.58 -12.31
C ASN E 142 -50.92 46.37 -11.02
N LEU E 143 -51.11 45.72 -9.88
CA LEU E 143 -50.82 46.37 -8.59
C LEU E 143 -49.33 46.72 -8.52
N TYR E 144 -48.47 45.82 -8.98
CA TYR E 144 -47.05 46.12 -9.11
C TYR E 144 -46.83 47.48 -9.79
N ASP E 145 -47.48 47.69 -10.93
CA ASP E 145 -47.31 48.92 -11.69
C ASP E 145 -47.90 50.09 -10.91
N GLU E 146 -49.05 49.88 -10.30
CA GLU E 146 -49.71 50.94 -9.58
C GLU E 146 -48.91 51.39 -8.35
N ALA E 147 -48.20 50.43 -7.72
CA ALA E 147 -47.44 50.74 -6.51
C ALA E 147 -46.06 51.31 -6.80
N MET E 148 -45.65 51.22 -8.07
CA MET E 148 -44.28 51.58 -8.45
C MET E 148 -43.80 52.94 -7.94
N PRO E 149 -44.69 53.97 -7.98
CA PRO E 149 -44.27 55.30 -7.49
C PRO E 149 -43.89 55.29 -6.01
N GLY E 150 -44.61 54.51 -5.21
CA GLY E 150 -44.23 54.27 -3.83
C GLY E 150 -42.91 53.53 -3.76
N PHE E 151 -42.82 52.44 -4.54
CA PHE E 151 -41.61 51.61 -4.54
C PHE E 151 -40.36 52.44 -4.83
N GLU E 152 -40.43 53.29 -5.84
CA GLU E 152 -39.27 54.08 -6.22
C GLU E 152 -38.82 55.07 -5.14
N LYS E 153 -39.71 55.43 -4.22
CA LYS E 153 -39.35 56.32 -3.13
C LYS E 153 -38.77 55.54 -1.92
N MET E 154 -38.89 54.22 -1.94
CA MET E 154 -38.44 53.42 -0.80
C MET E 154 -37.23 52.55 -1.16
N GLY E 155 -37.08 52.28 -2.45
CA GLY E 155 -36.03 51.40 -2.95
C GLY E 155 -35.33 51.94 -4.18
N LYS E 156 -34.17 51.35 -4.48
CA LYS E 156 -33.40 51.70 -5.66
C LYS E 156 -33.57 50.64 -6.75
N LYS E 157 -33.65 49.38 -6.37
CA LYS E 157 -33.79 48.31 -7.34
C LYS E 157 -35.08 47.57 -7.03
N ILE E 158 -35.91 47.46 -8.05
CA ILE E 158 -37.23 46.87 -7.88
C ILE E 158 -37.50 45.84 -8.98
N ILE E 159 -37.81 44.61 -8.55
CA ILE E 159 -38.07 43.54 -9.51
C ILE E 159 -39.38 42.81 -9.23
N HIS E 160 -39.84 42.09 -10.23
CA HIS E 160 -41.03 41.27 -10.12
C HIS E 160 -40.63 39.84 -10.46
N LEU E 161 -40.87 38.91 -9.54
CA LEU E 161 -40.31 37.57 -9.69
C LEU E 161 -41.34 36.54 -10.11
N GLY E 162 -42.58 36.97 -10.32
CA GLY E 162 -43.63 36.07 -10.77
C GLY E 162 -44.77 35.89 -9.80
N ASP E 163 -45.18 34.64 -9.60
CA ASP E 163 -46.33 34.31 -8.75
C ASP E 163 -46.07 34.64 -7.28
N VAL E 164 -47.14 34.86 -6.52
CA VAL E 164 -47.00 35.08 -5.09
C VAL E 164 -46.28 33.89 -4.47
N GLY E 165 -45.28 34.18 -3.63
CA GLY E 165 -44.47 33.13 -3.04
C GLY E 165 -43.03 33.18 -3.53
N LYS E 166 -42.86 33.63 -4.77
CA LYS E 166 -41.52 33.71 -5.34
C LYS E 166 -40.71 34.83 -4.67
N GLY E 167 -41.36 35.94 -4.33
CA GLY E 167 -40.72 36.96 -3.52
C GLY E 167 -40.24 36.43 -2.18
N ALA E 168 -41.12 35.73 -1.48
CA ALA E 168 -40.80 35.20 -0.17
C ALA E 168 -39.62 34.23 -0.27
N GLU E 169 -39.66 33.38 -1.29
CA GLU E 169 -38.58 32.42 -1.46
C GLU E 169 -37.24 33.13 -1.70
N MET E 170 -37.25 34.17 -2.51
CA MET E 170 -36.02 34.90 -2.80
C MET E 170 -35.48 35.53 -1.53
N LYS E 171 -36.36 36.13 -0.74
CA LYS E 171 -35.94 36.82 0.48
C LYS E 171 -35.30 35.83 1.46
N LEU E 172 -35.94 34.67 1.63
CA LEU E 172 -35.48 33.64 2.56
C LEU E 172 -34.14 33.08 2.14
N VAL E 173 -33.98 32.84 0.83
CA VAL E 173 -32.72 32.31 0.31
C VAL E 173 -31.58 33.26 0.61
N VAL E 174 -31.76 34.51 0.22
CA VAL E 174 -30.72 35.52 0.38
C VAL E 174 -30.41 35.84 1.85
N ASN E 175 -31.45 35.87 2.67
CA ASN E 175 -31.22 36.08 4.10
C ASN E 175 -30.59 34.88 4.77
N MET E 176 -30.92 33.69 4.27
CA MET E 176 -30.29 32.49 4.84
C MET E 176 -28.78 32.56 4.66
N VAL E 177 -28.36 32.95 3.46
CA VAL E 177 -26.93 33.11 3.17
C VAL E 177 -26.31 34.15 4.09
N MET E 178 -27.03 35.25 4.29
CA MET E 178 -26.56 36.33 5.15
C MET E 178 -26.36 35.86 6.60
N GLY E 179 -27.29 35.04 7.08
CA GLY E 179 -27.19 34.53 8.44
C GLY E 179 -25.97 33.65 8.64
N GLY E 180 -25.74 32.73 7.71
CA GLY E 180 -24.62 31.83 7.81
C GLY E 180 -23.32 32.60 7.70
N MET E 181 -23.31 33.56 6.78
CA MET E 181 -22.16 34.43 6.58
C MET E 181 -21.77 35.10 7.87
N MET E 182 -22.76 35.67 8.56
CA MET E 182 -22.51 36.39 9.80
C MET E 182 -22.00 35.44 10.90
N ALA E 183 -22.59 34.24 10.98
CA ALA E 183 -22.15 33.22 11.93
C ALA E 183 -20.69 32.86 11.70
N CYS E 184 -20.36 32.61 10.44
CA CYS E 184 -19.00 32.25 10.06
C CYS E 184 -17.99 33.37 10.30
N PHE E 185 -18.34 34.56 9.82
CA PHE E 185 -17.56 35.77 10.09
C PHE E 185 -17.26 35.92 11.60
N CYS E 186 -18.28 35.78 12.44
CA CYS E 186 -18.07 35.95 13.88
C CYS E 186 -17.18 34.84 14.45
N GLU E 187 -17.40 33.61 14.01
CA GLU E 187 -16.52 32.51 14.39
C GLU E 187 -15.06 32.84 14.06
N GLY E 188 -14.82 33.42 12.88
CA GLY E 188 -13.47 33.79 12.46
C GLY E 188 -12.85 34.84 13.37
N LEU E 189 -13.58 35.92 13.63
CA LEU E 189 -13.09 36.98 14.51
C LEU E 189 -12.82 36.48 15.94
N ALA E 190 -13.73 35.66 16.48
CA ALA E 190 -13.56 35.11 17.82
C ALA E 190 -12.35 34.19 17.87
N LEU E 191 -12.23 33.34 16.86
CA LEU E 191 -11.08 32.44 16.77
C LEU E 191 -9.78 33.24 16.72
N GLY E 192 -9.73 34.21 15.82
CA GLY E 192 -8.56 35.06 15.67
C GLY E 192 -8.16 35.74 16.96
N GLU E 193 -9.15 36.28 17.67
CA GLU E 193 -8.93 36.95 18.94
C GLU E 193 -8.27 36.00 19.96
N LYS E 194 -8.79 34.79 20.07
CA LYS E 194 -8.25 33.82 21.03
C LYS E 194 -6.91 33.26 20.57
N ALA E 195 -6.58 33.43 19.29
CA ALA E 195 -5.28 32.99 18.79
C ALA E 195 -4.24 34.07 19.01
N GLY E 196 -4.70 35.26 19.39
CA GLY E 196 -3.80 36.36 19.71
C GLY E 196 -3.62 37.37 18.58
N LEU E 197 -4.41 37.22 17.51
CA LEU E 197 -4.37 38.17 16.41
C LEU E 197 -5.14 39.44 16.75
N ALA E 198 -4.69 40.59 16.27
CA ALA E 198 -5.45 41.82 16.50
C ALA E 198 -6.66 41.87 15.56
N THR E 199 -7.77 42.41 16.06
CA THR E 199 -9.01 42.38 15.28
C THR E 199 -8.97 43.28 14.02
N ASP E 200 -8.36 44.45 14.12
CA ASP E 200 -8.22 45.32 12.96
C ASP E 200 -7.36 44.67 11.87
N ALA E 201 -6.36 43.90 12.30
CA ALA E 201 -5.52 43.15 11.36
C ALA E 201 -6.35 42.12 10.58
N ILE E 202 -7.21 41.39 11.27
CA ILE E 202 -8.04 40.41 10.58
C ILE E 202 -8.95 41.10 9.58
N LEU E 203 -9.62 42.17 10.03
CA LEU E 203 -10.49 42.95 9.17
C LEU E 203 -9.75 43.45 7.93
N ASP E 204 -8.54 43.94 8.16
CA ASP E 204 -7.73 44.49 7.07
C ASP E 204 -7.43 43.44 6.01
N VAL E 205 -7.11 42.23 6.44
CA VAL E 205 -6.82 41.15 5.50
C VAL E 205 -8.05 40.73 4.72
N ILE E 206 -9.17 40.56 5.41
CA ILE E 206 -10.42 40.20 4.74
C ILE E 206 -10.85 41.29 3.76
N GLY E 207 -10.72 42.54 4.18
CA GLY E 207 -11.14 43.67 3.35
C GLY E 207 -10.31 43.79 2.08
N ALA E 208 -9.12 43.21 2.10
CA ALA E 208 -8.22 43.33 0.96
C ALA E 208 -8.48 42.23 -0.07
N GLY E 209 -9.23 41.20 0.31
CA GLY E 209 -9.39 40.05 -0.57
C GLY E 209 -10.76 39.82 -1.20
N ALA E 210 -10.94 38.63 -1.78
CA ALA E 210 -12.11 38.32 -2.60
C ALA E 210 -13.43 38.21 -1.85
N MET E 211 -13.36 38.12 -0.52
CA MET E 211 -14.54 37.98 0.35
C MET E 211 -15.09 39.34 0.75
N ALA E 212 -14.25 40.36 0.66
CA ALA E 212 -14.60 41.72 1.08
C ALA E 212 -16.00 42.13 0.65
N ASN E 213 -16.81 42.56 1.61
CA ASN E 213 -18.16 43.04 1.33
C ASN E 213 -18.58 44.12 2.32
N PRO E 214 -19.58 44.94 1.95
CA PRO E 214 -20.08 46.00 2.84
C PRO E 214 -20.52 45.49 4.22
N MET E 215 -21.27 44.39 4.26
CA MET E 215 -21.72 43.89 5.55
C MET E 215 -20.57 43.63 6.53
N PHE E 216 -19.53 42.92 6.10
CA PHE E 216 -18.39 42.61 6.98
C PHE E 216 -17.69 43.89 7.41
N ALA E 217 -17.51 44.81 6.46
CA ALA E 217 -16.83 46.07 6.72
C ALA E 217 -17.55 46.86 7.81
N LEU E 218 -18.86 46.96 7.64
CA LEU E 218 -19.71 47.67 8.60
C LEU E 218 -19.78 46.94 9.95
N LYS E 219 -20.21 45.69 9.92
CA LYS E 219 -20.44 44.94 11.15
C LYS E 219 -19.15 44.61 11.87
N GLY E 220 -18.08 44.44 11.11
CA GLY E 220 -16.77 44.16 11.66
C GLY E 220 -16.32 45.27 12.60
N GLY E 221 -16.43 46.52 12.13
CA GLY E 221 -16.03 47.67 12.93
C GLY E 221 -16.87 47.79 14.20
N LEU E 222 -18.19 47.69 14.03
CA LEU E 222 -19.12 47.83 15.15
C LEU E 222 -18.82 46.79 16.19
N ILE E 223 -18.55 45.46 15.85
CA ILE E 223 -18.10 44.39 16.70
C ILE E 223 -16.81 44.77 17.41
N ARG E 224 -15.92 45.33 16.61
CA ARG E 224 -14.68 45.72 17.26
C ARG E 224 -14.96 46.73 18.36
N ASP E 225 -15.96 47.57 18.13
CA ASP E 225 -16.32 48.61 19.09
C ASP E 225 -17.38 48.13 20.07
N ARG E 226 -17.69 46.83 20.02
CA ARG E 226 -18.75 46.28 20.87
C ARG E 226 -20.01 47.15 20.86
N ASN E 227 -20.44 47.56 19.68
CA ASN E 227 -21.67 48.32 19.53
C ASN E 227 -22.71 47.49 18.77
N PHE E 228 -23.78 47.11 19.45
CA PHE E 228 -24.78 46.23 18.83
C PHE E 228 -26.17 46.86 18.83
N ALA E 229 -26.22 48.18 18.66
CA ALA E 229 -27.49 48.86 18.45
C ALA E 229 -28.19 48.16 17.28
N PRO E 230 -29.50 47.93 17.40
CA PRO E 230 -30.21 47.13 16.39
C PRO E 230 -30.35 47.84 15.04
N ALA E 231 -29.79 47.27 13.98
CA ALA E 231 -30.22 47.66 12.65
C ALA E 231 -31.19 46.60 12.14
N PHE E 232 -30.75 45.34 12.19
CA PHE E 232 -31.64 44.21 11.93
C PHE E 232 -31.70 43.37 13.23
N PRO E 233 -32.84 43.42 13.94
CA PRO E 233 -32.97 42.73 15.24
C PRO E 233 -32.61 41.26 15.12
N LEU E 234 -31.76 40.78 16.03
CA LEU E 234 -31.30 39.40 16.00
C LEU E 234 -32.46 38.42 16.00
N LYS E 235 -33.51 38.74 16.75
CA LYS E 235 -34.68 37.86 16.80
C LYS E 235 -35.28 37.69 15.41
N HIS E 236 -35.20 38.72 14.56
CA HIS E 236 -35.78 38.62 13.21
C HIS E 236 -34.86 37.81 12.30
N MET E 237 -33.55 37.92 12.49
CA MET E 237 -32.63 37.04 11.77
C MET E 237 -32.93 35.57 12.10
N GLN E 238 -33.07 35.25 13.38
CA GLN E 238 -33.36 33.85 13.77
C GLN E 238 -34.68 33.37 13.13
N LYS E 239 -35.69 34.22 13.14
CA LYS E 239 -36.98 33.90 12.48
C LYS E 239 -36.80 33.55 10.99
N ASP E 240 -36.04 34.37 10.26
CA ASP E 240 -35.76 34.13 8.85
C ASP E 240 -35.04 32.78 8.62
N LEU E 241 -34.07 32.45 9.48
CA LEU E 241 -33.41 31.14 9.38
C LEU E 241 -34.39 30.01 9.62
N ARG E 242 -35.27 30.23 10.60
CA ARG E 242 -36.28 29.26 10.93
C ARG E 242 -37.12 28.99 9.68
N LEU E 243 -37.51 30.04 8.99
CA LEU E 243 -38.37 29.91 7.82
C LEU E 243 -37.61 29.31 6.63
N ALA E 244 -36.32 29.62 6.53
CA ALA E 244 -35.50 29.05 5.46
C ALA E 244 -35.33 27.53 5.63
N VAL E 245 -35.04 27.12 6.85
CA VAL E 245 -34.96 25.70 7.16
C VAL E 245 -36.29 25.02 6.83
N ALA E 246 -37.42 25.67 7.14
CA ALA E 246 -38.72 25.07 6.84
C ALA E 246 -38.92 24.94 5.33
N LEU E 247 -38.45 25.93 4.58
CA LEU E 247 -38.51 25.90 3.13
C LEU E 247 -37.64 24.74 2.60
N GLY E 248 -36.44 24.59 3.13
CA GLY E 248 -35.61 23.45 2.74
C GLY E 248 -36.30 22.11 3.03
N ASP E 249 -36.96 22.02 4.18
CA ASP E 249 -37.72 20.84 4.54
C ASP E 249 -38.74 20.55 3.42
N ARG E 250 -39.52 21.56 3.07
CA ARG E 250 -40.58 21.38 2.07
C ARG E 250 -40.07 20.96 0.67
N VAL E 251 -39.00 21.59 0.19
CA VAL E 251 -38.51 21.33 -1.16
C VAL E 251 -37.46 20.23 -1.26
N GLY E 252 -37.17 19.56 -0.14
CA GLY E 252 -36.19 18.48 -0.11
C GLY E 252 -34.72 18.90 -0.20
N GLN E 253 -34.36 20.00 0.44
CA GLN E 253 -32.99 20.47 0.43
C GLN E 253 -32.39 20.46 1.83
N PRO E 254 -31.45 19.51 2.10
CA PRO E 254 -30.73 19.53 3.38
C PRO E 254 -29.94 20.81 3.52
N LEU E 255 -29.99 21.43 4.70
CA LEU E 255 -29.29 22.68 4.92
C LEU E 255 -28.46 22.58 6.20
N VAL E 256 -27.42 21.77 6.14
CA VAL E 256 -26.60 21.50 7.32
C VAL E 256 -25.96 22.75 7.90
N ALA E 257 -25.34 23.57 7.06
CA ALA E 257 -24.69 24.77 7.60
C ALA E 257 -25.72 25.78 8.11
N SER E 258 -26.81 25.95 7.37
CA SER E 258 -27.79 26.98 7.71
C SER E 258 -28.57 26.60 8.97
N ALA E 259 -28.90 25.33 9.09
CA ALA E 259 -29.54 24.84 10.31
C ALA E 259 -28.60 25.04 11.51
N ALA E 260 -27.30 24.83 11.33
CA ALA E 260 -26.35 25.15 12.40
C ALA E 260 -26.46 26.63 12.76
N ALA E 261 -26.42 27.51 11.77
CA ALA E 261 -26.56 28.93 12.03
C ALA E 261 -27.88 29.24 12.76
N ASN E 262 -28.96 28.57 12.37
CA ASN E 262 -30.25 28.78 13.03
C ASN E 262 -30.12 28.52 14.53
N GLU E 263 -29.55 27.35 14.88
CA GLU E 263 -29.35 26.98 16.29
C GLU E 263 -28.43 27.96 17.01
N LEU E 264 -27.39 28.42 16.34
CA LEU E 264 -26.50 29.39 16.95
C LEU E 264 -27.21 30.72 17.22
N PHE E 265 -28.05 31.17 16.30
CA PHE E 265 -28.82 32.38 16.55
C PHE E 265 -29.85 32.17 17.66
N LYS E 266 -30.37 30.96 17.78
CA LYS E 266 -31.20 30.60 18.94
C LYS E 266 -30.42 30.75 20.24
N GLY E 267 -29.17 30.30 20.25
CA GLY E 267 -28.32 30.50 21.41
C GLY E 267 -28.26 31.97 21.82
N ALA E 268 -27.98 32.82 20.83
CA ALA E 268 -27.94 34.26 21.08
C ALA E 268 -29.28 34.83 21.59
N ARG E 269 -30.41 34.30 21.14
CA ARG E 269 -31.67 34.76 21.70
C ARG E 269 -31.75 34.39 23.16
N ALA E 270 -31.37 33.16 23.47
CA ALA E 270 -31.53 32.67 24.84
C ALA E 270 -30.59 33.41 25.76
N ALA E 271 -29.53 33.99 25.19
CA ALA E 271 -28.59 34.76 26.00
C ALA E 271 -29.11 36.17 26.25
N GLY E 272 -30.21 36.54 25.60
CA GLY E 272 -30.86 37.82 25.85
C GLY E 272 -30.57 38.89 24.82
N PHE E 273 -30.08 38.48 23.64
CA PHE E 273 -29.65 39.45 22.63
C PHE E 273 -30.67 39.65 21.51
N GLY E 274 -31.87 39.11 21.70
CA GLY E 274 -32.91 39.18 20.67
C GLY E 274 -33.22 40.56 20.09
N ASP E 275 -33.15 41.60 20.91
CA ASP E 275 -33.51 42.96 20.49
C ASP E 275 -32.29 43.80 20.10
N GLU E 276 -31.11 43.19 20.13
CA GLU E 276 -29.92 43.86 19.63
C GLU E 276 -29.74 43.51 18.17
N ASP E 277 -28.73 44.11 17.53
CA ASP E 277 -28.45 43.80 16.13
C ASP E 277 -28.06 42.34 15.97
N PHE E 278 -28.36 41.75 14.82
CA PHE E 278 -28.06 40.34 14.63
C PHE E 278 -26.55 40.04 14.74
N SER E 279 -25.71 41.04 14.56
CA SER E 279 -24.28 40.84 14.79
C SER E 279 -23.96 40.48 16.24
N ALA E 280 -24.91 40.68 17.16
CA ALA E 280 -24.68 40.35 18.55
C ALA E 280 -24.43 38.86 18.74
N ILE E 281 -24.60 38.08 17.67
CA ILE E 281 -24.27 36.68 17.82
C ILE E 281 -22.80 36.53 18.23
N PHE E 282 -21.97 37.50 17.85
CA PHE E 282 -20.58 37.49 18.27
C PHE E 282 -20.37 37.28 19.78
N LYS E 283 -21.28 37.79 20.59
CA LYS E 283 -21.08 37.75 22.04
C LYS E 283 -21.30 36.35 22.63
N THR E 284 -21.91 35.46 21.86
CA THR E 284 -22.07 34.07 22.30
C THR E 284 -20.74 33.32 22.10
N TYR E 285 -19.89 33.82 21.21
CA TYR E 285 -18.61 33.18 20.96
C TYR E 285 -17.57 33.60 22.02
N GLU E 286 -18.05 33.99 23.20
CA GLU E 286 -17.18 34.36 24.33
C GLU E 286 -17.73 33.85 25.65
N GLN F 2 3.20 -13.64 39.72
CA GLN F 2 2.96 -12.79 38.55
C GLN F 2 3.37 -11.34 38.81
N LYS F 3 4.25 -10.82 37.97
CA LYS F 3 4.75 -9.45 38.14
C LYS F 3 4.38 -8.53 36.96
N PHE F 4 3.80 -7.39 37.30
CA PHE F 4 3.38 -6.40 36.30
C PHE F 4 3.85 -4.99 36.67
N GLY F 5 4.09 -4.18 35.66
CA GLY F 5 4.41 -2.78 35.86
C GLY F 5 3.22 -1.94 35.48
N PHE F 6 3.04 -0.81 36.15
CA PHE F 6 1.92 0.07 35.80
C PHE F 6 2.31 1.55 35.76
N ILE F 7 2.02 2.18 34.63
CA ILE F 7 2.37 3.57 34.39
C ILE F 7 1.10 4.39 34.16
N GLY F 8 0.93 5.44 34.96
CA GLY F 8 -0.23 6.31 34.84
C GLY F 8 -1.35 5.94 35.80
N LEU F 9 -1.49 6.69 36.89
CA LEU F 9 -2.41 6.34 37.96
C LEU F 9 -3.54 7.35 38.11
N GLY F 10 -4.20 7.67 37.00
CA GLY F 10 -5.33 8.57 37.04
C GLY F 10 -6.56 7.82 37.52
N ILE F 11 -7.74 8.32 37.16
CA ILE F 11 -9.01 7.68 37.53
C ILE F 11 -9.02 6.19 37.14
N MET F 12 -8.62 5.91 35.91
CA MET F 12 -8.66 4.53 35.40
C MET F 12 -7.45 3.74 35.85
N GLY F 13 -6.27 4.30 35.60
CA GLY F 13 -5.02 3.66 35.98
C GLY F 13 -4.95 3.20 37.43
N SER F 14 -5.40 4.03 38.36
CA SER F 14 -5.26 3.65 39.78
C SER F 14 -6.19 2.50 40.17
N ALA F 15 -7.40 2.48 39.61
CA ALA F 15 -8.35 1.41 39.92
C ALA F 15 -7.95 0.08 39.27
N MET F 16 -7.44 0.15 38.03
CA MET F 16 -6.94 -1.04 37.35
C MET F 16 -5.78 -1.67 38.13
N ALA F 17 -4.77 -0.86 38.45
CA ALA F 17 -3.63 -1.35 39.21
C ALA F 17 -4.08 -1.91 40.56
N LYS F 18 -5.06 -1.25 41.19
CA LYS F 18 -5.59 -1.73 42.48
C LYS F 18 -6.05 -3.17 42.35
N ASN F 19 -6.65 -3.49 41.22
CA ASN F 19 -7.08 -4.87 40.97
C ASN F 19 -5.94 -5.88 40.86
N LEU F 20 -4.85 -5.48 40.20
CA LEU F 20 -3.67 -6.33 40.10
C LEU F 20 -3.09 -6.63 41.48
N VAL F 21 -2.90 -5.57 42.26
CA VAL F 21 -2.38 -5.72 43.61
C VAL F 21 -3.30 -6.65 44.41
N LYS F 22 -4.60 -6.43 44.28
CA LYS F 22 -5.61 -7.19 45.01
C LYS F 22 -5.55 -8.69 44.68
N ALA F 23 -5.25 -8.98 43.42
CA ALA F 23 -5.18 -10.37 42.94
C ALA F 23 -3.97 -11.06 43.52
N GLY F 24 -3.16 -10.28 44.22
CA GLY F 24 -1.95 -10.81 44.84
C GLY F 24 -0.76 -10.71 43.91
N CYS F 25 -0.93 -10.00 42.80
CA CYS F 25 0.16 -9.78 41.86
C CYS F 25 1.19 -8.84 42.47
N SER F 26 2.42 -8.94 41.98
CA SER F 26 3.50 -8.03 42.39
C SER F 26 3.59 -6.84 41.44
N VAL F 27 3.10 -5.68 41.88
CA VAL F 27 2.97 -4.51 41.01
C VAL F 27 3.99 -3.40 41.26
N THR F 28 4.73 -3.03 40.21
CA THR F 28 5.62 -1.87 40.26
C THR F 28 4.96 -0.69 39.54
N ILE F 29 4.96 0.46 40.18
CA ILE F 29 4.06 1.54 39.80
C ILE F 29 4.79 2.87 39.56
N TRP F 30 4.19 3.71 38.73
CA TRP F 30 4.71 5.06 38.50
C TRP F 30 3.60 6.01 38.05
N ASN F 31 3.73 7.28 38.44
CA ASN F 31 2.83 8.32 37.96
C ASN F 31 3.58 9.65 37.95
N ARG F 32 3.17 10.56 37.08
CA ARG F 32 3.83 11.87 37.00
C ARG F 32 3.73 12.58 38.34
N SER F 33 2.55 12.51 38.96
CA SER F 33 2.34 13.09 40.28
C SER F 33 2.44 12.01 41.35
N PRO F 34 3.54 12.03 42.13
CA PRO F 34 3.86 11.02 43.14
C PRO F 34 2.71 10.67 44.09
N GLU F 35 1.88 11.64 44.46
CA GLU F 35 0.86 11.44 45.48
C GLU F 35 -0.13 10.31 45.17
N LYS F 36 -0.54 10.22 43.90
CA LYS F 36 -1.49 9.19 43.49
C LYS F 36 -0.91 7.78 43.64
N ALA F 37 0.41 7.67 43.71
CA ALA F 37 1.06 6.38 43.86
C ALA F 37 1.05 5.93 45.32
N GLU F 38 0.86 6.88 46.23
CA GLU F 38 0.86 6.60 47.67
C GLU F 38 -0.22 5.61 48.07
N GLU F 39 -1.46 5.86 47.67
CA GLU F 39 -2.55 4.93 47.97
C GLU F 39 -2.09 3.50 47.74
N LEU F 40 -1.60 3.23 46.53
CA LEU F 40 -1.18 1.89 46.14
C LEU F 40 0.14 1.50 46.79
N ALA F 41 0.95 2.50 47.13
CA ALA F 41 2.17 2.25 47.88
C ALA F 41 1.81 1.63 49.23
N ALA F 42 0.91 2.29 49.95
CA ALA F 42 0.45 1.82 51.25
C ALA F 42 -0.24 0.47 51.15
N LEU F 43 -0.54 0.03 49.93
CA LEU F 43 -1.20 -1.25 49.71
C LEU F 43 -0.24 -2.35 49.28
N GLY F 44 1.05 -2.04 49.26
CA GLY F 44 2.06 -3.03 48.95
C GLY F 44 2.52 -3.02 47.50
N ALA F 45 2.41 -1.88 46.85
CA ALA F 45 2.94 -1.75 45.49
C ALA F 45 4.32 -1.11 45.55
N GLU F 46 5.22 -1.58 44.68
CA GLU F 46 6.56 -1.02 44.59
C GLU F 46 6.52 0.27 43.77
N ARG F 47 7.16 1.31 44.29
CA ARG F 47 7.18 2.61 43.64
C ARG F 47 8.46 2.80 42.83
N ALA F 48 8.33 3.22 41.58
CA ALA F 48 9.49 3.52 40.76
C ALA F 48 9.66 5.04 40.61
N ALA F 49 10.86 5.48 40.26
CA ALA F 49 11.14 6.90 40.12
C ALA F 49 10.78 7.40 38.72
N THR F 50 11.07 6.58 37.72
CA THR F 50 10.84 6.96 36.32
C THR F 50 10.19 5.82 35.55
N PRO F 51 9.61 6.14 34.38
CA PRO F 51 9.02 5.09 33.53
C PRO F 51 10.09 4.09 33.13
N CSO F 52 11.33 4.57 33.05
CA CSO F 52 12.45 3.73 32.65
CB CSO F 52 13.74 4.56 32.61
SG CSO F 52 15.20 3.51 32.38
C CSO F 52 12.58 2.58 33.67
O CSO F 52 12.68 1.42 33.28
OD CSO F 52 16.71 4.46 32.51
N GLU F 53 12.54 2.91 34.95
CA GLU F 53 12.67 1.89 36.01
C GLU F 53 11.61 0.81 35.93
N VAL F 54 10.37 1.23 35.75
CA VAL F 54 9.25 0.29 35.65
C VAL F 54 9.51 -0.76 34.58
N VAL F 55 9.69 -0.31 33.35
CA VAL F 55 9.88 -1.21 32.22
C VAL F 55 11.26 -1.86 32.21
N GLU F 56 12.10 -1.49 33.18
CA GLU F 56 13.42 -2.11 33.34
C GLU F 56 13.29 -3.47 34.02
N SER F 57 12.32 -3.58 34.92
CA SER F 57 12.28 -4.71 35.83
C SER F 57 10.93 -5.41 35.89
N CYS F 58 10.10 -5.23 34.86
CA CYS F 58 8.83 -5.94 34.77
C CYS F 58 8.66 -6.57 33.39
N PRO F 59 8.20 -7.83 33.36
CA PRO F 59 8.08 -8.57 32.09
C PRO F 59 7.00 -7.97 31.21
N VAL F 60 5.98 -7.41 31.85
CA VAL F 60 4.81 -6.84 31.17
C VAL F 60 4.34 -5.60 31.91
N THR F 61 4.35 -4.45 31.25
CA THR F 61 3.90 -3.22 31.88
C THR F 61 2.67 -2.64 31.17
N PHE F 62 1.67 -2.26 31.96
CA PHE F 62 0.48 -1.59 31.44
C PHE F 62 0.62 -0.08 31.61
N ALA F 63 0.11 0.67 30.65
CA ALA F 63 0.10 2.15 30.74
C ALA F 63 -1.31 2.68 30.51
N MET F 64 -1.67 3.72 31.28
CA MET F 64 -3.01 4.29 31.21
C MET F 64 -2.94 5.83 31.27
N LEU F 65 -2.45 6.44 30.19
CA LEU F 65 -2.25 7.90 30.15
C LEU F 65 -3.38 8.66 29.45
N ALA F 66 -3.37 9.98 29.60
CA ALA F 66 -4.45 10.85 29.14
C ALA F 66 -4.73 10.84 27.64
N ASP F 67 -3.72 11.17 26.84
CA ASP F 67 -3.90 11.37 25.40
C ASP F 67 -2.63 11.04 24.60
N PRO F 68 -2.72 11.11 23.27
CA PRO F 68 -1.51 10.83 22.49
C PRO F 68 -0.29 11.62 22.96
N ALA F 69 -0.46 12.87 23.37
CA ALA F 69 0.68 13.67 23.81
C ALA F 69 1.37 13.07 25.03
N ALA F 70 0.56 12.62 25.98
CA ALA F 70 1.07 12.01 27.19
C ALA F 70 1.78 10.71 26.86
N ALA F 71 1.12 9.88 26.06
CA ALA F 71 1.64 8.56 25.71
C ALA F 71 2.99 8.69 25.03
N GLU F 72 3.12 9.71 24.18
CA GLU F 72 4.35 9.93 23.44
C GLU F 72 5.48 10.41 24.35
N GLU F 73 5.18 11.33 25.25
CA GLU F 73 6.22 11.86 26.14
C GLU F 73 6.72 10.78 27.09
N VAL F 74 5.83 9.91 27.56
CA VAL F 74 6.21 8.82 28.44
C VAL F 74 7.07 7.80 27.71
N CYS F 75 6.80 7.64 26.43
CA CYS F 75 7.53 6.67 25.63
C CYS F 75 8.87 7.25 25.21
N PHE F 76 8.82 8.40 24.54
CA PHE F 76 9.98 8.97 23.86
C PHE F 76 10.82 9.93 24.69
N GLY F 77 10.35 10.31 25.87
CA GLY F 77 10.98 11.35 26.65
C GLY F 77 12.19 10.94 27.49
N LYS F 78 12.71 11.90 28.24
CA LYS F 78 13.80 11.65 29.16
C LYS F 78 13.36 10.61 30.18
N HIS F 79 14.19 9.59 30.37
CA HIS F 79 13.90 8.50 31.31
C HIS F 79 12.59 7.79 30.99
N GLY F 80 12.17 7.87 29.72
CA GLY F 80 10.93 7.26 29.29
C GLY F 80 11.05 5.78 29.00
N VAL F 81 9.99 5.20 28.45
CA VAL F 81 9.90 3.77 28.22
C VAL F 81 11.05 3.23 27.37
N LEU F 82 11.36 3.95 26.30
CA LEU F 82 12.42 3.55 25.38
C LEU F 82 13.77 3.40 26.07
N GLU F 83 14.02 4.24 27.08
CA GLU F 83 15.29 4.19 27.80
C GLU F 83 15.47 2.90 28.58
N GLY F 84 14.36 2.29 28.98
CA GLY F 84 14.42 1.14 29.86
C GLY F 84 13.87 -0.16 29.30
N ILE F 85 13.23 -0.11 28.15
CA ILE F 85 12.64 -1.29 27.56
C ILE F 85 13.71 -2.07 26.82
N GLY F 86 13.49 -3.37 26.62
CA GLY F 86 14.44 -4.19 25.91
C GLY F 86 14.31 -5.68 26.18
N GLU F 87 15.12 -6.45 25.45
CA GLU F 87 15.18 -7.90 25.60
C GLU F 87 13.85 -8.59 25.91
N GLY F 88 12.86 -8.38 25.04
CA GLY F 88 11.62 -9.13 25.09
C GLY F 88 10.51 -8.57 25.95
N ARG F 89 10.88 -7.81 26.97
CA ARG F 89 9.89 -7.25 27.90
C ARG F 89 8.81 -6.50 27.12
N GLY F 90 7.59 -6.54 27.64
CA GLY F 90 6.46 -5.98 26.93
C GLY F 90 5.93 -4.67 27.49
N TYR F 91 5.37 -3.87 26.60
CA TYR F 91 4.74 -2.62 26.97
C TYR F 91 3.33 -2.66 26.38
N VAL F 92 2.35 -2.43 27.24
CA VAL F 92 0.94 -2.58 26.88
C VAL F 92 0.19 -1.28 27.12
N ASP F 93 0.26 -0.37 26.15
CA ASP F 93 -0.40 0.93 26.29
C ASP F 93 -1.91 0.76 26.17
N MET F 94 -2.62 1.11 27.24
CA MET F 94 -4.07 0.99 27.27
C MET F 94 -4.76 2.35 27.16
N SER F 95 -3.97 3.39 26.91
CA SER F 95 -4.50 4.74 26.73
C SER F 95 -5.42 4.80 25.50
N THR F 96 -6.33 5.77 25.49
CA THR F 96 -7.10 6.03 24.29
C THR F 96 -6.33 7.01 23.42
N VAL F 97 -5.91 6.51 22.26
CA VAL F 97 -5.01 7.25 21.39
C VAL F 97 -5.41 6.97 19.94
N ASP F 98 -4.88 7.73 19.00
CA ASP F 98 -5.11 7.47 17.57
C ASP F 98 -4.17 6.35 17.10
N PRO F 99 -4.57 5.64 16.02
CA PRO F 99 -3.81 4.49 15.50
C PRO F 99 -2.36 4.83 15.16
N ALA F 100 -2.12 6.00 14.56
CA ALA F 100 -0.77 6.36 14.16
C ALA F 100 0.15 6.48 15.38
N THR F 101 -0.41 6.93 16.50
CA THR F 101 0.39 7.09 17.72
C THR F 101 0.80 5.74 18.29
N SER F 102 -0.15 4.83 18.44
CA SER F 102 0.18 3.52 18.99
C SER F 102 1.10 2.77 18.04
N GLN F 103 0.82 2.88 16.74
CA GLN F 103 1.69 2.25 15.74
C GLN F 103 3.14 2.74 15.88
N ARG F 104 3.27 4.04 16.07
CA ARG F 104 4.57 4.69 16.21
C ARG F 104 5.29 4.24 17.49
N ILE F 105 4.57 4.25 18.60
CA ILE F 105 5.12 3.79 19.87
C ILE F 105 5.55 2.32 19.75
N GLY F 106 4.67 1.51 19.17
CA GLY F 106 4.97 0.11 18.94
C GLY F 106 6.26 -0.11 18.17
N VAL F 107 6.39 0.55 17.02
CA VAL F 107 7.59 0.43 16.21
C VAL F 107 8.85 0.78 17.00
N ALA F 108 8.78 1.82 17.82
CA ALA F 108 9.93 2.24 18.62
C ALA F 108 10.33 1.21 19.66
N VAL F 109 9.33 0.64 20.35
CA VAL F 109 9.57 -0.38 21.38
C VAL F 109 10.20 -1.64 20.78
N VAL F 110 9.72 -2.02 19.59
CA VAL F 110 10.23 -3.20 18.91
C VAL F 110 11.68 -2.98 18.50
N ALA F 111 11.97 -1.78 18.01
CA ALA F 111 13.34 -1.41 17.64
C ALA F 111 14.26 -1.40 18.86
N LYS F 112 13.69 -1.36 20.06
CA LYS F 112 14.49 -1.40 21.27
C LYS F 112 14.55 -2.80 21.86
N GLY F 113 14.02 -3.76 21.12
CA GLY F 113 14.05 -5.15 21.52
C GLY F 113 12.91 -5.55 22.44
N GLY F 114 11.94 -4.65 22.60
CA GLY F 114 10.78 -4.93 23.40
C GLY F 114 9.63 -5.49 22.57
N ARG F 115 8.51 -5.80 23.22
CA ARG F 115 7.31 -6.24 22.53
C ARG F 115 6.17 -5.28 22.83
N PHE F 116 5.32 -5.03 21.84
CA PHE F 116 4.28 -4.04 22.04
C PHE F 116 2.84 -4.50 21.78
N LEU F 117 1.93 -4.00 22.62
CA LEU F 117 0.51 -4.26 22.54
C LEU F 117 -0.22 -2.97 22.85
N GLU F 118 -1.23 -2.64 22.04
CA GLU F 118 -2.20 -1.62 22.46
C GLU F 118 -3.40 -2.34 23.04
N ALA F 119 -4.08 -1.71 24.00
CA ALA F 119 -5.25 -2.31 24.60
C ALA F 119 -6.11 -1.26 25.26
N PRO F 120 -6.68 -0.34 24.46
CA PRO F 120 -7.62 0.63 25.03
C PRO F 120 -8.80 -0.14 25.60
N VAL F 121 -9.58 0.49 26.45
CA VAL F 121 -10.70 -0.21 27.07
C VAL F 121 -12.03 0.52 26.94
N SER F 122 -13.10 -0.26 27.04
CA SER F 122 -14.46 0.28 27.07
C SER F 122 -14.99 0.07 28.49
N GLY F 123 -15.49 1.14 29.10
CA GLY F 123 -15.94 1.08 30.49
C GLY F 123 -15.28 2.15 31.34
N SER F 124 -16.05 2.70 32.27
CA SER F 124 -15.61 3.86 33.04
C SER F 124 -15.10 3.50 34.43
N LYS F 125 -15.28 4.42 35.38
CA LYS F 125 -14.75 4.27 36.75
C LYS F 125 -15.19 2.98 37.45
N LYS F 126 -16.50 2.81 37.56
CA LYS F 126 -17.06 1.64 38.26
C LYS F 126 -16.58 0.33 37.64
N PRO F 127 -16.71 0.20 36.30
CA PRO F 127 -16.20 -1.04 35.70
C PRO F 127 -14.70 -1.23 35.96
N ALA F 128 -13.95 -0.14 36.07
CA ALA F 128 -12.52 -0.23 36.34
C ALA F 128 -12.23 -0.77 37.74
N GLU F 129 -13.04 -0.33 38.70
CA GLU F 129 -12.91 -0.79 40.08
C GLU F 129 -13.38 -2.22 40.20
N ASP F 130 -14.42 -2.56 39.43
CA ASP F 130 -15.01 -3.88 39.45
C ASP F 130 -14.19 -4.91 38.65
N GLY F 131 -13.28 -4.43 37.81
CA GLY F 131 -12.55 -5.30 36.90
C GLY F 131 -13.47 -5.84 35.81
N THR F 132 -14.39 -4.99 35.37
CA THR F 132 -15.43 -5.37 34.42
C THR F 132 -15.21 -4.69 33.07
N LEU F 133 -14.01 -4.19 32.86
CA LEU F 133 -13.70 -3.51 31.61
C LEU F 133 -13.80 -4.46 30.42
N ILE F 134 -14.00 -3.89 29.25
CA ILE F 134 -13.85 -4.60 27.99
C ILE F 134 -12.48 -4.20 27.43
N ILE F 135 -11.67 -5.18 27.06
CA ILE F 135 -10.30 -4.90 26.66
C ILE F 135 -10.07 -5.16 25.17
N LEU F 136 -9.69 -4.10 24.46
CA LEU F 136 -9.62 -4.10 23.01
C LEU F 136 -8.18 -4.16 22.53
N ALA F 137 -7.60 -5.35 22.57
CA ALA F 137 -6.18 -5.50 22.30
C ALA F 137 -5.88 -5.65 20.82
N ALA F 138 -4.69 -5.19 20.42
CA ALA F 138 -4.21 -5.32 19.05
C ALA F 138 -2.69 -5.22 19.02
N GLY F 139 -2.05 -6.11 18.27
CA GLY F 139 -0.60 -6.15 18.22
C GLY F 139 -0.04 -7.52 18.59
N ASP F 140 1.07 -7.53 19.33
CA ASP F 140 1.85 -8.73 19.58
C ASP F 140 1.07 -9.87 20.25
N ARG F 141 0.79 -10.92 19.50
CA ARG F 141 -0.01 -12.05 19.96
C ARG F 141 0.57 -12.77 21.19
N ASN F 142 1.89 -12.95 21.20
CA ASN F 142 2.56 -13.56 22.35
C ASN F 142 2.41 -12.72 23.61
N LEU F 143 2.54 -11.41 23.47
CA LEU F 143 2.40 -10.50 24.59
C LEU F 143 0.96 -10.49 25.10
N TYR F 144 0.01 -10.58 24.18
CA TYR F 144 -1.40 -10.68 24.52
C TYR F 144 -1.65 -11.88 25.44
N ASP F 145 -1.03 -13.01 25.11
CA ASP F 145 -1.17 -14.22 25.93
C ASP F 145 -0.52 -14.06 27.29
N GLU F 146 0.65 -13.45 27.29
CA GLU F 146 1.43 -13.24 28.51
C GLU F 146 0.71 -12.28 29.47
N ALA F 147 0.06 -11.28 28.91
CA ALA F 147 -0.61 -10.27 29.72
C ALA F 147 -2.00 -10.74 30.13
N MET F 148 -2.49 -11.78 29.46
CA MET F 148 -3.83 -12.31 29.72
C MET F 148 -4.17 -12.48 31.21
N PRO F 149 -3.25 -13.08 32.00
CA PRO F 149 -3.49 -13.21 33.44
C PRO F 149 -3.78 -11.86 34.09
N GLY F 150 -3.15 -10.80 33.60
CA GLY F 150 -3.40 -9.46 34.10
C GLY F 150 -4.70 -8.87 33.59
N PHE F 151 -4.96 -9.04 32.29
CA PHE F 151 -6.21 -8.58 31.69
C PHE F 151 -7.40 -9.21 32.41
N GLU F 152 -7.24 -10.45 32.83
CA GLU F 152 -8.33 -11.21 33.44
C GLU F 152 -8.75 -10.57 34.76
N LYS F 153 -7.87 -9.73 35.31
CA LYS F 153 -8.12 -9.12 36.60
C LYS F 153 -8.83 -7.77 36.48
N MET F 154 -8.65 -7.09 35.35
CA MET F 154 -9.18 -5.74 35.18
C MET F 154 -10.42 -5.70 34.29
N GLY F 155 -10.61 -6.75 33.50
CA GLY F 155 -11.71 -6.79 32.54
C GLY F 155 -12.37 -8.14 32.44
N LYS F 156 -13.61 -8.14 31.95
CA LYS F 156 -14.41 -9.36 31.79
C LYS F 156 -14.36 -9.91 30.37
N LYS F 157 -14.39 -9.03 29.40
CA LYS F 157 -14.33 -9.41 27.99
C LYS F 157 -13.01 -8.95 27.39
N ILE F 158 -12.25 -9.88 26.81
CA ILE F 158 -10.93 -9.56 26.29
C ILE F 158 -10.74 -10.13 24.89
N ILE F 159 -10.51 -9.24 23.93
CA ILE F 159 -10.38 -9.67 22.54
C ILE F 159 -9.09 -9.20 21.87
N HIS F 160 -8.75 -9.85 20.76
CA HIS F 160 -7.64 -9.43 19.94
C HIS F 160 -8.17 -9.05 18.57
N LEU F 161 -7.97 -7.79 18.20
CA LEU F 161 -8.58 -7.25 17.00
C LEU F 161 -7.65 -7.26 15.80
N GLY F 162 -6.40 -7.63 16.03
CA GLY F 162 -5.45 -7.73 14.94
C GLY F 162 -4.21 -6.87 15.11
N ASP F 163 -3.80 -6.22 14.03
CA ASP F 163 -2.56 -5.45 14.01
C ASP F 163 -2.65 -4.17 14.84
N VAL F 164 -1.51 -3.69 15.32
CA VAL F 164 -1.48 -2.44 16.07
C VAL F 164 -2.27 -1.39 15.31
N GLY F 165 -3.16 -0.69 16.01
CA GLY F 165 -4.00 0.31 15.38
C GLY F 165 -5.46 -0.08 15.31
N LYS F 166 -5.74 -1.37 15.17
CA LYS F 166 -7.10 -1.89 15.11
C LYS F 166 -7.88 -1.65 16.42
N GLY F 167 -7.23 -1.90 17.55
CA GLY F 167 -7.83 -1.57 18.85
C GLY F 167 -8.16 -0.09 18.98
N ALA F 168 -7.20 0.77 18.64
CA ALA F 168 -7.42 2.22 18.69
C ALA F 168 -8.62 2.63 17.84
N GLU F 169 -8.69 2.13 16.61
CA GLU F 169 -9.82 2.44 15.73
C GLU F 169 -11.14 1.96 16.32
N MET F 170 -11.13 0.74 16.88
CA MET F 170 -12.34 0.23 17.51
C MET F 170 -12.77 1.16 18.64
N LYS F 171 -11.82 1.46 19.53
CA LYS F 171 -12.10 2.34 20.67
C LYS F 171 -12.65 3.69 20.21
N LEU F 172 -12.03 4.30 19.20
CA LEU F 172 -12.48 5.58 18.71
C LEU F 172 -13.89 5.53 18.13
N VAL F 173 -14.19 4.48 17.37
CA VAL F 173 -15.52 4.36 16.78
C VAL F 173 -16.57 4.27 17.87
N VAL F 174 -16.30 3.40 18.83
CA VAL F 174 -17.24 3.16 19.92
C VAL F 174 -17.45 4.39 20.79
N ASN F 175 -16.37 5.08 21.15
CA ASN F 175 -16.50 6.32 21.91
C ASN F 175 -17.16 7.48 21.14
N MET F 176 -17.03 7.49 19.82
CA MET F 176 -17.69 8.53 19.03
C MET F 176 -19.21 8.40 19.15
N VAL F 177 -19.72 7.18 19.06
CA VAL F 177 -21.14 6.95 19.26
C VAL F 177 -21.57 7.38 20.67
N MET F 178 -20.79 6.99 21.67
CA MET F 178 -21.10 7.38 23.04
C MET F 178 -21.17 8.88 23.25
N GLY F 179 -20.21 9.61 22.70
CA GLY F 179 -20.19 11.06 22.85
C GLY F 179 -21.40 11.68 22.21
N GLY F 180 -21.73 11.21 21.02
CA GLY F 180 -22.89 11.66 20.29
C GLY F 180 -24.16 11.38 21.08
N MET F 181 -24.23 10.19 21.68
CA MET F 181 -25.40 9.80 22.46
C MET F 181 -25.60 10.72 23.63
N MET F 182 -24.51 11.00 24.35
CA MET F 182 -24.57 11.88 25.50
C MET F 182 -25.04 13.28 25.08
N ALA F 183 -24.47 13.81 23.99
CA ALA F 183 -24.88 15.12 23.52
C ALA F 183 -26.38 15.15 23.22
N CYS F 184 -26.87 14.17 22.47
CA CYS F 184 -28.30 14.09 22.14
C CYS F 184 -29.18 13.92 23.36
N PHE F 185 -28.78 13.02 24.25
CA PHE F 185 -29.52 12.73 25.49
C PHE F 185 -29.66 14.01 26.33
N CYS F 186 -28.55 14.71 26.54
CA CYS F 186 -28.59 15.99 27.23
C CYS F 186 -29.46 17.03 26.53
N GLU F 187 -29.45 17.04 25.20
CA GLU F 187 -30.30 17.96 24.47
C GLU F 187 -31.76 17.62 24.74
N GLY F 188 -32.06 16.33 24.78
CA GLY F 188 -33.40 15.88 25.14
C GLY F 188 -33.81 16.33 26.54
N LEU F 189 -32.95 16.07 27.53
CA LEU F 189 -33.26 16.45 28.91
C LEU F 189 -33.45 17.95 29.06
N ALA F 190 -32.60 18.75 28.42
CA ALA F 190 -32.71 20.20 28.52
C ALA F 190 -33.99 20.68 27.83
N LEU F 191 -34.28 20.12 26.66
CA LEU F 191 -35.47 20.50 25.92
C LEU F 191 -36.73 20.19 26.73
N GLY F 192 -36.78 18.97 27.26
CA GLY F 192 -37.90 18.57 28.09
C GLY F 192 -38.09 19.50 29.28
N GLU F 193 -36.99 19.82 29.96
CA GLU F 193 -37.07 20.74 31.08
C GLU F 193 -37.64 22.11 30.69
N LYS F 194 -37.21 22.67 29.56
CA LYS F 194 -37.72 23.98 29.16
C LYS F 194 -39.15 23.90 28.68
N ALA F 195 -39.56 22.71 28.23
CA ALA F 195 -40.93 22.51 27.83
C ALA F 195 -41.84 22.24 29.03
N GLY F 196 -41.25 22.12 30.22
CA GLY F 196 -42.03 21.96 31.44
C GLY F 196 -42.30 20.52 31.86
N LEU F 197 -41.56 19.57 31.29
CA LEU F 197 -41.68 18.17 31.68
C LEU F 197 -40.77 17.86 32.87
N ALA F 198 -41.15 16.88 33.69
CA ALA F 198 -40.33 16.46 34.82
C ALA F 198 -39.21 15.52 34.36
N THR F 199 -37.99 15.78 34.82
CA THR F 199 -36.85 14.96 34.44
C THR F 199 -37.14 13.47 34.66
N ASP F 200 -37.66 13.14 35.84
CA ASP F 200 -38.01 11.77 36.19
C ASP F 200 -39.03 11.13 35.23
N ALA F 201 -40.03 11.89 34.82
CA ALA F 201 -41.01 11.38 33.87
C ALA F 201 -40.32 11.01 32.55
N ILE F 202 -39.40 11.85 32.11
CA ILE F 202 -38.70 11.60 30.87
C ILE F 202 -37.81 10.36 30.98
N LEU F 203 -37.05 10.27 32.05
CA LEU F 203 -36.22 9.09 32.28
C LEU F 203 -37.08 7.81 32.31
N ASP F 204 -38.27 7.94 32.90
CA ASP F 204 -39.19 6.82 33.03
C ASP F 204 -39.57 6.28 31.64
N VAL F 205 -39.97 7.19 30.76
CA VAL F 205 -40.39 6.79 29.42
C VAL F 205 -39.21 6.22 28.66
N ILE F 206 -38.06 6.88 28.76
CA ILE F 206 -36.87 6.41 28.04
C ILE F 206 -36.46 5.03 28.52
N GLY F 207 -36.37 4.84 29.83
CA GLY F 207 -35.96 3.55 30.37
C GLY F 207 -36.94 2.45 30.07
N ALA F 208 -38.13 2.81 29.61
CA ALA F 208 -39.16 1.83 29.34
C ALA F 208 -39.11 1.27 27.92
N GLY F 209 -38.34 1.89 27.03
CA GLY F 209 -38.37 1.57 25.62
C GLY F 209 -37.09 1.03 25.02
N ALA F 210 -37.02 1.06 23.70
CA ALA F 210 -35.94 0.40 22.95
C ALA F 210 -34.60 1.12 23.05
N MET F 211 -34.60 2.35 23.52
CA MET F 211 -33.37 3.12 23.69
C MET F 211 -32.71 2.88 25.07
N ALA F 212 -33.46 2.28 25.99
CA ALA F 212 -32.96 2.11 27.35
C ALA F 212 -31.57 1.49 27.36
N ASN F 213 -30.70 2.05 28.18
CA ASN F 213 -29.33 1.57 28.32
C ASN F 213 -28.75 2.02 29.65
N PRO F 214 -27.78 1.25 30.19
CA PRO F 214 -27.18 1.61 31.48
C PRO F 214 -26.58 3.03 31.54
N MET F 215 -26.00 3.54 30.46
CA MET F 215 -25.47 4.91 30.52
C MET F 215 -26.59 5.92 30.75
N PHE F 216 -27.69 5.79 30.01
CA PHE F 216 -28.80 6.73 30.18
C PHE F 216 -29.32 6.66 31.61
N ALA F 217 -29.47 5.44 32.11
CA ALA F 217 -30.00 5.21 33.46
C ALA F 217 -29.12 5.86 34.54
N LEU F 218 -27.82 5.61 34.44
CA LEU F 218 -26.87 6.11 35.44
C LEU F 218 -26.72 7.63 35.33
N LYS F 219 -26.33 8.12 34.15
CA LYS F 219 -26.12 9.56 34.01
C LYS F 219 -27.40 10.41 34.11
N GLY F 220 -28.50 9.89 33.59
CA GLY F 220 -29.78 10.57 33.73
C GLY F 220 -30.05 10.99 35.16
N GLY F 221 -29.85 10.08 36.11
CA GLY F 221 -30.13 10.36 37.51
C GLY F 221 -29.18 11.38 38.08
N LEU F 222 -27.92 11.28 37.76
CA LEU F 222 -26.93 12.20 38.21
C LEU F 222 -27.18 13.59 37.71
N ILE F 223 -27.70 13.70 36.50
CA ILE F 223 -27.97 14.97 35.90
C ILE F 223 -29.11 15.64 36.63
N ARG F 224 -30.13 14.88 36.93
CA ARG F 224 -31.28 15.37 37.66
C ARG F 224 -30.83 15.99 38.94
N ASP F 225 -29.85 15.38 39.57
CA ASP F 225 -29.39 15.85 40.86
C ASP F 225 -28.28 16.87 40.70
N ARG F 226 -27.89 17.12 39.45
CA ARG F 226 -26.81 18.05 39.14
C ARG F 226 -25.52 17.63 39.83
N ASN F 227 -25.23 16.33 39.82
CA ASN F 227 -23.96 15.81 40.32
C ASN F 227 -23.05 15.39 39.15
N PHE F 228 -21.96 16.12 38.96
CA PHE F 228 -21.08 15.89 37.81
C PHE F 228 -19.65 15.47 38.21
N ALA F 229 -19.53 14.80 39.34
CA ALA F 229 -18.24 14.26 39.77
C ALA F 229 -17.68 13.39 38.66
N PRO F 230 -16.41 13.59 38.32
CA PRO F 230 -15.82 12.98 37.12
C PRO F 230 -15.75 11.45 37.19
N ALA F 231 -16.33 10.77 36.22
CA ALA F 231 -16.11 9.34 36.03
C ALA F 231 -15.32 9.17 34.73
N PHE F 232 -15.85 9.73 33.65
CA PHE F 232 -15.08 9.93 32.42
C PHE F 232 -14.93 11.44 32.27
N PRO F 233 -13.72 11.98 32.53
CA PRO F 233 -13.47 13.42 32.45
C PRO F 233 -13.93 14.03 31.12
N LEU F 234 -14.68 15.13 31.19
CA LEU F 234 -15.17 15.79 29.99
C LEU F 234 -14.03 16.09 29.01
N LYS F 235 -12.88 16.53 29.53
CA LYS F 235 -11.80 16.91 28.64
C LYS F 235 -11.28 15.71 27.84
N HIS F 236 -11.38 14.50 28.41
CA HIS F 236 -10.95 13.29 27.71
C HIS F 236 -11.98 12.85 26.67
N MET F 237 -13.26 13.07 26.97
CA MET F 237 -14.30 12.78 25.99
C MET F 237 -14.16 13.69 24.78
N GLN F 238 -13.71 14.92 25.01
CA GLN F 238 -13.58 15.86 23.90
C GLN F 238 -12.43 15.44 22.98
N LYS F 239 -11.32 15.08 23.63
CA LYS F 239 -10.14 14.54 22.96
C LYS F 239 -10.50 13.35 22.09
N ASP F 240 -11.25 12.42 22.66
CA ASP F 240 -11.74 11.26 21.91
C ASP F 240 -12.54 11.63 20.66
N LEU F 241 -13.40 12.65 20.76
CA LEU F 241 -14.16 13.11 19.61
C LEU F 241 -13.23 13.76 18.58
N ARG F 242 -12.25 14.51 19.08
CA ARG F 242 -11.24 15.09 18.20
C ARG F 242 -10.59 14.01 17.35
N LEU F 243 -10.17 12.93 18.01
CA LEU F 243 -9.46 11.85 17.35
C LEU F 243 -10.34 11.08 16.37
N ALA F 244 -11.60 10.91 16.73
CA ALA F 244 -12.57 10.28 15.84
C ALA F 244 -12.82 11.12 14.60
N VAL F 245 -12.81 12.45 14.74
CA VAL F 245 -13.03 13.29 13.57
C VAL F 245 -11.81 13.23 12.66
N ALA F 246 -10.63 13.10 13.28
CA ALA F 246 -9.37 12.94 12.54
C ALA F 246 -9.37 11.62 11.76
N LEU F 247 -9.87 10.57 12.39
CA LEU F 247 -9.97 9.26 11.75
C LEU F 247 -10.92 9.35 10.56
N GLY F 248 -12.06 9.99 10.77
CA GLY F 248 -13.01 10.19 9.68
C GLY F 248 -12.39 10.99 8.56
N ASP F 249 -11.66 12.03 8.91
CA ASP F 249 -10.98 12.82 7.89
C ASP F 249 -10.04 11.90 7.09
N ARG F 250 -9.26 11.10 7.79
CA ARG F 250 -8.27 10.24 7.15
C ARG F 250 -8.91 9.18 6.23
N VAL F 251 -9.99 8.54 6.67
CA VAL F 251 -10.60 7.49 5.87
C VAL F 251 -11.72 7.97 4.93
N GLY F 252 -11.93 9.28 4.86
CA GLY F 252 -12.92 9.84 3.95
C GLY F 252 -14.37 9.64 4.38
N GLN F 253 -14.62 9.73 5.69
CA GLN F 253 -15.98 9.60 6.21
C GLN F 253 -16.45 10.93 6.79
N PRO F 254 -17.44 11.58 6.15
CA PRO F 254 -18.01 12.77 6.78
C PRO F 254 -18.75 12.38 8.06
N LEU F 255 -18.66 13.22 9.07
CA LEU F 255 -19.24 12.91 10.37
C LEU F 255 -19.92 14.15 10.91
N VAL F 256 -20.98 14.58 10.23
CA VAL F 256 -21.68 15.80 10.60
C VAL F 256 -22.12 15.84 12.06
N ALA F 257 -22.73 14.75 12.54
CA ALA F 257 -23.30 14.74 13.89
C ALA F 257 -22.20 14.70 14.96
N SER F 258 -21.17 13.90 14.70
CA SER F 258 -20.10 13.71 15.67
C SER F 258 -19.21 14.95 15.71
N ALA F 259 -19.06 15.63 14.57
CA ALA F 259 -18.27 16.85 14.55
C ALA F 259 -18.99 17.93 15.34
N ALA F 260 -20.32 17.96 15.20
CA ALA F 260 -21.12 18.84 16.04
C ALA F 260 -20.89 18.54 17.53
N ALA F 261 -20.93 17.27 17.90
CA ALA F 261 -20.76 16.89 19.31
C ALA F 261 -19.36 17.29 19.78
N ASN F 262 -18.36 17.08 18.92
CA ASN F 262 -17.01 17.55 19.24
C ASN F 262 -17.02 19.06 19.60
N GLU F 263 -17.63 19.90 18.74
CA GLU F 263 -17.67 21.34 19.01
C GLU F 263 -18.42 21.70 20.31
N LEU F 264 -19.54 21.02 20.55
CA LEU F 264 -20.31 21.20 21.77
C LEU F 264 -19.51 20.83 23.03
N PHE F 265 -18.79 19.71 22.99
CA PHE F 265 -17.94 19.39 24.13
C PHE F 265 -16.84 20.42 24.32
N LYS F 266 -16.31 20.93 23.22
CA LYS F 266 -15.34 22.02 23.31
C LYS F 266 -16.00 23.19 24.05
N GLY F 267 -17.26 23.47 23.73
CA GLY F 267 -17.99 24.52 24.42
C GLY F 267 -17.98 24.30 25.93
N ALA F 268 -18.17 23.05 26.34
CA ALA F 268 -18.21 22.72 27.77
C ALA F 268 -16.84 22.87 28.45
N ARG F 269 -15.76 22.57 27.72
CA ARG F 269 -14.42 22.85 28.24
C ARG F 269 -14.20 24.37 28.44
N ALA F 270 -14.57 25.15 27.44
CA ALA F 270 -14.44 26.61 27.49
C ALA F 270 -15.21 27.20 28.68
N ALA F 271 -16.34 26.59 29.01
CA ALA F 271 -17.16 27.04 30.13
C ALA F 271 -16.55 26.64 31.47
N GLY F 272 -15.54 25.77 31.44
CA GLY F 272 -14.82 25.38 32.63
C GLY F 272 -15.17 24.00 33.19
N PHE F 273 -15.82 23.17 32.39
CA PHE F 273 -16.27 21.87 32.88
C PHE F 273 -15.33 20.71 32.55
N GLY F 274 -14.13 21.02 32.10
CA GLY F 274 -13.21 20.01 31.61
C GLY F 274 -12.86 18.88 32.57
N ASP F 275 -12.87 19.17 33.86
CA ASP F 275 -12.52 18.16 34.85
C ASP F 275 -13.73 17.45 35.49
N GLU F 276 -14.94 17.86 35.12
CA GLU F 276 -16.10 17.14 35.60
C GLU F 276 -16.44 16.00 34.65
N ASP F 277 -17.48 15.22 34.99
CA ASP F 277 -17.86 14.10 34.14
C ASP F 277 -18.29 14.64 32.80
N PHE F 278 -18.19 13.81 31.76
CA PHE F 278 -18.58 14.29 30.44
C PHE F 278 -20.07 14.58 30.38
N SER F 279 -20.82 14.11 31.38
CA SER F 279 -22.25 14.41 31.46
C SER F 279 -22.49 15.90 31.75
N ALA F 280 -21.44 16.61 32.14
CA ALA F 280 -21.56 18.04 32.45
C ALA F 280 -21.82 18.90 31.22
N ILE F 281 -21.76 18.28 30.04
CA ILE F 281 -22.13 19.01 28.84
C ILE F 281 -23.57 19.51 28.98
N PHE F 282 -24.34 18.87 29.85
CA PHE F 282 -25.72 19.27 30.08
C PHE F 282 -25.80 20.73 30.54
N LYS F 283 -24.85 21.13 31.39
CA LYS F 283 -24.87 22.46 31.95
C LYS F 283 -24.74 23.57 30.90
N THR F 284 -24.06 23.29 29.80
CA THR F 284 -23.99 24.27 28.72
C THR F 284 -25.32 24.39 27.99
N TYR F 285 -26.20 23.40 28.14
CA TYR F 285 -27.54 23.50 27.55
C TYR F 285 -28.50 24.26 28.49
N GLU F 286 -28.01 24.56 29.68
CA GLU F 286 -28.78 25.27 30.72
C GLU F 286 -29.80 24.38 31.42
N SER G 1 18.92 41.27 -11.44
CA SER G 1 18.81 39.82 -11.52
C SER G 1 19.15 39.17 -10.19
N GLN G 2 18.18 39.19 -9.28
CA GLN G 2 18.31 38.53 -7.99
C GLN G 2 18.07 37.03 -8.20
N LYS G 3 18.80 36.22 -7.44
CA LYS G 3 18.63 34.78 -7.49
C LYS G 3 17.54 34.35 -6.52
N PHE G 4 16.68 33.43 -6.97
CA PHE G 4 15.61 32.89 -6.12
C PHE G 4 15.39 31.42 -6.42
N GLY G 5 15.17 30.64 -5.37
CA GLY G 5 14.77 29.27 -5.55
C GLY G 5 13.27 29.15 -5.44
N PHE G 6 12.69 28.15 -6.10
CA PHE G 6 11.27 27.89 -5.96
C PHE G 6 10.98 26.40 -5.90
N ILE G 7 10.35 25.99 -4.81
CA ILE G 7 10.03 24.60 -4.57
C ILE G 7 8.51 24.44 -4.60
N GLY G 8 8.02 23.59 -5.49
CA GLY G 8 6.59 23.28 -5.57
C GLY G 8 5.89 24.06 -6.67
N LEU G 9 5.63 23.39 -7.80
CA LEU G 9 5.06 24.04 -8.97
C LEU G 9 3.63 23.59 -9.29
N GLY G 10 2.73 23.83 -8.34
CA GLY G 10 1.33 23.50 -8.56
C GLY G 10 0.63 24.72 -9.14
N ILE G 11 -0.69 24.74 -8.99
CA ILE G 11 -1.47 25.87 -9.47
C ILE G 11 -0.86 27.19 -9.01
N MET G 12 -0.61 27.31 -7.71
CA MET G 12 -0.06 28.54 -7.15
C MET G 12 1.43 28.74 -7.45
N GLY G 13 2.26 27.78 -7.01
CA GLY G 13 3.70 27.88 -7.16
C GLY G 13 4.12 28.13 -8.59
N SER G 14 3.45 27.45 -9.52
CA SER G 14 3.76 27.56 -10.94
C SER G 14 3.59 29.01 -11.41
N ALA G 15 2.43 29.59 -11.09
CA ALA G 15 2.11 30.98 -11.44
C ALA G 15 3.06 31.99 -10.80
N MET G 16 3.44 31.73 -9.55
CA MET G 16 4.30 32.62 -8.80
C MET G 16 5.74 32.54 -9.33
N ALA G 17 6.19 31.33 -9.62
CA ALA G 17 7.53 31.15 -10.18
C ALA G 17 7.64 31.82 -11.56
N LYS G 18 6.57 31.76 -12.35
CA LYS G 18 6.56 32.41 -13.66
C LYS G 18 6.68 33.93 -13.54
N ASN G 19 6.04 34.49 -12.52
CA ASN G 19 6.19 35.93 -12.26
C ASN G 19 7.62 36.33 -11.91
N LEU G 20 8.30 35.50 -11.12
CA LEU G 20 9.69 35.78 -10.77
C LEU G 20 10.58 35.78 -12.01
N VAL G 21 10.34 34.80 -12.89
CA VAL G 21 11.09 34.72 -14.13
C VAL G 21 10.82 35.95 -14.98
N LYS G 22 9.55 36.22 -15.23
CA LYS G 22 9.16 37.36 -16.06
C LYS G 22 9.77 38.68 -15.57
N ALA G 23 9.98 38.79 -14.27
CA ALA G 23 10.56 40.00 -13.67
C ALA G 23 12.07 40.07 -13.89
N GLY G 24 12.63 38.99 -14.43
CA GLY G 24 14.04 38.97 -14.75
C GLY G 24 14.95 38.48 -13.64
N CYS G 25 14.36 37.84 -12.62
CA CYS G 25 15.16 37.16 -11.61
C CYS G 25 15.73 35.91 -12.25
N SER G 26 16.86 35.42 -11.75
CA SER G 26 17.30 34.09 -12.13
C SER G 26 16.66 33.12 -11.15
N VAL G 27 16.05 32.06 -11.66
CA VAL G 27 15.21 31.21 -10.83
C VAL G 27 15.54 29.72 -10.98
N THR G 28 15.83 29.09 -9.85
CA THR G 28 16.08 27.65 -9.80
C THR G 28 14.85 27.00 -9.18
N ILE G 29 14.30 26.00 -9.85
CA ILE G 29 13.03 25.42 -9.46
C ILE G 29 13.13 23.92 -9.22
N TRP G 30 12.19 23.40 -8.42
CA TRP G 30 12.02 21.96 -8.27
C TRP G 30 10.55 21.61 -8.08
N ASN G 31 10.12 20.52 -8.71
CA ASN G 31 8.80 19.93 -8.46
C ASN G 31 8.88 18.41 -8.47
N ARG G 32 8.15 17.78 -7.56
CA ARG G 32 8.01 16.34 -7.49
C ARG G 32 7.75 15.73 -8.88
N SER G 33 6.71 16.22 -9.54
CA SER G 33 6.34 15.79 -10.88
C SER G 33 7.05 16.64 -11.93
N PRO G 34 7.63 15.99 -12.94
CA PRO G 34 8.47 16.67 -13.93
C PRO G 34 7.69 17.61 -14.82
N GLU G 35 6.45 17.23 -15.14
CA GLU G 35 5.61 17.96 -16.06
C GLU G 35 5.71 19.49 -15.90
N LYS G 36 5.45 19.97 -14.68
CA LYS G 36 5.46 21.41 -14.43
C LYS G 36 6.85 22.02 -14.37
N ALA G 37 7.84 21.22 -13.97
CA ALA G 37 9.22 21.70 -13.96
C ALA G 37 9.62 22.07 -15.38
N GLU G 38 9.38 21.14 -16.32
CA GLU G 38 9.74 21.32 -17.72
C GLU G 38 9.18 22.62 -18.28
N GLU G 39 7.92 22.88 -17.94
CA GLU G 39 7.21 24.07 -18.40
C GLU G 39 7.97 25.36 -18.07
N LEU G 40 8.55 25.42 -16.88
CA LEU G 40 9.31 26.60 -16.46
C LEU G 40 10.74 26.55 -16.94
N ALA G 41 11.28 25.35 -17.07
CA ALA G 41 12.60 25.16 -17.61
C ALA G 41 12.61 25.74 -19.02
N ALA G 42 11.49 25.55 -19.72
CA ALA G 42 11.37 26.04 -21.10
C ALA G 42 11.36 27.56 -21.12
N LEU G 43 10.97 28.16 -20.00
CA LEU G 43 10.86 29.62 -19.90
C LEU G 43 12.15 30.27 -19.41
N GLY G 44 13.15 29.46 -19.08
CA GLY G 44 14.44 30.00 -18.70
C GLY G 44 14.86 29.64 -17.29
N ALA G 45 13.96 29.00 -16.54
CA ALA G 45 14.28 28.56 -15.19
C ALA G 45 15.36 27.48 -15.20
N GLU G 46 16.19 27.48 -14.16
CA GLU G 46 17.19 26.44 -13.96
C GLU G 46 16.57 25.29 -13.17
N ARG G 47 16.52 24.11 -13.78
CA ARG G 47 15.80 22.98 -13.18
C ARG G 47 16.67 22.04 -12.32
N ALA G 48 16.40 22.00 -11.02
CA ALA G 48 17.17 21.17 -10.09
C ALA G 48 16.56 19.78 -9.90
N ALA G 49 17.43 18.81 -9.59
CA ALA G 49 17.04 17.42 -9.43
C ALA G 49 16.39 17.14 -8.08
N THR G 50 16.71 17.95 -7.09
CA THR G 50 16.13 17.78 -5.75
C THR G 50 15.90 19.12 -5.07
N PRO G 51 15.07 19.14 -4.03
CA PRO G 51 14.91 20.32 -3.19
C PRO G 51 16.24 20.76 -2.61
N CSO G 52 17.06 19.80 -2.19
CA CSO G 52 18.33 20.10 -1.53
CB CSO G 52 19.03 18.80 -1.09
SG CSO G 52 20.78 18.73 -1.55
C CSO G 52 19.19 20.91 -2.49
O CSO G 52 19.75 21.94 -2.11
OD CSO G 52 21.72 17.77 -0.38
N GLU G 53 19.25 20.48 -3.75
CA GLU G 53 20.01 21.23 -4.73
C GLU G 53 19.55 22.67 -4.82
N VAL G 54 18.23 22.90 -4.70
CA VAL G 54 17.70 24.26 -4.82
C VAL G 54 18.20 25.17 -3.70
N VAL G 55 17.98 24.73 -2.47
CA VAL G 55 18.34 25.53 -1.30
C VAL G 55 19.84 25.73 -1.14
N GLU G 56 20.64 24.76 -1.57
CA GLU G 56 22.10 24.95 -1.49
C GLU G 56 22.58 25.96 -2.52
N SER G 57 21.74 26.24 -3.51
CA SER G 57 22.14 27.08 -4.65
C SER G 57 21.67 28.54 -4.57
N CYS G 58 20.55 28.78 -3.90
CA CYS G 58 19.94 30.12 -3.90
C CYS G 58 19.96 30.77 -2.52
N PRO G 59 20.08 32.12 -2.48
CA PRO G 59 20.08 32.85 -1.21
C PRO G 59 18.72 32.71 -0.53
N VAL G 60 17.65 33.03 -1.25
CA VAL G 60 16.31 32.90 -0.72
C VAL G 60 15.50 31.91 -1.56
N THR G 61 14.83 30.98 -0.90
CA THR G 61 14.00 30.01 -1.60
C THR G 61 12.56 30.04 -1.11
N PHE G 62 11.62 30.23 -2.04
CA PHE G 62 10.20 30.15 -1.70
C PHE G 62 9.72 28.72 -1.92
N ALA G 63 8.78 28.27 -1.10
CA ALA G 63 8.11 26.99 -1.31
C ALA G 63 6.59 27.15 -1.26
N MET G 64 5.89 26.38 -2.09
CA MET G 64 4.43 26.47 -2.20
C MET G 64 3.80 25.07 -2.34
N LEU G 65 3.79 24.31 -1.24
CA LEU G 65 3.40 22.89 -1.23
C LEU G 65 1.97 22.67 -0.70
N ALA G 66 1.39 21.49 -0.97
CA ALA G 66 -0.02 21.20 -0.68
C ALA G 66 -0.46 21.33 0.77
N ASP G 67 0.29 20.72 1.68
CA ASP G 67 -0.17 20.60 3.06
C ASP G 67 0.98 20.29 4.01
N PRO G 68 0.72 20.34 5.33
CA PRO G 68 1.76 20.02 6.31
C PRO G 68 2.58 18.77 5.95
N ALA G 69 1.91 17.68 5.56
CA ALA G 69 2.62 16.46 5.18
C ALA G 69 3.62 16.77 4.08
N ALA G 70 3.17 17.42 3.02
CA ALA G 70 4.07 17.79 1.93
C ALA G 70 5.20 18.68 2.41
N ALA G 71 4.86 19.71 3.18
CA ALA G 71 5.86 20.66 3.68
C ALA G 71 6.96 19.95 4.46
N GLU G 72 6.55 19.01 5.31
CA GLU G 72 7.48 18.33 6.20
C GLU G 72 8.33 17.31 5.46
N GLU G 73 7.73 16.61 4.50
CA GLU G 73 8.46 15.62 3.72
C GLU G 73 9.51 16.29 2.85
N VAL G 74 9.19 17.47 2.31
CA VAL G 74 10.14 18.22 1.50
C VAL G 74 11.21 18.88 2.36
N CYS G 75 10.89 19.11 3.63
CA CYS G 75 11.86 19.71 4.52
C CYS G 75 12.82 18.66 5.08
N PHE G 76 12.25 17.56 5.58
CA PHE G 76 12.96 16.59 6.41
C PHE G 76 13.37 15.30 5.69
N GLY G 77 12.82 15.09 4.49
CA GLY G 77 13.04 13.84 3.79
C GLY G 77 14.43 13.72 3.21
N LYS G 78 14.76 12.56 2.66
CA LYS G 78 16.07 12.41 2.02
C LYS G 78 16.14 13.29 0.77
N HIS G 79 17.31 13.88 0.53
CA HIS G 79 17.51 14.88 -0.51
C HIS G 79 16.57 16.07 -0.31
N GLY G 80 16.01 16.18 0.90
CA GLY G 80 15.12 17.28 1.23
C GLY G 80 15.84 18.61 1.46
N VAL G 81 15.08 19.60 1.92
CA VAL G 81 15.58 20.95 2.13
C VAL G 81 16.69 21.03 3.17
N LEU G 82 16.51 20.38 4.32
CA LEU G 82 17.48 20.41 5.40
C LEU G 82 18.91 20.05 4.99
N GLU G 83 19.02 19.16 4.00
CA GLU G 83 20.33 18.72 3.52
C GLU G 83 21.00 19.77 2.64
N GLY G 84 20.50 21.01 2.67
CA GLY G 84 21.00 22.03 1.77
C GLY G 84 21.20 23.43 2.32
N ILE G 85 20.58 23.77 3.45
CA ILE G 85 20.68 25.14 3.98
C ILE G 85 21.83 25.35 4.95
N GLY G 86 22.35 26.58 4.94
CA GLY G 86 23.43 26.99 5.81
C GLY G 86 23.84 28.40 5.45
N GLU G 87 24.83 28.94 6.16
CA GLU G 87 25.36 30.27 5.87
C GLU G 87 24.30 31.36 5.85
N GLY G 88 23.12 31.06 6.37
CA GLY G 88 22.06 32.04 6.43
C GLY G 88 21.24 32.08 5.16
N ARG G 89 21.36 31.05 4.33
CA ARG G 89 20.48 30.93 3.17
C ARG G 89 19.05 30.72 3.65
N GLY G 90 18.14 31.51 3.09
CA GLY G 90 16.78 31.59 3.59
C GLY G 90 15.75 30.71 2.92
N TYR G 91 14.83 30.23 3.74
CA TYR G 91 13.71 29.42 3.27
C TYR G 91 12.44 30.17 3.64
N VAL G 92 11.60 30.44 2.64
CA VAL G 92 10.33 31.13 2.83
C VAL G 92 9.17 30.22 2.46
N ASP G 93 8.59 29.56 3.46
CA ASP G 93 7.52 28.61 3.20
C ASP G 93 6.20 29.35 3.09
N MET G 94 5.60 29.28 1.90
CA MET G 94 4.36 29.99 1.65
C MET G 94 3.20 29.01 1.59
N SER G 95 3.47 27.75 1.92
CA SER G 95 2.43 26.70 2.01
C SER G 95 1.42 27.02 3.12
N THR G 96 0.15 26.73 2.88
CA THR G 96 -0.86 26.90 3.93
C THR G 96 -0.76 25.76 4.91
N VAL G 97 -0.37 26.08 6.13
CA VAL G 97 0.08 25.09 7.06
C VAL G 97 -0.37 25.49 8.47
N ASP G 98 -0.31 24.58 9.44
CA ASP G 98 -0.65 24.95 10.80
C ASP G 98 0.59 25.53 11.49
N PRO G 99 0.39 26.36 12.53
CA PRO G 99 1.48 27.07 13.22
C PRO G 99 2.61 26.16 13.72
N ALA G 100 2.29 24.96 14.15
CA ALA G 100 3.28 24.06 14.74
C ALA G 100 4.16 23.43 13.68
N THR G 101 3.55 23.14 12.53
CA THR G 101 4.30 22.64 11.39
C THR G 101 5.34 23.67 10.95
N SER G 102 4.91 24.92 10.79
CA SER G 102 5.83 25.97 10.33
C SER G 102 6.84 26.35 11.42
N GLN G 103 6.41 26.33 12.68
CA GLN G 103 7.31 26.62 13.79
C GLN G 103 8.40 25.58 13.88
N ARG G 104 8.06 24.36 13.51
CA ARG G 104 8.95 23.22 13.65
C ARG G 104 9.91 23.13 12.46
N ILE G 105 9.45 23.57 11.30
CA ILE G 105 10.31 23.63 10.13
C ILE G 105 11.35 24.73 10.34
N GLY G 106 10.88 25.86 10.87
CA GLY G 106 11.76 26.97 11.16
C GLY G 106 12.88 26.58 12.12
N VAL G 107 12.51 25.94 13.22
CA VAL G 107 13.52 25.52 14.19
C VAL G 107 14.61 24.69 13.51
N ALA G 108 14.19 23.62 12.84
CA ALA G 108 15.10 22.76 12.11
C ALA G 108 15.94 23.52 11.08
N VAL G 109 15.35 24.51 10.42
CA VAL G 109 16.05 25.29 9.42
C VAL G 109 17.17 26.14 10.03
N VAL G 110 16.87 26.79 11.15
CA VAL G 110 17.84 27.63 11.84
C VAL G 110 18.95 26.77 12.48
N ALA G 111 18.57 25.60 12.97
CA ALA G 111 19.53 24.70 13.60
C ALA G 111 20.49 24.09 12.58
N LYS G 112 20.22 24.35 11.30
CA LYS G 112 21.12 23.93 10.23
C LYS G 112 21.86 25.15 9.70
N GLY G 113 21.66 26.29 10.35
CA GLY G 113 22.31 27.51 9.95
C GLY G 113 21.62 28.25 8.82
N GLY G 114 20.32 28.05 8.70
CA GLY G 114 19.52 28.78 7.72
C GLY G 114 18.70 29.88 8.37
N ARG G 115 17.91 30.56 7.57
CA ARG G 115 16.97 31.55 8.08
C ARG G 115 15.58 31.24 7.55
N PHE G 116 14.58 31.34 8.42
CA PHE G 116 13.25 30.92 8.04
C PHE G 116 12.20 32.01 8.15
N LEU G 117 11.33 32.06 7.15
CA LEU G 117 10.19 32.96 7.13
C LEU G 117 8.97 32.19 6.63
N GLU G 118 7.84 32.30 7.33
CA GLU G 118 6.60 31.76 6.80
C GLU G 118 5.89 32.91 6.09
N ALA G 119 5.24 32.62 4.98
CA ALA G 119 4.47 33.64 4.29
C ALA G 119 3.33 33.04 3.46
N PRO G 120 2.29 32.53 4.13
CA PRO G 120 1.11 32.04 3.41
C PRO G 120 0.40 33.20 2.71
N VAL G 121 -0.45 32.88 1.73
CA VAL G 121 -1.01 33.93 0.91
C VAL G 121 -2.52 33.82 0.81
N SER G 122 -3.16 34.96 0.59
CA SER G 122 -4.58 34.95 0.30
C SER G 122 -4.76 35.45 -1.12
N GLY G 123 -5.65 34.80 -1.87
CA GLY G 123 -5.84 35.09 -3.29
C GLY G 123 -5.56 33.81 -4.03
N SER G 124 -6.38 33.53 -5.04
CA SER G 124 -6.36 32.24 -5.72
C SER G 124 -5.54 32.26 -7.02
N LYS G 125 -5.88 31.36 -7.95
CA LYS G 125 -5.10 31.17 -9.16
C LYS G 125 -4.93 32.48 -9.96
N LYS G 126 -6.02 33.20 -10.19
CA LYS G 126 -5.92 34.42 -10.99
C LYS G 126 -5.06 35.50 -10.33
N PRO G 127 -5.30 35.80 -9.04
CA PRO G 127 -4.38 36.72 -8.35
C PRO G 127 -2.94 36.25 -8.36
N ALA G 128 -2.72 34.94 -8.34
CA ALA G 128 -1.33 34.46 -8.40
C ALA G 128 -0.72 34.81 -9.77
N GLU G 129 -1.51 34.66 -10.83
CA GLU G 129 -0.99 34.98 -12.16
C GLU G 129 -0.72 36.47 -12.31
N ASP G 130 -1.59 37.30 -11.73
CA ASP G 130 -1.52 38.75 -11.87
C ASP G 130 -0.53 39.39 -10.90
N GLY G 131 0.02 38.59 -9.99
CA GLY G 131 0.90 39.10 -8.97
C GLY G 131 0.23 40.01 -7.94
N THR G 132 -1.04 39.73 -7.65
CA THR G 132 -1.79 40.57 -6.71
C THR G 132 -2.16 39.81 -5.43
N LEU G 133 -1.37 38.80 -5.08
CA LEU G 133 -1.57 38.07 -3.84
C LEU G 133 -1.44 38.93 -2.59
N ILE G 134 -2.15 38.54 -1.55
CA ILE G 134 -1.90 39.12 -0.23
C ILE G 134 -0.94 38.18 0.47
N ILE G 135 0.21 38.71 0.87
CA ILE G 135 1.26 37.90 1.47
C ILE G 135 1.34 38.13 2.98
N LEU G 136 1.08 37.08 3.74
CA LEU G 136 0.97 37.17 5.19
C LEU G 136 2.22 36.62 5.88
N ALA G 137 3.27 37.42 5.90
CA ALA G 137 4.56 36.93 6.38
C ALA G 137 4.67 36.97 7.89
N ALA G 138 5.44 36.04 8.45
CA ALA G 138 5.79 36.04 9.86
C ALA G 138 7.10 35.28 10.11
N GLY G 139 7.97 35.88 10.93
CA GLY G 139 9.25 35.26 11.25
C GLY G 139 10.45 36.15 10.99
N ASP G 140 11.57 35.52 10.63
CA ASP G 140 12.85 36.22 10.44
C ASP G 140 12.69 37.54 9.70
N ARG G 141 12.76 38.64 10.43
CA ARG G 141 12.54 39.98 9.89
C ARG G 141 13.48 40.35 8.73
N ASN G 142 14.71 39.85 8.78
CA ASN G 142 15.70 40.17 7.75
C ASN G 142 15.50 39.35 6.49
N LEU G 143 15.12 38.09 6.65
CA LEU G 143 14.79 37.25 5.50
C LEU G 143 13.62 37.92 4.80
N TYR G 144 12.73 38.49 5.61
CA TYR G 144 11.56 39.22 5.12
C TYR G 144 12.00 40.34 4.17
N ASP G 145 12.95 41.14 4.60
CA ASP G 145 13.41 42.27 3.79
C ASP G 145 14.12 41.80 2.53
N GLU G 146 15.00 40.82 2.66
CA GLU G 146 15.74 40.28 1.52
C GLU G 146 14.83 39.66 0.47
N ALA G 147 13.70 39.11 0.91
CA ALA G 147 12.78 38.42 0.01
C ALA G 147 11.79 39.40 -0.58
N MET G 148 11.77 40.62 -0.05
CA MET G 148 10.81 41.63 -0.50
C MET G 148 10.74 41.82 -2.03
N PRO G 149 11.89 42.01 -2.69
CA PRO G 149 11.83 42.23 -4.15
C PRO G 149 11.12 41.08 -4.85
N GLY G 150 11.27 39.87 -4.33
CA GLY G 150 10.53 38.73 -4.83
C GLY G 150 9.05 38.85 -4.46
N PHE G 151 8.77 39.21 -3.22
CA PHE G 151 7.40 39.38 -2.75
C PHE G 151 6.66 40.37 -3.65
N GLU G 152 7.29 41.50 -3.93
CA GLU G 152 6.67 42.57 -4.70
C GLU G 152 6.33 42.16 -6.13
N LYS G 153 6.94 41.09 -6.61
CA LYS G 153 6.61 40.57 -7.93
C LYS G 153 5.53 39.47 -7.90
N MET G 154 5.17 39.01 -6.71
CA MET G 154 4.17 37.95 -6.59
C MET G 154 2.86 38.44 -5.95
N GLY G 155 2.94 39.55 -5.24
CA GLY G 155 1.79 40.04 -4.50
C GLY G 155 1.71 41.55 -4.51
N LYS G 156 0.56 42.08 -4.10
CA LYS G 156 0.34 43.51 -4.07
C LYS G 156 0.36 44.02 -2.63
N LYS G 157 -0.22 43.26 -1.72
CA LYS G 157 -0.24 43.63 -0.31
C LYS G 157 0.66 42.69 0.49
N ILE G 158 1.71 43.24 1.09
CA ILE G 158 2.66 42.45 1.86
C ILE G 158 2.74 42.95 3.29
N ILE G 159 2.49 42.07 4.26
CA ILE G 159 2.56 42.49 5.65
C ILE G 159 3.41 41.56 6.51
N HIS G 160 3.70 42.00 7.72
CA HIS G 160 4.45 41.20 8.68
C HIS G 160 3.70 41.11 10.00
N LEU G 161 3.38 39.88 10.39
CA LEU G 161 2.45 39.63 11.49
C LEU G 161 3.13 39.16 12.77
N GLY G 162 4.45 39.21 12.80
CA GLY G 162 5.19 38.87 14.02
C GLY G 162 5.92 37.54 13.96
N ASP G 163 5.91 36.82 15.07
CA ASP G 163 6.64 35.56 15.19
C ASP G 163 6.02 34.43 14.38
N VAL G 164 6.88 33.56 13.86
CA VAL G 164 6.47 32.36 13.11
C VAL G 164 5.25 31.72 13.74
N GLY G 165 4.23 31.47 12.94
CA GLY G 165 2.99 30.90 13.44
C GLY G 165 1.84 31.89 13.30
N LYS G 166 2.15 33.17 13.42
CA LYS G 166 1.10 34.19 13.35
C LYS G 166 0.57 34.30 11.92
N GLY G 167 1.44 34.10 10.93
CA GLY G 167 1.02 34.08 9.55
C GLY G 167 0.04 32.95 9.30
N ALA G 168 0.44 31.75 9.71
CA ALA G 168 -0.42 30.58 9.64
C ALA G 168 -1.77 30.80 10.33
N GLU G 169 -1.74 31.39 11.52
CA GLU G 169 -2.99 31.64 12.25
C GLU G 169 -3.91 32.55 11.45
N MET G 170 -3.38 33.66 10.95
CA MET G 170 -4.18 34.59 10.18
C MET G 170 -4.73 33.90 8.93
N LYS G 171 -3.88 33.15 8.24
CA LYS G 171 -4.31 32.43 7.04
C LYS G 171 -5.46 31.46 7.34
N LEU G 172 -5.31 30.68 8.42
CA LEU G 172 -6.36 29.74 8.79
C LEU G 172 -7.68 30.42 9.16
N VAL G 173 -7.59 31.57 9.85
CA VAL G 173 -8.78 32.29 10.27
C VAL G 173 -9.56 32.79 9.04
N VAL G 174 -8.85 33.43 8.13
CA VAL G 174 -9.45 33.99 6.94
C VAL G 174 -10.07 32.91 6.07
N ASN G 175 -9.34 31.83 5.84
CA ASN G 175 -9.84 30.77 4.98
C ASN G 175 -11.02 30.03 5.59
N MET G 176 -11.09 30.04 6.92
CA MET G 176 -12.17 29.36 7.60
C MET G 176 -13.44 30.09 7.27
N VAL G 177 -13.37 31.41 7.36
CA VAL G 177 -14.51 32.23 7.01
C VAL G 177 -14.91 31.95 5.56
N MET G 178 -13.91 31.86 4.67
CA MET G 178 -14.16 31.65 3.25
C MET G 178 -14.87 30.33 2.99
N GLY G 179 -14.41 29.28 3.66
CA GLY G 179 -15.02 27.98 3.51
C GLY G 179 -16.45 27.96 4.02
N GLY G 180 -16.67 28.58 5.16
CA GLY G 180 -18.02 28.69 5.70
C GLY G 180 -18.90 29.47 4.73
N MET G 181 -18.39 30.58 4.21
CA MET G 181 -19.12 31.39 3.24
C MET G 181 -19.54 30.58 2.01
N MET G 182 -18.61 29.79 1.47
CA MET G 182 -18.89 29.02 0.25
C MET G 182 -19.96 27.95 0.50
N ALA G 183 -19.89 27.30 1.65
CA ALA G 183 -20.90 26.30 2.01
C ALA G 183 -22.31 26.93 2.10
N CYS G 184 -22.43 28.06 2.80
CA CYS G 184 -23.73 28.72 2.94
C CYS G 184 -24.25 29.24 1.60
N PHE G 185 -23.37 29.87 0.83
CA PHE G 185 -23.69 30.36 -0.51
C PHE G 185 -24.28 29.23 -1.38
N CYS G 186 -23.63 28.08 -1.40
CA CYS G 186 -24.08 26.99 -2.25
C CYS G 186 -25.39 26.39 -1.76
N GLU G 187 -25.55 26.32 -0.44
CA GLU G 187 -26.82 25.87 0.13
C GLU G 187 -27.93 26.81 -0.35
N GLY G 188 -27.63 28.10 -0.36
CA GLY G 188 -28.60 29.08 -0.82
C GLY G 188 -29.01 28.84 -2.26
N LEU G 189 -28.03 28.73 -3.14
CA LEU G 189 -28.32 28.57 -4.55
C LEU G 189 -29.08 27.28 -4.83
N ALA G 190 -28.71 26.21 -4.13
CA ALA G 190 -29.39 24.94 -4.35
C ALA G 190 -30.81 25.01 -3.78
N LEU G 191 -30.96 25.57 -2.59
CA LEU G 191 -32.28 25.82 -2.05
C LEU G 191 -33.15 26.60 -3.06
N GLY G 192 -32.62 27.69 -3.58
CA GLY G 192 -33.37 28.53 -4.50
C GLY G 192 -33.78 27.75 -5.74
N GLU G 193 -32.85 26.98 -6.29
CA GLU G 193 -33.14 26.20 -7.47
C GLU G 193 -34.27 25.21 -7.21
N LYS G 194 -34.19 24.47 -6.11
CA LYS G 194 -35.28 23.55 -5.74
C LYS G 194 -36.62 24.25 -5.49
N ALA G 195 -36.56 25.51 -5.06
CA ALA G 195 -37.80 26.29 -4.83
C ALA G 195 -38.37 26.86 -6.13
N GLY G 196 -37.62 26.74 -7.22
CA GLY G 196 -38.10 27.19 -8.52
C GLY G 196 -37.62 28.60 -8.83
N LEU G 197 -36.56 29.04 -8.16
CA LEU G 197 -35.98 30.35 -8.40
C LEU G 197 -34.79 30.26 -9.35
N ALA G 198 -34.76 31.12 -10.36
CA ALA G 198 -33.62 31.15 -11.26
C ALA G 198 -32.37 31.57 -10.48
N THR G 199 -31.28 30.83 -10.63
CA THR G 199 -30.10 31.16 -9.85
C THR G 199 -29.43 32.47 -10.30
N ASP G 200 -29.58 32.83 -11.57
CA ASP G 200 -29.08 34.13 -12.02
C ASP G 200 -29.84 35.27 -11.33
N ALA G 201 -31.14 35.10 -11.13
CA ALA G 201 -31.91 36.09 -10.38
C ALA G 201 -31.35 36.22 -8.96
N ILE G 202 -31.07 35.08 -8.34
CA ILE G 202 -30.53 35.08 -6.99
C ILE G 202 -29.22 35.85 -6.92
N LEU G 203 -28.35 35.60 -7.89
CA LEU G 203 -27.04 36.24 -7.90
C LEU G 203 -27.18 37.76 -8.09
N ASP G 204 -28.13 38.17 -8.92
CA ASP G 204 -28.38 39.59 -9.17
C ASP G 204 -28.81 40.30 -7.89
N VAL G 205 -29.67 39.67 -7.10
CA VAL G 205 -30.09 40.23 -5.82
C VAL G 205 -28.94 40.33 -4.83
N ILE G 206 -28.19 39.25 -4.70
CA ILE G 206 -27.04 39.23 -3.79
C ILE G 206 -26.03 40.28 -4.24
N GLY G 207 -25.75 40.34 -5.54
CA GLY G 207 -24.79 41.28 -6.09
C GLY G 207 -25.18 42.74 -5.86
N ALA G 208 -26.45 42.98 -5.59
CA ALA G 208 -26.93 44.34 -5.47
C ALA G 208 -26.92 44.81 -4.02
N GLY G 209 -26.69 43.90 -3.09
CA GLY G 209 -26.87 44.21 -1.67
C GLY G 209 -25.60 44.15 -0.85
N ALA G 210 -25.74 44.08 0.47
CA ALA G 210 -24.61 44.28 1.38
C ALA G 210 -23.66 43.08 1.52
N MET G 211 -24.10 41.90 1.05
CA MET G 211 -23.22 40.71 1.01
C MET G 211 -22.36 40.62 -0.25
N ALA G 212 -22.62 41.46 -1.23
CA ALA G 212 -21.91 41.34 -2.51
C ALA G 212 -20.41 41.31 -2.31
N ASN G 213 -19.75 40.41 -3.03
CA ASN G 213 -18.31 40.27 -2.99
C ASN G 213 -17.83 39.57 -4.27
N PRO G 214 -16.55 39.77 -4.61
CA PRO G 214 -16.00 39.19 -5.85
C PRO G 214 -16.04 37.67 -5.89
N MET G 215 -15.86 37.00 -4.75
CA MET G 215 -15.91 35.56 -4.72
C MET G 215 -17.29 35.02 -5.15
N PHE G 216 -18.37 35.54 -4.55
CA PHE G 216 -19.73 35.15 -4.93
C PHE G 216 -20.00 35.45 -6.41
N ALA G 217 -19.58 36.62 -6.88
CA ALA G 217 -19.84 36.99 -8.27
C ALA G 217 -19.17 36.00 -9.23
N LEU G 218 -17.90 35.74 -9.02
CA LEU G 218 -17.18 34.82 -9.88
C LEU G 218 -17.73 33.40 -9.74
N LYS G 219 -17.74 32.88 -8.51
CA LYS G 219 -18.12 31.48 -8.30
C LYS G 219 -19.57 31.24 -8.69
N GLY G 220 -20.44 32.21 -8.40
CA GLY G 220 -21.83 32.14 -8.83
C GLY G 220 -21.97 31.96 -10.34
N GLY G 221 -21.23 32.76 -11.12
CA GLY G 221 -21.22 32.63 -12.58
C GLY G 221 -20.62 31.33 -13.08
N LEU G 222 -19.53 30.90 -12.46
CA LEU G 222 -18.91 29.60 -12.80
C LEU G 222 -19.85 28.43 -12.50
N ILE G 223 -20.49 28.40 -11.45
CA ILE G 223 -21.57 27.47 -11.14
C ILE G 223 -22.61 27.54 -12.23
N ARG G 224 -22.99 28.69 -12.60
CA ARG G 224 -23.95 28.82 -13.66
C ARG G 224 -23.39 28.21 -14.95
N ASP G 225 -22.09 28.39 -15.19
CA ASP G 225 -21.42 27.85 -16.38
C ASP G 225 -21.18 26.35 -16.26
N ARG G 226 -21.47 25.78 -15.09
CA ARG G 226 -21.16 24.38 -14.81
C ARG G 226 -19.66 24.13 -15.02
N ASN G 227 -18.87 25.15 -14.69
CA ASN G 227 -17.42 25.09 -14.86
C ASN G 227 -16.71 24.95 -13.52
N PHE G 228 -16.20 23.76 -13.20
CA PHE G 228 -15.53 23.57 -11.91
C PHE G 228 -14.02 23.32 -12.03
N ALA G 229 -13.43 23.78 -13.13
CA ALA G 229 -11.98 23.73 -13.28
C ALA G 229 -11.38 24.35 -12.04
N PRO G 230 -10.38 23.69 -11.45
CA PRO G 230 -9.90 24.11 -10.13
C PRO G 230 -9.15 25.44 -10.19
N ALA G 231 -9.55 26.39 -9.35
CA ALA G 231 -8.70 27.54 -9.07
C ALA G 231 -8.10 27.32 -7.68
N PHE G 232 -8.96 27.03 -6.71
CA PHE G 232 -8.53 26.56 -5.39
C PHE G 232 -9.07 25.15 -5.18
N PRO G 233 -8.21 24.15 -5.32
CA PRO G 233 -8.66 22.74 -5.24
C PRO G 233 -9.48 22.48 -4.00
N LEU G 234 -10.60 21.78 -4.18
CA LEU G 234 -11.48 21.48 -3.06
C LEU G 234 -10.79 20.73 -1.91
N LYS G 235 -9.96 19.74 -2.25
CA LYS G 235 -9.20 19.02 -1.22
C LYS G 235 -8.37 19.96 -0.33
N HIS G 236 -7.82 21.03 -0.90
CA HIS G 236 -7.07 22.01 -0.12
C HIS G 236 -7.98 22.90 0.74
N MET G 237 -9.18 23.21 0.27
CA MET G 237 -10.13 23.91 1.13
C MET G 237 -10.48 23.03 2.36
N GLN G 238 -10.78 21.77 2.13
CA GLN G 238 -11.15 20.88 3.24
C GLN G 238 -9.97 20.75 4.22
N LYS G 239 -8.77 20.64 3.67
CA LYS G 239 -7.57 20.60 4.50
C LYS G 239 -7.45 21.85 5.39
N ASP G 240 -7.68 23.02 4.81
CA ASP G 240 -7.61 24.26 5.58
C ASP G 240 -8.66 24.29 6.68
N LEU G 241 -9.82 23.70 6.43
CA LEU G 241 -10.88 23.72 7.42
C LEU G 241 -10.47 22.78 8.55
N ARG G 242 -9.88 21.65 8.17
CA ARG G 242 -9.33 20.73 9.15
C ARG G 242 -8.36 21.44 10.10
N LEU G 243 -7.45 22.20 9.55
CA LEU G 243 -6.44 22.88 10.37
C LEU G 243 -7.07 23.94 11.25
N ALA G 244 -8.05 24.66 10.71
CA ALA G 244 -8.74 25.67 11.47
C ALA G 244 -9.52 25.06 12.65
N VAL G 245 -10.19 23.94 12.41
CA VAL G 245 -10.89 23.25 13.50
C VAL G 245 -9.90 22.83 14.59
N ALA G 246 -8.73 22.33 14.19
CA ALA G 246 -7.69 21.95 15.14
C ALA G 246 -7.19 23.16 15.93
N LEU G 247 -7.05 24.29 15.24
CA LEU G 247 -6.69 25.54 15.87
C LEU G 247 -7.70 25.93 16.95
N GLY G 248 -8.98 25.83 16.61
CA GLY G 248 -10.04 26.13 17.54
C GLY G 248 -9.96 25.22 18.75
N ASP G 249 -9.68 23.94 18.49
CA ASP G 249 -9.45 22.97 19.56
C ASP G 249 -8.36 23.47 20.52
N ARG G 250 -7.24 23.90 19.97
CA ARG G 250 -6.08 24.31 20.77
C ARG G 250 -6.35 25.53 21.65
N VAL G 251 -7.00 26.54 21.09
CA VAL G 251 -7.12 27.82 21.80
C VAL G 251 -8.45 27.98 22.55
N GLY G 252 -9.24 26.92 22.60
CA GLY G 252 -10.48 26.91 23.36
C GLY G 252 -11.62 27.67 22.69
N GLN G 253 -11.77 27.49 21.38
CA GLN G 253 -12.84 28.15 20.63
C GLN G 253 -13.73 27.15 19.90
N PRO G 254 -14.97 26.95 20.37
CA PRO G 254 -15.92 26.08 19.66
C PRO G 254 -16.26 26.72 18.32
N LEU G 255 -16.40 25.88 17.29
CA LEU G 255 -16.59 26.38 15.94
C LEU G 255 -17.66 25.53 15.29
N VAL G 256 -18.90 25.71 15.74
CA VAL G 256 -20.00 24.89 15.27
C VAL G 256 -20.21 25.02 13.76
N ALA G 257 -20.37 26.25 13.28
CA ALA G 257 -20.62 26.46 11.85
C ALA G 257 -19.44 25.98 10.99
N SER G 258 -18.23 26.32 11.42
CA SER G 258 -17.04 25.96 10.66
C SER G 258 -16.76 24.45 10.68
N ALA G 259 -17.04 23.79 11.81
CA ALA G 259 -16.91 22.34 11.85
C ALA G 259 -17.90 21.70 10.90
N ALA G 260 -19.09 22.28 10.76
CA ALA G 260 -20.08 21.76 9.81
C ALA G 260 -19.58 21.90 8.36
N ALA G 261 -19.04 23.08 8.00
CA ALA G 261 -18.43 23.28 6.68
C ALA G 261 -17.33 22.23 6.40
N ASN G 262 -16.47 21.99 7.38
CA ASN G 262 -15.43 20.96 7.26
C ASN G 262 -15.98 19.60 6.84
N GLU G 263 -17.03 19.16 7.53
CA GLU G 263 -17.63 17.87 7.23
C GLU G 263 -18.31 17.88 5.88
N LEU G 264 -18.92 19.02 5.52
CA LEU G 264 -19.55 19.17 4.20
C LEU G 264 -18.51 19.06 3.09
N PHE G 265 -17.37 19.72 3.27
CA PHE G 265 -16.30 19.57 2.27
C PHE G 265 -15.75 18.17 2.18
N LYS G 266 -15.65 17.48 3.32
CA LYS G 266 -15.28 16.07 3.32
C LYS G 266 -16.24 15.24 2.49
N GLY G 267 -17.52 15.54 2.57
CA GLY G 267 -18.51 14.87 1.75
C GLY G 267 -18.21 15.08 0.29
N ALA G 268 -17.87 16.32 -0.06
CA ALA G 268 -17.49 16.68 -1.42
C ALA G 268 -16.29 15.89 -1.94
N ARG G 269 -15.24 15.73 -1.13
CA ARG G 269 -14.13 14.89 -1.52
C ARG G 269 -14.56 13.43 -1.74
N ALA G 270 -15.33 12.89 -0.80
CA ALA G 270 -15.79 11.52 -0.95
C ALA G 270 -16.64 11.35 -2.20
N ALA G 271 -17.34 12.42 -2.58
CA ALA G 271 -18.14 12.41 -3.80
C ALA G 271 -17.27 12.32 -5.04
N GLY G 272 -15.97 12.62 -4.87
CA GLY G 272 -15.03 12.62 -5.98
C GLY G 272 -14.70 13.98 -6.56
N PHE G 273 -14.93 15.06 -5.82
CA PHE G 273 -14.69 16.42 -6.31
C PHE G 273 -13.42 17.05 -5.73
N GLY G 274 -12.60 16.24 -5.09
CA GLY G 274 -11.37 16.72 -4.44
C GLY G 274 -10.47 17.59 -5.31
N ASP G 275 -10.32 17.23 -6.59
CA ASP G 275 -9.46 17.98 -7.51
C ASP G 275 -10.18 19.06 -8.31
N GLU G 276 -11.48 19.20 -8.12
CA GLU G 276 -12.23 20.29 -8.74
C GLU G 276 -12.09 21.54 -7.87
N ASP G 277 -12.53 22.68 -8.36
CA ASP G 277 -12.55 23.90 -7.55
C ASP G 277 -13.38 23.68 -6.29
N PHE G 278 -13.05 24.37 -5.20
CA PHE G 278 -13.80 24.18 -3.96
C PHE G 278 -15.27 24.55 -4.12
N SER G 279 -15.59 25.35 -5.13
CA SER G 279 -16.99 25.66 -5.44
C SER G 279 -17.77 24.41 -5.86
N ALA G 280 -17.05 23.34 -6.18
CA ALA G 280 -17.71 22.08 -6.55
C ALA G 280 -18.55 21.50 -5.42
N ILE G 281 -18.45 22.06 -4.22
CA ILE G 281 -19.31 21.58 -3.14
C ILE G 281 -20.77 21.78 -3.53
N PHE G 282 -21.03 22.75 -4.41
CA PHE G 282 -22.39 22.97 -4.93
C PHE G 282 -22.98 21.70 -5.48
N LYS G 283 -22.13 20.87 -6.07
CA LYS G 283 -22.56 19.65 -6.73
C LYS G 283 -23.00 18.53 -5.78
N THR G 284 -22.65 18.64 -4.48
CA THR G 284 -23.19 17.70 -3.51
C THR G 284 -24.65 18.05 -3.25
N TYR G 285 -25.07 19.23 -3.69
CA TYR G 285 -26.46 19.66 -3.45
C TYR G 285 -27.37 19.56 -4.66
N GLU G 286 -26.79 19.47 -5.86
CA GLU G 286 -27.58 19.66 -7.07
C GLU G 286 -27.06 18.82 -8.22
N ARG G 287 -27.82 17.79 -8.58
CA ARG G 287 -27.58 16.99 -9.78
C ARG G 287 -28.13 15.57 -9.59
N GLN H 2 -68.12 -3.70 23.53
CA GLN H 2 -67.27 -2.52 23.47
C GLN H 2 -66.99 -2.02 22.05
N LYS H 3 -67.43 -0.79 21.77
CA LYS H 3 -67.40 -0.22 20.41
C LYS H 3 -66.32 0.86 20.27
N PHE H 4 -65.36 0.63 19.37
CA PHE H 4 -64.30 1.60 19.09
C PHE H 4 -64.24 1.96 17.62
N GLY H 5 -63.92 3.22 17.34
CA GLY H 5 -63.64 3.63 15.98
C GLY H 5 -62.14 3.58 15.79
N PHE H 6 -61.70 3.47 14.54
CA PHE H 6 -60.28 3.61 14.25
C PHE H 6 -60.04 4.31 12.93
N ILE H 7 -59.31 5.42 13.01
CA ILE H 7 -59.03 6.25 11.85
C ILE H 7 -57.55 6.24 11.52
N GLY H 8 -57.21 5.77 10.32
CA GLY H 8 -55.84 5.71 9.88
C GLY H 8 -55.26 4.32 10.03
N LEU H 9 -55.09 3.64 8.89
CA LEU H 9 -54.73 2.23 8.88
C LEU H 9 -53.36 1.95 8.26
N GLY H 10 -52.36 2.75 8.63
CA GLY H 10 -51.00 2.53 8.16
C GLY H 10 -50.28 1.46 8.96
N ILE H 11 -48.96 1.50 8.93
CA ILE H 11 -48.15 0.53 9.68
C ILE H 11 -48.61 0.39 11.12
N MET H 12 -48.77 1.50 11.83
CA MET H 12 -49.15 1.44 13.24
C MET H 12 -50.64 1.25 13.41
N GLY H 13 -51.41 2.01 12.63
CA GLY H 13 -52.86 1.96 12.70
C GLY H 13 -53.42 0.56 12.47
N SER H 14 -52.94 -0.08 11.39
CA SER H 14 -53.33 -1.44 11.03
C SER H 14 -53.14 -2.42 12.18
N ALA H 15 -51.95 -2.40 12.78
CA ALA H 15 -51.60 -3.30 13.86
C ALA H 15 -52.44 -3.02 15.11
N MET H 16 -52.67 -1.75 15.40
CA MET H 16 -53.41 -1.40 16.62
C MET H 16 -54.88 -1.80 16.50
N ALA H 17 -55.50 -1.44 15.37
CA ALA H 17 -56.90 -1.80 15.15
C ALA H 17 -57.11 -3.31 15.16
N LYS H 18 -56.19 -4.05 14.53
CA LYS H 18 -56.27 -5.52 14.57
C LYS H 18 -56.34 -6.04 16.01
N ASN H 19 -55.62 -5.40 16.93
CA ASN H 19 -55.64 -5.89 18.31
C ASN H 19 -56.98 -5.66 19.00
N LEU H 20 -57.65 -4.59 18.64
CA LEU H 20 -58.98 -4.33 19.18
C LEU H 20 -59.92 -5.39 18.64
N VAL H 21 -59.87 -5.63 17.33
CA VAL H 21 -60.71 -6.65 16.72
C VAL H 21 -60.42 -8.03 17.30
N LYS H 22 -59.15 -8.33 17.54
CA LYS H 22 -58.79 -9.62 18.12
C LYS H 22 -59.29 -9.76 19.55
N ALA H 23 -59.43 -8.64 20.24
CA ALA H 23 -59.89 -8.65 21.62
C ALA H 23 -61.42 -8.75 21.70
N GLY H 24 -62.08 -8.80 20.54
CA GLY H 24 -63.52 -8.93 20.50
C GLY H 24 -64.27 -7.60 20.55
N CYS H 25 -63.58 -6.49 20.35
CA CYS H 25 -64.26 -5.20 20.27
C CYS H 25 -65.04 -5.09 18.96
N SER H 26 -66.12 -4.31 18.99
CA SER H 26 -66.78 -3.91 17.75
C SER H 26 -66.02 -2.71 17.19
N VAL H 27 -65.40 -2.85 16.03
CA VAL H 27 -64.52 -1.81 15.49
C VAL H 27 -65.01 -1.27 14.14
N THR H 28 -65.19 0.05 14.09
CA THR H 28 -65.55 0.72 12.85
C THR H 28 -64.30 1.45 12.35
N ILE H 29 -63.95 1.26 11.09
CA ILE H 29 -62.67 1.78 10.56
C ILE H 29 -62.81 2.72 9.36
N TRP H 30 -61.82 3.58 9.20
CA TRP H 30 -61.70 4.43 8.03
C TRP H 30 -60.24 4.68 7.69
N ASN H 31 -59.94 4.75 6.40
CA ASN H 31 -58.61 5.13 5.94
C ASN H 31 -58.72 5.86 4.61
N ARG H 32 -57.92 6.90 4.44
CA ARG H 32 -57.95 7.67 3.20
C ARG H 32 -57.93 6.75 2.00
N SER H 33 -57.00 5.80 2.01
CA SER H 33 -56.90 4.80 0.95
C SER H 33 -57.74 3.56 1.30
N PRO H 34 -58.81 3.33 0.55
CA PRO H 34 -59.80 2.29 0.87
C PRO H 34 -59.26 0.86 0.88
N GLU H 35 -58.31 0.50 0.02
CA GLU H 35 -57.92 -0.91 -0.06
C GLU H 35 -57.11 -1.41 1.15
N LYS H 36 -56.53 -0.47 1.90
CA LYS H 36 -55.81 -0.80 3.14
C LYS H 36 -56.74 -1.23 4.27
N ALA H 37 -58.05 -1.04 4.10
CA ALA H 37 -59.01 -1.39 5.14
C ALA H 37 -59.64 -2.73 4.86
N GLU H 38 -59.27 -3.35 3.76
CA GLU H 38 -59.93 -4.56 3.32
C GLU H 38 -59.53 -5.76 4.17
N GLU H 39 -58.29 -5.77 4.62
CA GLU H 39 -57.81 -6.82 5.52
CA GLU H 39 -57.85 -6.86 5.49
C GLU H 39 -58.64 -6.82 6.80
N LEU H 40 -58.74 -5.64 7.40
CA LEU H 40 -59.47 -5.47 8.65
C LEU H 40 -60.94 -5.82 8.51
N ALA H 41 -61.55 -5.44 7.38
CA ALA H 41 -62.95 -5.72 7.14
C ALA H 41 -63.20 -7.22 6.97
N ALA H 42 -62.21 -7.92 6.44
CA ALA H 42 -62.29 -9.37 6.32
C ALA H 42 -62.23 -10.03 7.69
N LEU H 43 -61.83 -9.24 8.70
CA LEU H 43 -61.74 -9.73 10.08
C LEU H 43 -62.95 -9.34 10.95
N GLY H 44 -63.93 -8.66 10.35
CA GLY H 44 -65.13 -8.30 11.08
C GLY H 44 -65.36 -6.80 11.31
N ALA H 45 -64.31 -6.00 11.20
CA ALA H 45 -64.45 -4.57 11.40
C ALA H 45 -65.38 -4.00 10.34
N GLU H 46 -66.13 -2.97 10.71
CA GLU H 46 -67.03 -2.30 9.79
C GLU H 46 -66.38 -1.11 9.12
N ARG H 47 -66.52 -1.01 7.81
CA ARG H 47 -65.97 0.15 7.09
C ARG H 47 -66.95 1.31 7.15
N ALA H 48 -66.42 2.50 7.40
CA ALA H 48 -67.17 3.73 7.26
C ALA H 48 -66.68 4.43 6.00
N ALA H 49 -67.51 5.30 5.42
CA ALA H 49 -67.13 6.02 4.21
C ALA H 49 -66.21 7.19 4.56
N THR H 50 -66.48 7.83 5.68
CA THR H 50 -65.76 9.03 6.08
C THR H 50 -65.39 9.01 7.56
N PRO H 51 -64.42 9.85 7.94
CA PRO H 51 -64.14 10.08 9.36
C PRO H 51 -65.40 10.55 10.11
N CSO H 52 -66.21 11.39 9.46
CA CSO H 52 -67.43 11.88 10.09
CB CSO H 52 -68.23 12.77 9.12
SG CSO H 52 -69.99 12.78 9.57
C CSO H 52 -68.29 10.67 10.52
O CSO H 52 -68.83 10.65 11.63
OD CSO H 52 -71.04 13.16 8.18
N GLU H 53 -68.42 9.67 9.65
CA GLU H 53 -69.25 8.52 9.98
C GLU H 53 -68.73 7.73 11.18
N VAL H 54 -67.44 7.43 11.19
CA VAL H 54 -66.82 6.73 12.29
C VAL H 54 -67.17 7.40 13.61
N VAL H 55 -66.82 8.66 13.71
CA VAL H 55 -66.90 9.36 14.98
C VAL H 55 -68.35 9.64 15.41
N GLU H 56 -69.28 9.63 14.47
CA GLU H 56 -70.68 9.85 14.82
C GLU H 56 -71.35 8.56 15.33
N SER H 57 -70.70 7.43 15.11
CA SER H 57 -71.29 6.13 15.45
C SER H 57 -70.45 5.32 16.42
N CYS H 58 -69.52 5.97 17.11
CA CYS H 58 -68.64 5.29 18.07
C CYS H 58 -68.44 6.17 19.30
N PRO H 59 -68.47 5.56 20.52
CA PRO H 59 -68.29 6.33 21.75
C PRO H 59 -66.87 6.88 21.86
N VAL H 60 -65.91 6.03 21.51
CA VAL H 60 -64.50 6.38 21.52
C VAL H 60 -63.89 6.02 20.18
N THR H 61 -63.16 6.96 19.59
CA THR H 61 -62.49 6.71 18.31
C THR H 61 -61.00 7.07 18.40
N PHE H 62 -60.14 6.15 17.97
CA PHE H 62 -58.70 6.38 17.96
C PHE H 62 -58.24 6.75 16.55
N ALA H 63 -57.31 7.69 16.44
CA ALA H 63 -56.71 8.01 15.14
C ALA H 63 -55.22 7.76 15.19
N MET H 64 -54.65 7.34 14.06
CA MET H 64 -53.22 7.11 13.97
C MET H 64 -52.70 7.60 12.62
N LEU H 65 -52.55 8.92 12.50
CA LEU H 65 -52.25 9.53 11.22
C LEU H 65 -50.79 9.98 11.10
N ALA H 66 -50.37 10.30 9.88
CA ALA H 66 -48.95 10.53 9.59
C ALA H 66 -48.34 11.71 10.33
N ASP H 67 -49.04 12.83 10.34
CA ASP H 67 -48.39 14.09 10.69
C ASP H 67 -49.41 15.18 11.02
N PRO H 68 -48.94 16.36 11.45
CA PRO H 68 -49.92 17.41 11.74
C PRO H 68 -50.87 17.71 10.59
N ALA H 69 -50.37 17.81 9.35
CA ALA H 69 -51.22 18.12 8.20
C ALA H 69 -52.37 17.12 8.04
N ALA H 70 -52.03 15.83 8.13
CA ALA H 70 -53.02 14.75 8.08
C ALA H 70 -54.01 14.83 9.24
N ALA H 71 -53.49 15.04 10.45
CA ALA H 71 -54.34 15.15 11.63
C ALA H 71 -55.34 16.30 11.51
N GLU H 72 -54.85 17.43 11.04
CA GLU H 72 -55.73 18.59 10.86
C GLU H 72 -56.73 18.42 9.70
N GLU H 73 -56.29 17.81 8.60
CA GLU H 73 -57.20 17.55 7.49
C GLU H 73 -58.33 16.62 7.88
N VAL H 74 -58.01 15.60 8.68
CA VAL H 74 -59.02 14.62 9.09
C VAL H 74 -59.98 15.23 10.12
N CYS H 75 -59.46 16.15 10.93
CA CYS H 75 -60.28 16.80 11.95
C CYS H 75 -61.17 17.90 11.36
N PHE H 76 -60.55 18.91 10.77
CA PHE H 76 -61.25 20.10 10.29
C PHE H 76 -61.82 20.01 8.88
N GLY H 77 -61.43 18.98 8.13
CA GLY H 77 -61.77 18.89 6.73
C GLY H 77 -63.20 18.49 6.46
N LYS H 78 -63.55 18.46 5.18
CA LYS H 78 -64.90 18.13 4.75
C LYS H 78 -65.23 16.69 5.15
N HIS H 79 -66.41 16.48 5.73
CA HIS H 79 -66.80 15.17 6.22
C HIS H 79 -65.81 14.68 7.27
N GLY H 80 -65.18 15.62 7.98
CA GLY H 80 -64.20 15.30 8.99
C GLY H 80 -64.75 14.99 10.38
N VAL H 81 -63.85 14.70 11.31
CA VAL H 81 -64.19 14.34 12.68
C VAL H 81 -65.10 15.39 13.30
N LEU H 82 -64.75 16.65 13.06
CA LEU H 82 -65.44 17.77 13.69
C LEU H 82 -66.91 17.85 13.31
N GLU H 83 -67.27 17.43 12.10
CA GLU H 83 -68.68 17.45 11.75
C GLU H 83 -69.35 16.10 11.89
N GLY H 84 -68.91 15.33 12.88
CA GLY H 84 -69.55 14.08 13.23
C GLY H 84 -69.53 13.86 14.74
N ILE H 85 -68.62 14.55 15.41
CA ILE H 85 -68.41 14.37 16.84
C ILE H 85 -69.42 15.19 17.64
N GLY H 86 -69.80 14.69 18.81
CA GLY H 86 -70.72 15.40 19.68
C GLY H 86 -71.21 14.59 20.87
N GLU H 87 -72.04 15.23 21.70
CA GLU H 87 -72.63 14.61 22.90
C GLU H 87 -71.69 13.69 23.68
N GLY H 88 -70.49 14.18 24.00
CA GLY H 88 -69.59 13.48 24.88
C GLY H 88 -68.75 12.40 24.23
N ARG H 89 -69.08 12.05 22.99
CA ARG H 89 -68.27 11.09 22.25
C ARG H 89 -66.80 11.55 22.21
N GLY H 90 -65.89 10.57 22.21
CA GLY H 90 -64.47 10.85 22.40
C GLY H 90 -63.59 10.67 21.16
N TYR H 91 -62.60 11.56 21.04
CA TYR H 91 -61.60 11.43 20.00
C TYR H 91 -60.25 11.37 20.69
N VAL H 92 -59.55 10.26 20.46
CA VAL H 92 -58.22 10.04 21.01
C VAL H 92 -57.20 10.01 19.88
N ASP H 93 -56.51 11.12 19.68
CA ASP H 93 -55.57 11.21 18.56
C ASP H 93 -54.21 10.72 19.01
N MET H 94 -53.78 9.60 18.43
CA MET H 94 -52.52 8.97 18.80
C MET H 94 -51.39 9.30 17.84
N SER H 95 -51.67 10.19 16.88
CA SER H 95 -50.70 10.58 15.87
C SER H 95 -49.55 11.36 16.53
N THR H 96 -48.36 11.26 15.96
CA THR H 96 -47.26 12.07 16.46
C THR H 96 -47.33 13.44 15.83
N VAL H 97 -47.47 14.44 16.70
CA VAL H 97 -47.90 15.75 16.28
C VAL H 97 -47.29 16.78 17.24
N ASP H 98 -47.27 18.04 16.83
CA ASP H 98 -46.81 19.11 17.70
C ASP H 98 -47.92 19.48 18.71
N PRO H 99 -47.53 20.00 19.88
CA PRO H 99 -48.53 20.28 20.93
C PRO H 99 -49.59 21.29 20.47
N ALA H 100 -49.19 22.32 19.72
CA ALA H 100 -50.15 23.32 19.25
C ALA H 100 -51.23 22.72 18.36
N THR H 101 -50.86 21.71 17.58
CA THR H 101 -51.82 21.01 16.73
C THR H 101 -52.83 20.21 17.54
N SER H 102 -52.36 19.42 18.49
CA SER H 102 -53.28 18.62 19.30
C SER H 102 -54.18 19.50 20.18
N GLN H 103 -53.63 20.56 20.75
CA GLN H 103 -54.44 21.52 21.49
C GLN H 103 -55.53 22.12 20.63
N ARG H 104 -55.16 22.49 19.41
CA ARG H 104 -56.08 23.11 18.48
C ARG H 104 -57.18 22.13 18.15
N ILE H 105 -56.80 20.86 17.98
CA ILE H 105 -57.79 19.84 17.69
C ILE H 105 -58.71 19.63 18.89
N GLY H 106 -58.12 19.49 20.07
CA GLY H 106 -58.89 19.27 21.28
C GLY H 106 -59.95 20.34 21.54
N VAL H 107 -59.53 21.60 21.44
CA VAL H 107 -60.44 22.73 21.65
C VAL H 107 -61.60 22.73 20.68
N ALA H 108 -61.32 22.42 19.41
CA ALA H 108 -62.37 22.36 18.41
C ALA H 108 -63.33 21.20 18.71
N VAL H 109 -62.78 20.03 19.03
CA VAL H 109 -63.61 18.89 19.39
C VAL H 109 -64.54 19.24 20.56
N VAL H 110 -63.94 19.78 21.63
CA VAL H 110 -64.70 20.15 22.82
C VAL H 110 -65.82 21.15 22.52
N ALA H 111 -65.53 22.15 21.68
CA ALA H 111 -66.54 23.11 21.27
C ALA H 111 -67.73 22.43 20.58
N LYS H 112 -67.47 21.33 19.88
CA LYS H 112 -68.53 20.54 19.25
C LYS H 112 -69.23 19.64 20.24
N GLY H 113 -68.79 19.69 21.50
CA GLY H 113 -69.40 18.91 22.56
C GLY H 113 -68.87 17.49 22.68
N GLY H 114 -67.74 17.20 22.03
CA GLY H 114 -67.08 15.93 22.20
C GLY H 114 -66.02 16.03 23.29
N ARG H 115 -65.36 14.92 23.59
CA ARG H 115 -64.22 14.97 24.50
C ARG H 115 -62.94 14.60 23.73
N PHE H 116 -61.81 15.16 24.16
CA PHE H 116 -60.55 14.93 23.46
C PHE H 116 -59.41 14.48 24.37
N LEU H 117 -58.67 13.50 23.87
CA LEU H 117 -57.47 13.01 24.55
C LEU H 117 -56.41 12.86 23.46
N GLU H 118 -55.18 13.26 23.75
CA GLU H 118 -54.07 12.91 22.89
C GLU H 118 -53.35 11.74 23.54
N ALA H 119 -52.75 10.88 22.73
CA ALA H 119 -52.02 9.73 23.27
C ALA H 119 -51.06 9.17 22.24
N PRO H 120 -50.02 9.93 21.92
CA PRO H 120 -48.96 9.42 21.04
C PRO H 120 -48.30 8.23 21.73
N VAL H 121 -47.55 7.44 20.98
CA VAL H 121 -46.99 6.22 21.57
C VAL H 121 -45.51 6.07 21.29
N SER H 122 -44.86 5.26 22.11
CA SER H 122 -43.47 4.88 21.89
C SER H 122 -43.41 3.37 21.66
N GLY H 123 -42.64 2.95 20.66
CA GLY H 123 -42.58 1.56 20.25
C GLY H 123 -42.99 1.47 18.79
N SER H 124 -42.37 0.56 18.04
CA SER H 124 -42.54 0.54 16.59
C SER H 124 -43.48 -0.57 16.12
N LYS H 125 -43.27 -1.05 14.90
CA LYS H 125 -44.21 -1.96 14.26
C LYS H 125 -44.39 -3.26 15.05
N LYS H 126 -43.30 -3.82 15.54
CA LYS H 126 -43.38 -5.08 16.28
C LYS H 126 -44.15 -4.94 17.59
N PRO H 127 -43.78 -3.95 18.42
CA PRO H 127 -44.55 -3.69 19.65
C PRO H 127 -45.99 -3.31 19.35
N ALA H 128 -46.27 -2.73 18.19
CA ALA H 128 -47.65 -2.39 17.84
C ALA H 128 -48.44 -3.68 17.59
N GLU H 129 -47.85 -4.58 16.82
CA GLU H 129 -48.46 -5.88 16.55
C GLU H 129 -48.65 -6.64 17.86
N ASP H 130 -47.62 -6.60 18.71
CA ASP H 130 -47.60 -7.35 19.97
C ASP H 130 -48.45 -6.74 21.09
N GLY H 131 -48.97 -5.53 20.87
CA GLY H 131 -49.71 -4.84 21.93
C GLY H 131 -48.81 -4.38 23.06
N THR H 132 -47.57 -4.04 22.72
CA THR H 132 -46.49 -3.75 23.65
C THR H 132 -46.18 -2.24 23.72
N LEU H 133 -46.97 -1.44 23.01
CA LEU H 133 -46.74 0.00 22.94
C LEU H 133 -46.66 0.66 24.32
N ILE H 134 -46.01 1.82 24.36
CA ILE H 134 -46.04 2.68 25.54
C ILE H 134 -46.90 3.86 25.17
N ILE H 135 -47.97 4.09 25.93
CA ILE H 135 -48.94 5.11 25.59
C ILE H 135 -48.83 6.35 26.49
N LEU H 136 -48.62 7.51 25.88
CA LEU H 136 -48.36 8.75 26.61
C LEU H 136 -49.55 9.71 26.50
N ALA H 137 -50.60 9.45 27.28
CA ALA H 137 -51.85 10.22 27.19
C ALA H 137 -51.80 11.59 27.89
N ALA H 138 -52.61 12.52 27.39
CA ALA H 138 -52.77 13.84 27.99
C ALA H 138 -54.10 14.45 27.54
N GLY H 139 -54.82 15.05 28.49
CA GLY H 139 -56.12 15.62 28.18
C GLY H 139 -57.23 15.03 29.05
N ASP H 140 -58.44 15.03 28.52
CA ASP H 140 -59.64 14.62 29.27
C ASP H 140 -59.47 13.28 29.99
N ARG H 141 -59.45 13.33 31.31
CA ARG H 141 -59.13 12.16 32.11
C ARG H 141 -60.29 11.15 32.21
N ASN H 142 -61.52 11.65 32.10
CA ASN H 142 -62.69 10.79 31.97
C ASN H 142 -62.55 9.92 30.73
N LEU H 143 -62.18 10.54 29.61
CA LEU H 143 -62.03 9.86 28.33
C LEU H 143 -60.91 8.83 28.41
N TYR H 144 -59.82 9.24 29.04
CA TYR H 144 -58.69 8.37 29.35
C TYR H 144 -59.14 7.07 30.01
N ASP H 145 -59.89 7.19 31.10
CA ASP H 145 -60.38 6.02 31.81
C ASP H 145 -61.36 5.21 30.96
N GLU H 146 -62.15 5.90 30.16
CA GLU H 146 -63.11 5.22 29.28
C GLU H 146 -62.41 4.39 28.20
N ALA H 147 -61.34 4.94 27.63
CA ALA H 147 -60.63 4.29 26.53
C ALA H 147 -59.62 3.26 27.03
N MET H 148 -59.48 3.14 28.34
CA MET H 148 -58.52 2.21 28.93
C MET H 148 -58.58 0.80 28.36
N PRO H 149 -59.79 0.24 28.22
CA PRO H 149 -59.85 -1.16 27.78
C PRO H 149 -59.25 -1.31 26.40
N GLY H 150 -59.43 -0.30 25.56
CA GLY H 150 -58.79 -0.27 24.26
C GLY H 150 -57.29 -0.11 24.40
N PHE H 151 -56.88 0.88 25.20
CA PHE H 151 -55.47 1.11 25.49
C PHE H 151 -54.75 -0.16 25.91
N GLU H 152 -55.36 -0.89 26.84
CA GLU H 152 -54.74 -2.06 27.45
C GLU H 152 -54.51 -3.17 26.45
N LYS H 153 -55.28 -3.15 25.36
CA LYS H 153 -55.13 -4.16 24.32
C LYS H 153 -54.09 -3.71 23.29
N MET H 154 -53.77 -2.42 23.30
CA MET H 154 -52.82 -1.87 22.33
C MET H 154 -51.43 -1.62 22.91
N GLY H 155 -51.35 -1.47 24.23
CA GLY H 155 -50.09 -1.23 24.89
C GLY H 155 -49.96 -1.87 26.26
N LYS H 156 -48.74 -1.86 26.80
CA LYS H 156 -48.46 -2.44 28.12
C LYS H 156 -48.34 -1.34 29.18
N LYS H 157 -47.63 -0.26 28.85
CA LYS H 157 -47.44 0.85 29.76
C LYS H 157 -48.25 2.07 29.32
N ILE H 158 -49.15 2.54 30.18
CA ILE H 158 -50.03 3.63 29.82
C ILE H 158 -49.98 4.70 30.91
N ILE H 159 -49.58 5.91 30.56
CA ILE H 159 -49.48 6.99 31.54
C ILE H 159 -50.28 8.22 31.15
N HIS H 160 -50.61 9.05 32.14
CA HIS H 160 -51.31 10.30 31.89
C HIS H 160 -50.40 11.45 32.29
N LEU H 161 -50.14 12.36 31.37
CA LEU H 161 -49.10 13.37 31.54
C LEU H 161 -49.62 14.80 31.82
N GLY H 162 -50.94 14.95 31.91
CA GLY H 162 -51.52 16.24 32.22
C GLY H 162 -52.42 16.82 31.15
N ASP H 163 -52.33 18.14 30.96
CA ASP H 163 -53.15 18.82 29.96
C ASP H 163 -52.68 18.49 28.51
N VAL H 164 -53.62 18.49 27.57
CA VAL H 164 -53.29 18.30 26.16
C VAL H 164 -52.04 19.11 25.81
N GLY H 165 -51.04 18.43 25.27
CA GLY H 165 -49.79 19.06 24.91
C GLY H 165 -48.59 18.39 25.57
N LYS H 166 -48.80 17.90 26.79
CA LYS H 166 -47.74 17.20 27.52
C LYS H 166 -47.40 15.86 26.87
N GLY H 167 -48.39 15.18 26.33
CA GLY H 167 -48.13 13.94 25.61
C GLY H 167 -47.27 14.18 24.37
N ALA H 168 -47.68 15.15 23.56
CA ALA H 168 -46.94 15.55 22.38
C ALA H 168 -45.51 15.95 22.75
N GLU H 169 -45.36 16.77 23.79
CA GLU H 169 -44.03 17.20 24.17
C GLU H 169 -43.12 16.03 24.58
N MET H 170 -43.62 15.16 25.45
CA MET H 170 -42.87 13.96 25.83
C MET H 170 -42.47 13.15 24.60
N LYS H 171 -43.43 12.92 23.70
CA LYS H 171 -43.17 12.10 22.52
C LYS H 171 -42.04 12.70 21.66
N LEU H 172 -42.10 14.01 21.44
CA LEU H 172 -41.09 14.68 20.63
C LEU H 172 -39.72 14.67 21.31
N VAL H 173 -39.69 14.88 22.62
CA VAL H 173 -38.41 14.86 23.34
C VAL H 173 -37.73 13.51 23.19
N VAL H 174 -38.50 12.46 23.42
CA VAL H 174 -37.99 11.10 23.35
C VAL H 174 -37.59 10.68 21.94
N ASN H 175 -38.42 11.00 20.95
CA ASN H 175 -38.06 10.67 19.57
C ASN H 175 -36.88 11.47 19.04
N MET H 176 -36.65 12.65 19.62
CA MET H 176 -35.52 13.47 19.19
C MET H 176 -34.21 12.83 19.66
N VAL H 177 -34.20 12.30 20.87
CA VAL H 177 -33.04 11.58 21.34
C VAL H 177 -32.82 10.34 20.47
N MET H 178 -33.92 9.70 20.08
CA MET H 178 -33.86 8.49 19.25
C MET H 178 -33.25 8.75 17.87
N GLY H 179 -33.80 9.72 17.14
CA GLY H 179 -33.24 10.14 15.86
C GLY H 179 -31.76 10.47 15.95
N GLY H 180 -31.37 11.20 16.99
CA GLY H 180 -29.97 11.53 17.23
C GLY H 180 -29.10 10.32 17.51
N MET H 181 -29.56 9.42 18.37
CA MET H 181 -28.83 8.17 18.63
C MET H 181 -28.64 7.39 17.34
N MET H 182 -29.71 7.26 16.57
CA MET H 182 -29.64 6.52 15.33
C MET H 182 -28.59 7.11 14.39
N ALA H 183 -28.60 8.43 14.27
CA ALA H 183 -27.63 9.10 13.39
C ALA H 183 -26.21 8.80 13.84
N CYS H 184 -25.92 9.00 15.13
CA CYS H 184 -24.58 8.77 15.65
C CYS H 184 -24.14 7.32 15.53
N PHE H 185 -25.05 6.41 15.86
CA PHE H 185 -24.83 4.97 15.67
C PHE H 185 -24.41 4.65 14.23
N CYS H 186 -25.13 5.20 13.26
CA CYS H 186 -24.81 4.95 11.85
C CYS H 186 -23.49 5.61 11.44
N GLU H 187 -23.21 6.79 11.99
CA GLU H 187 -21.93 7.44 11.72
C GLU H 187 -20.83 6.51 12.19
N GLY H 188 -21.04 5.90 13.34
CA GLY H 188 -20.07 4.98 13.92
C GLY H 188 -19.85 3.77 13.03
N LEU H 189 -20.95 3.18 12.58
CA LEU H 189 -20.86 2.00 11.73
C LEU H 189 -20.20 2.32 10.38
N ALA H 190 -20.54 3.46 9.78
CA ALA H 190 -19.93 3.83 8.50
C ALA H 190 -18.44 4.08 8.67
N LEU H 191 -18.09 4.85 9.71
CA LEU H 191 -16.70 5.12 10.04
C LEU H 191 -15.96 3.80 10.17
N GLY H 192 -16.49 2.91 10.98
CA GLY H 192 -15.83 1.64 11.24
C GLY H 192 -15.57 0.86 9.97
N GLU H 193 -16.59 0.74 9.12
CA GLU H 193 -16.42 0.01 7.87
C GLU H 193 -15.29 0.59 7.01
N LYS H 194 -15.24 1.92 6.88
CA LYS H 194 -14.21 2.55 6.05
C LYS H 194 -12.82 2.44 6.70
N ALA H 195 -12.80 2.28 8.02
CA ALA H 195 -11.55 2.19 8.76
C ALA H 195 -11.00 0.76 8.75
N GLY H 196 -11.79 -0.18 8.23
CA GLY H 196 -11.34 -1.54 8.09
C GLY H 196 -11.78 -2.45 9.23
N LEU H 197 -12.80 -2.03 9.97
CA LEU H 197 -13.32 -2.82 11.08
C LEU H 197 -14.47 -3.71 10.63
N ALA H 198 -14.67 -4.82 11.33
CA ALA H 198 -15.78 -5.73 11.03
C ALA H 198 -17.07 -5.30 11.74
N THR H 199 -18.16 -5.20 10.99
CA THR H 199 -19.43 -4.74 11.53
C THR H 199 -19.87 -5.55 12.75
N ASP H 200 -19.72 -6.87 12.67
CA ASP H 200 -19.99 -7.75 13.81
C ASP H 200 -19.15 -7.42 15.03
N ALA H 201 -17.86 -7.11 14.82
CA ALA H 201 -16.96 -6.81 15.94
C ALA H 201 -17.42 -5.55 16.67
N ILE H 202 -17.82 -4.54 15.92
CA ILE H 202 -18.28 -3.28 16.51
C ILE H 202 -19.57 -3.46 17.32
N LEU H 203 -20.57 -4.08 16.71
CA LEU H 203 -21.82 -4.40 17.38
C LEU H 203 -21.51 -5.18 18.65
N ASP H 204 -20.59 -6.12 18.54
CA ASP H 204 -20.20 -6.98 19.65
C ASP H 204 -19.71 -6.16 20.84
N VAL H 205 -18.82 -5.20 20.57
CA VAL H 205 -18.25 -4.37 21.62
C VAL H 205 -19.31 -3.47 22.24
N ILE H 206 -20.15 -2.90 21.38
CA ILE H 206 -21.19 -2.00 21.83
C ILE H 206 -22.21 -2.72 22.71
N GLY H 207 -22.62 -3.91 22.28
CA GLY H 207 -23.62 -4.67 23.00
C GLY H 207 -23.14 -5.15 24.36
N ALA H 208 -21.82 -5.11 24.57
CA ALA H 208 -21.24 -5.61 25.80
C ALA H 208 -20.98 -4.46 26.79
N GLY H 209 -21.28 -3.24 26.37
CA GLY H 209 -20.96 -2.07 27.16
C GLY H 209 -22.16 -1.24 27.59
N ALA H 210 -21.88 -0.07 28.14
CA ALA H 210 -22.91 0.73 28.80
C ALA H 210 -23.91 1.38 27.81
N MET H 211 -23.57 1.38 26.52
CA MET H 211 -24.51 1.91 25.52
C MET H 211 -25.50 0.88 25.03
N ALA H 212 -25.29 -0.39 25.38
CA ALA H 212 -26.07 -1.48 24.83
C ALA H 212 -27.56 -1.25 25.03
N ASN H 213 -28.34 -1.37 23.96
CA ASN H 213 -29.79 -1.20 24.03
C ASN H 213 -30.45 -1.97 22.91
N PRO H 214 -31.72 -2.34 23.09
CA PRO H 214 -32.46 -3.07 22.05
C PRO H 214 -32.45 -2.44 20.65
N MET H 215 -32.61 -1.11 20.54
CA MET H 215 -32.60 -0.50 19.22
C MET H 215 -31.29 -0.76 18.49
N PHE H 216 -30.16 -0.45 19.12
CA PHE H 216 -28.88 -0.75 18.53
C PHE H 216 -28.76 -2.23 18.14
N ALA H 217 -29.15 -3.12 19.05
CA ALA H 217 -29.07 -4.55 18.80
C ALA H 217 -29.83 -4.89 17.53
N LEU H 218 -31.11 -4.53 17.49
CA LEU H 218 -31.96 -4.85 16.35
C LEU H 218 -31.49 -4.15 15.07
N LYS H 219 -31.28 -2.84 15.12
CA LYS H 219 -30.97 -2.07 13.92
C LYS H 219 -29.57 -2.40 13.36
N GLY H 220 -28.60 -2.56 14.25
CA GLY H 220 -27.28 -2.97 13.82
C GLY H 220 -27.34 -4.26 13.02
N GLY H 221 -28.11 -5.23 13.51
CA GLY H 221 -28.32 -6.48 12.79
C GLY H 221 -28.86 -6.28 11.38
N LEU H 222 -29.96 -5.55 11.27
CA LEU H 222 -30.57 -5.27 9.97
C LEU H 222 -29.63 -4.46 9.08
N ILE H 223 -28.93 -3.45 9.44
CA ILE H 223 -27.92 -2.71 8.71
C ILE H 223 -26.87 -3.68 8.18
N ARG H 224 -26.41 -4.58 9.10
CA ARG H 224 -25.46 -5.53 8.58
C ARG H 224 -26.02 -6.28 7.38
N ASP H 225 -27.24 -6.79 7.53
CA ASP H 225 -27.84 -7.61 6.48
C ASP H 225 -28.35 -6.75 5.32
N ARG H 226 -28.12 -5.45 5.41
CA ARG H 226 -28.61 -4.50 4.40
C ARG H 226 -30.13 -4.57 4.23
N ASN H 227 -30.83 -4.78 5.32
CA ASN H 227 -32.29 -4.92 5.30
C ASN H 227 -32.96 -3.67 5.89
N PHE H 228 -33.64 -2.90 5.03
CA PHE H 228 -34.23 -1.63 5.46
C PHE H 228 -35.75 -1.58 5.30
N ALA H 229 -36.37 -2.75 5.43
CA ALA H 229 -37.82 -2.85 5.40
C ALA H 229 -38.38 -1.93 6.46
N PRO H 230 -39.39 -1.12 6.10
CA PRO H 230 -39.82 -0.07 7.02
C PRO H 230 -40.49 -0.61 8.27
N ALA H 231 -39.98 -0.21 9.42
CA ALA H 231 -40.67 -0.46 10.69
C ALA H 231 -41.15 0.91 11.15
N PHE H 232 -40.21 1.83 11.32
CA PHE H 232 -40.54 3.24 11.52
C PHE H 232 -40.03 4.01 10.29
N PRO H 233 -40.96 4.45 9.42
CA PRO H 233 -40.63 5.08 8.14
C PRO H 233 -39.72 6.30 8.32
N LEU H 234 -38.64 6.31 7.56
CA LEU H 234 -37.65 7.37 7.65
C LEU H 234 -38.28 8.77 7.51
N LYS H 235 -39.26 8.92 6.62
CA LYS H 235 -39.90 10.23 6.46
C LYS H 235 -40.61 10.69 7.74
N HIS H 236 -41.14 9.74 8.51
CA HIS H 236 -41.84 10.12 9.74
C HIS H 236 -40.83 10.50 10.82
N MET H 237 -39.69 9.80 10.83
CA MET H 237 -38.61 10.16 11.74
C MET H 237 -38.17 11.59 11.47
N GLN H 238 -37.98 11.92 10.18
CA GLN H 238 -37.54 13.28 9.85
C GLN H 238 -38.59 14.30 10.32
N LYS H 239 -39.85 13.95 10.16
CA LYS H 239 -40.94 14.82 10.59
C LYS H 239 -40.86 15.08 12.10
N ASP H 240 -40.63 14.01 12.86
CA ASP H 240 -40.51 14.14 14.31
C ASP H 240 -39.37 15.08 14.72
N LEU H 241 -38.24 14.98 14.03
CA LEU H 241 -37.11 15.87 14.29
C LEU H 241 -37.43 17.31 13.91
N ARG H 242 -38.15 17.47 12.82
CA ARG H 242 -38.69 18.76 12.42
C ARG H 242 -39.51 19.39 13.55
N LEU H 243 -40.40 18.61 14.13
CA LEU H 243 -41.25 19.11 15.20
C LEU H 243 -40.46 19.39 16.49
N ALA H 244 -39.51 18.52 16.80
CA ALA H 244 -38.68 18.72 17.98
C ALA H 244 -37.90 20.03 17.82
N VAL H 245 -37.32 20.25 16.64
CA VAL H 245 -36.58 21.48 16.39
C VAL H 245 -37.48 22.73 16.52
N ALA H 246 -38.70 22.64 16.00
CA ALA H 246 -39.68 23.73 16.18
C ALA H 246 -40.03 23.96 17.67
N LEU H 247 -40.10 22.87 18.43
CA LEU H 247 -40.34 22.98 19.87
C LEU H 247 -39.21 23.73 20.58
N GLY H 248 -37.97 23.35 20.26
CA GLY H 248 -36.82 24.07 20.78
C GLY H 248 -36.89 25.53 20.42
N ASP H 249 -37.34 25.81 19.20
CA ASP H 249 -37.47 27.19 18.77
C ASP H 249 -38.45 27.91 19.69
N ARG H 250 -39.60 27.29 19.93
CA ARG H 250 -40.63 27.90 20.77
C ARG H 250 -40.17 28.15 22.21
N VAL H 251 -39.51 27.18 22.83
CA VAL H 251 -39.16 27.32 24.24
C VAL H 251 -37.76 27.89 24.49
N GLY H 252 -37.09 28.34 23.44
CA GLY H 252 -35.78 28.96 23.59
C GLY H 252 -34.67 27.98 23.97
N GLN H 253 -34.72 26.80 23.37
CA GLN H 253 -33.66 25.80 23.54
C GLN H 253 -32.90 25.56 22.23
N PRO H 254 -31.63 26.02 22.15
CA PRO H 254 -30.81 25.64 20.98
C PRO H 254 -30.58 24.13 20.95
N LEU H 255 -30.67 23.52 19.78
CA LEU H 255 -30.46 22.08 19.65
C LEU H 255 -29.51 21.79 18.50
N VAL H 256 -28.22 22.05 18.72
CA VAL H 256 -27.23 21.92 17.67
C VAL H 256 -27.18 20.49 17.10
N ALA H 257 -27.09 19.50 17.97
CA ALA H 257 -26.99 18.11 17.54
C ALA H 257 -28.25 17.60 16.86
N SER H 258 -29.39 17.89 17.46
CA SER H 258 -30.64 17.39 16.92
C SER H 258 -31.00 18.05 15.59
N ALA H 259 -30.64 19.33 15.45
CA ALA H 259 -30.88 20.05 14.19
C ALA H 259 -30.03 19.43 13.09
N ALA H 260 -28.78 19.06 13.42
CA ALA H 260 -27.93 18.35 12.49
C ALA H 260 -28.58 17.02 12.08
N ALA H 261 -29.02 16.24 13.05
CA ALA H 261 -29.74 15.00 12.76
C ALA H 261 -30.92 15.26 11.80
N ASN H 262 -31.70 16.29 12.09
CA ASN H 262 -32.85 16.66 11.23
C ASN H 262 -32.39 16.81 9.79
N GLU H 263 -31.35 17.62 9.58
CA GLU H 263 -30.84 17.84 8.23
C GLU H 263 -30.31 16.56 7.60
N LEU H 264 -29.64 15.71 8.38
CA LEU H 264 -29.13 14.46 7.85
C LEU H 264 -30.28 13.54 7.39
N PHE H 265 -31.36 13.48 8.17
CA PHE H 265 -32.53 12.72 7.71
C PHE H 265 -33.21 13.34 6.48
N LYS H 266 -33.07 14.66 6.30
CA LYS H 266 -33.59 15.28 5.09
C LYS H 266 -32.79 14.79 3.89
N GLY H 267 -31.48 14.65 4.07
CA GLY H 267 -30.62 14.07 3.06
C GLY H 267 -31.08 12.68 2.65
N ALA H 268 -31.38 11.83 3.63
CA ALA H 268 -31.86 10.49 3.33
C ALA H 268 -33.16 10.51 2.51
N ARG H 269 -34.10 11.38 2.86
CA ARG H 269 -35.33 11.54 2.06
C ARG H 269 -35.06 11.96 0.63
N ALA H 270 -34.20 12.95 0.45
CA ALA H 270 -33.85 13.42 -0.88
C ALA H 270 -33.17 12.32 -1.69
N ALA H 271 -32.43 11.43 -1.02
CA ALA H 271 -31.78 10.34 -1.73
C ALA H 271 -32.78 9.24 -2.04
N GLY H 272 -33.98 9.35 -1.50
CA GLY H 272 -35.06 8.44 -1.84
C GLY H 272 -35.35 7.34 -0.81
N PHE H 273 -34.95 7.55 0.44
CA PHE H 273 -35.10 6.50 1.45
C PHE H 273 -36.25 6.73 2.41
N GLY H 274 -37.09 7.72 2.12
CA GLY H 274 -38.14 8.13 3.05
C GLY H 274 -39.15 7.05 3.40
N ASP H 275 -39.41 6.14 2.47
CA ASP H 275 -40.37 5.07 2.72
C ASP H 275 -39.72 3.81 3.28
N GLU H 276 -38.42 3.84 3.45
CA GLU H 276 -37.72 2.70 4.05
C GLU H 276 -37.57 2.97 5.53
N ASP H 277 -37.06 1.99 6.28
CA ASP H 277 -36.87 2.20 7.71
C ASP H 277 -35.96 3.37 8.00
N PHE H 278 -36.14 4.02 9.15
CA PHE H 278 -35.32 5.17 9.48
C PHE H 278 -33.84 4.84 9.64
N SER H 279 -33.55 3.57 9.93
CA SER H 279 -32.15 3.11 9.93
C SER H 279 -31.47 3.25 8.55
N ALA H 280 -32.25 3.47 7.50
CA ALA H 280 -31.68 3.60 6.16
C ALA H 280 -30.79 4.83 6.04
N ILE H 281 -30.81 5.70 7.04
CA ILE H 281 -29.92 6.84 7.03
C ILE H 281 -28.48 6.34 6.91
N PHE H 282 -28.25 5.12 7.38
CA PHE H 282 -26.93 4.52 7.27
C PHE H 282 -26.37 4.58 5.84
N LYS H 283 -27.24 4.34 4.87
CA LYS H 283 -26.82 4.26 3.47
C LYS H 283 -26.24 5.56 2.96
N THR H 284 -26.76 6.68 3.45
CA THR H 284 -26.27 7.99 3.06
C THR H 284 -24.90 8.23 3.67
N TYR H 285 -24.60 7.53 4.74
CA TYR H 285 -23.29 7.64 5.41
C TYR H 285 -22.26 6.80 4.66
N GLU H 286 -22.67 5.64 4.18
CA GLU H 286 -21.83 4.83 3.29
C GLU H 286 -21.59 5.55 1.98
N ARG H 287 -22.67 6.14 1.46
CA ARG H 287 -22.70 6.95 0.23
C ARG H 287 -22.52 6.03 -0.95
PA NAP I . 35.97 -46.83 -6.80
O1A NAP I . 34.93 -46.28 -5.91
O2A NAP I . 35.60 -48.08 -7.50
O5B NAP I . 37.32 -47.08 -5.98
C5B NAP I . 37.72 -46.18 -4.96
C4B NAP I . 38.93 -46.79 -4.30
O4B NAP I . 39.39 -45.91 -3.30
C3B NAP I . 38.58 -48.10 -3.59
O3B NAP I . 39.71 -48.93 -3.73
C2B NAP I . 38.45 -47.67 -2.15
O2B NAP I . 38.69 -48.67 -1.19
C1B NAP I . 39.54 -46.62 -2.09
N9A NAP I . 39.38 -45.75 -0.92
C8A NAP I . 38.39 -44.81 -0.72
N7A NAP I . 38.60 -44.25 0.50
C5A NAP I . 39.69 -44.81 1.06
C6A NAP I . 40.33 -44.57 2.27
N6A NAP I . 39.85 -43.66 3.10
N1A NAP I . 41.43 -45.31 2.59
C2A NAP I . 41.92 -46.26 1.71
N3A NAP I . 41.29 -46.48 0.51
C4A NAP I . 40.19 -45.76 0.19
O3 NAP I . 36.30 -45.70 -7.86
PN NAP I . 37.27 -45.71 -9.12
O1N NAP I . 36.51 -45.31 -10.32
O2N NAP I . 38.05 -46.96 -9.18
O5D NAP I . 38.14 -44.48 -8.60
C5D NAP I . 39.54 -44.49 -8.43
C4D NAP I . 40.06 -43.15 -8.93
O4D NAP I . 40.07 -43.08 -10.33
C3D NAP I . 39.17 -42.00 -8.50
O3D NAP I . 40.05 -40.94 -8.19
C2D NAP I . 38.34 -41.69 -9.73
O2D NAP I . 37.95 -40.35 -9.74
C1D NAP I . 39.35 -41.95 -10.81
N1N NAP I . 38.87 -42.27 -12.17
C2N NAP I . 37.75 -43.02 -12.35
C3N NAP I . 37.33 -43.36 -13.64
C7N NAP I . 36.13 -44.23 -13.84
O7N NAP I . 35.50 -44.15 -15.07
N7N NAP I . 35.64 -45.03 -12.88
C4N NAP I . 38.07 -42.93 -14.76
C5N NAP I . 39.23 -42.19 -14.55
C6N NAP I . 39.63 -41.88 -13.26
P2B NAP I . 37.53 -49.73 -0.76
O1X NAP I . 37.96 -50.27 0.59
O2X NAP I . 36.22 -49.00 -0.68
O3X NAP I . 37.42 -50.82 -1.79
C1 GOL J . 36.37 -40.37 -15.28
O1 GOL J . 37.62 -39.79 -14.98
C2 GOL J . 36.22 -41.02 -16.65
O2 GOL J . 37.22 -40.64 -17.61
C3 GOL J . 34.81 -40.67 -17.11
O3 GOL J . 34.26 -41.53 -18.09
C1 GOL K . 33.26 -38.78 -3.35
O1 GOL K . 34.33 -39.22 -4.17
C2 GOL K . 33.58 -37.41 -2.72
O2 GOL K . 34.89 -37.36 -2.16
C3 GOL K . 32.51 -36.95 -1.72
O3 GOL K . 32.65 -37.52 -0.43
C1 GOL L . 27.08 -39.89 -31.27
O1 GOL L . 27.22 -38.68 -30.55
C2 GOL L . 25.58 -40.18 -31.39
O2 GOL L . 24.84 -39.74 -30.27
C3 GOL L . 25.34 -41.66 -31.73
O3 GOL L . 23.99 -41.99 -31.53
C1 PEG M . 37.06 -23.50 -3.49
O1 PEG M . 35.81 -24.22 -3.62
C2 PEG M . 37.98 -24.20 -2.46
O2 PEG M . 39.12 -23.38 -2.17
C3 PEG M . 39.91 -23.24 -3.38
C4 PEG M . 41.33 -22.74 -3.04
O4 PEG M . 41.31 -21.32 -2.81
C1 EDO N . 58.11 -35.18 -7.09
O1 EDO N . 58.99 -36.29 -7.24
C2 EDO N . 57.96 -34.79 -5.62
O2 EDO N . 57.24 -33.55 -5.57
PA NAP O . -4.51 -15.31 -9.09
O1A NAP O . -4.00 -16.57 -9.68
O2A NAP O . -5.03 -15.50 -7.70
O5B NAP O . -5.63 -14.78 -10.10
C5B NAP O . -5.30 -14.55 -11.44
C4B NAP O . -6.47 -13.85 -12.11
O4B NAP O . -6.27 -13.80 -13.51
C3B NAP O . -7.76 -14.61 -11.89
O3B NAP O . -8.76 -13.63 -11.76
C2B NAP O . -7.96 -15.37 -13.18
O2B NAP O . -9.32 -15.66 -13.47
C1B NAP O . -7.41 -14.34 -14.15
N9A NAP O . -7.12 -14.95 -15.45
C8A NAP O . -6.09 -15.79 -15.78
N7A NAP O . -6.20 -16.10 -17.09
C5A NAP O . -7.28 -15.46 -17.59
C6A NAP O . -7.83 -15.43 -18.85
N6A NAP O . -7.27 -16.13 -19.83
N1A NAP O . -8.96 -14.67 -19.07
C2A NAP O . -9.53 -13.95 -18.04
N3A NAP O . -8.96 -13.98 -16.78
C4A NAP O . -7.86 -14.74 -16.57
O3 NAP O . -3.41 -14.17 -9.24
PN NAP O . -3.00 -12.93 -8.30
O1N NAP O . -2.04 -13.36 -7.27
O2N NAP O . -4.27 -12.26 -7.93
O5D NAP O . -2.20 -12.08 -9.39
C5D NAP O . -2.83 -11.38 -10.44
C4D NAP O . -1.73 -10.45 -10.94
O4D NAP O . -1.22 -9.75 -9.84
C3D NAP O . -0.55 -11.22 -11.53
O3D NAP O . -0.06 -10.46 -12.61
C2D NAP O . 0.46 -11.24 -10.40
O2D NAP O . 1.77 -11.41 -10.87
C1D NAP O . 0.19 -9.86 -9.81
N1N NAP O . 0.65 -9.66 -8.43
C2N NAP O . 0.38 -10.60 -7.48
C3N NAP O . 0.81 -10.41 -6.17
C7N NAP O . 0.56 -11.47 -5.12
O7N NAP O . 1.31 -11.42 -3.93
N7N NAP O . -0.34 -12.42 -5.32
C4N NAP O . 1.51 -9.25 -5.85
C5N NAP O . 1.76 -8.29 -6.83
C6N NAP O . 1.31 -8.51 -8.13
P2B NAP O . -10.01 -17.01 -12.87
O1X NAP O . -11.18 -17.35 -13.76
O2X NAP O . -9.02 -18.13 -12.87
O3X NAP O . -10.50 -16.77 -11.47
C1 GOL P . -0.31 16.99 -11.20
O1 GOL P . 0.99 17.23 -10.70
C2 GOL P . -1.31 17.86 -10.45
O2 GOL P . -0.63 18.90 -9.78
C3 GOL P . -2.08 17.01 -9.44
O3 GOL P . -3.18 17.75 -8.96
PA NAP Q . 23.36 -13.90 -40.79
O1A NAP Q . 23.61 -12.98 -39.65
O2A NAP Q . 24.55 -14.04 -41.67
O5B NAP Q . 22.08 -13.33 -41.60
C5B NAP Q . 20.76 -13.75 -41.37
C4B NAP Q . 19.81 -13.11 -42.39
O4B NAP Q . 18.64 -12.62 -41.76
C3B NAP Q . 20.40 -11.95 -43.18
O3B NAP Q . 20.00 -12.14 -44.52
C2B NAP Q . 19.66 -10.72 -42.71
O2B NAP Q . 19.48 -9.75 -43.70
C1B NAP Q . 18.33 -11.37 -42.38
N9A NAP Q . 17.49 -10.51 -41.53
C8A NAP Q . 17.71 -10.14 -40.22
N7A NAP Q . 16.69 -9.34 -39.83
C5A NAP Q . 15.82 -9.22 -40.88
C6A NAP Q . 14.63 -8.53 -41.03
N6A NAP Q . 14.13 -7.84 -40.00
N1A NAP Q . 13.96 -8.58 -42.23
C2A NAP Q . 14.47 -9.30 -43.29
N3A NAP Q . 15.67 -9.99 -43.15
C4A NAP Q . 16.32 -9.93 -41.96
O3 NAP Q . 22.84 -15.29 -40.19
PN NAP Q . 23.00 -16.83 -40.60
O1N NAP Q . 24.16 -17.42 -39.89
O2N NAP Q . 22.94 -16.98 -42.08
O5D NAP Q . 21.65 -17.42 -39.93
C5D NAP Q . 20.44 -17.62 -40.62
C4D NAP Q . 19.61 -18.60 -39.80
O4D NAP Q . 20.23 -19.85 -39.79
C3D NAP Q . 19.56 -18.15 -38.35
O3D NAP Q . 18.28 -18.49 -37.81
C2D NAP Q . 20.65 -18.96 -37.69
O2D NAP Q . 20.38 -19.11 -36.31
C1D NAP Q . 20.52 -20.26 -38.47
N1N NAP Q . 21.71 -21.14 -38.51
C2N NAP Q . 22.97 -20.62 -38.56
C3N NAP Q . 24.07 -21.48 -38.65
C7N NAP Q . 25.47 -20.95 -38.82
O7N NAP Q . 26.54 -21.81 -38.51
N7N NAP Q . 25.70 -19.71 -39.26
C4N NAP Q . 23.86 -22.86 -38.69
C5N NAP Q . 22.56 -23.38 -38.66
C6N NAP Q . 21.50 -22.49 -38.59
P2B NAP Q . 20.57 -8.58 -43.93
O1X NAP Q . 19.87 -7.39 -44.54
O2X NAP Q . 21.16 -8.15 -42.60
O3X NAP Q . 21.64 -9.07 -44.87
C1 GOL R . 24.25 -23.16 -35.79
O1 GOL R . 22.95 -23.73 -35.71
C2 GOL R . 25.34 -24.14 -36.22
O2 GOL R . 24.83 -25.48 -36.29
C3 GOL R . 26.46 -24.02 -35.18
O3 GOL R . 27.70 -24.63 -35.52
PA NAP S . 41.04 -7.75 6.93
O1A NAP S . 41.39 -8.14 5.56
O2A NAP S . 40.88 -6.29 7.15
O5B NAP S . 42.10 -8.39 7.96
C5B NAP S . 42.31 -9.78 8.01
C4B NAP S . 43.35 -10.11 9.07
O4B NAP S . 43.83 -11.43 8.83
C3B NAP S . 44.58 -9.20 9.04
O3B NAP S . 44.92 -8.97 10.40
C2B NAP S . 45.64 -10.03 8.37
O2B NAP S . 46.97 -9.75 8.73
C1B NAP S . 45.24 -11.41 8.87
N9A NAP S . 45.85 -12.48 8.08
C8A NAP S . 45.58 -12.86 6.79
N7A NAP S . 46.41 -13.89 6.49
C5A NAP S . 47.19 -14.17 7.56
C6A NAP S . 48.19 -15.11 7.79
N6A NAP S . 48.53 -15.99 6.85
N1A NAP S . 48.82 -15.13 9.01
C2A NAP S . 48.48 -14.23 10.01
N3A NAP S . 47.49 -13.31 9.77
C4A NAP S . 46.85 -13.28 8.57
O3 NAP S . 39.67 -8.50 7.22
PN NAP S . 38.49 -8.25 8.25
O1N NAP S . 37.34 -7.64 7.55
O2N NAP S . 39.10 -7.71 9.49
O5D NAP S . 38.12 -9.81 8.44
C5D NAP S . 38.72 -10.62 9.43
C4D NAP S . 37.76 -11.80 9.66
O4D NAP S . 36.52 -11.28 10.06
C3D NAP S . 37.49 -12.58 8.38
O3D NAP S . 37.29 -13.95 8.72
C2D NAP S . 36.20 -11.98 7.88
O2D NAP S . 35.45 -12.85 7.06
C1D NAP S . 35.50 -11.73 9.20
N1N NAP S . 34.40 -10.76 9.16
C2N NAP S . 34.52 -9.60 8.43
C3N NAP S . 33.46 -8.71 8.43
C7N NAP S . 33.63 -7.34 7.88
O7N NAP S . 32.47 -6.58 7.72
N7N NAP S . 34.84 -6.87 7.54
C4N NAP S . 32.30 -8.98 9.18
C5N NAP S . 32.21 -10.14 9.93
C6N NAP S . 33.28 -11.02 9.90
P2B NAP S . 47.75 -8.55 7.95
O1X NAP S . 49.22 -8.76 8.21
O2X NAP S . 47.50 -8.65 6.47
O3X NAP S . 47.24 -7.23 8.47
C1 PEG T . 16.91 1.83 0.25
O1 PEG T . 16.30 2.66 1.24
C2 PEG T . 16.13 0.49 0.12
O2 PEG T . 16.71 -0.49 0.99
C3 PEG T . 15.76 -0.85 2.00
C4 PEG T . 15.57 0.33 2.98
O4 PEG T . 15.21 -0.14 4.31
PA NAP U . -39.45 45.79 14.23
O1A NAP U . -39.40 44.79 15.33
O2A NAP U . -38.92 47.12 14.54
O5B NAP U . -40.97 45.91 13.67
C5B NAP U . -41.89 44.86 13.78
C4B NAP U . -43.27 45.42 13.46
O4B NAP U . -44.22 44.37 13.50
C3B NAP U . -43.71 46.45 14.50
O3B NAP U . -44.39 47.49 13.83
C2B NAP U . -44.66 45.65 15.37
O2B NAP U . -45.64 46.41 16.05
C1B NAP U . -45.30 44.74 14.34
N9A NAP U . -45.97 43.57 14.94
C8A NAP U . -45.37 42.48 15.58
N7A NAP U . -46.34 41.63 16.00
C5A NAP U . -47.54 42.16 15.64
C6A NAP U . -48.84 41.70 15.81
N6A NAP U . -49.07 40.55 16.43
N1A NAP U . -49.87 42.46 15.32
C2A NAP U . -49.65 43.66 14.69
N3A NAP U . -48.36 44.14 14.51
C4A NAP U . -47.32 43.38 14.98
O3 NAP U . -38.64 45.10 13.04
PN NAP U . -38.43 45.46 11.51
O1N NAP U . -37.01 45.26 11.23
O2N NAP U . -39.08 46.76 11.19
O5D NAP U . -39.23 44.20 10.87
C5D NAP U . -40.30 44.31 9.96
C4D NAP U . -40.13 43.23 8.88
O4D NAP U . -39.13 43.57 7.96
C3D NAP U . -39.68 41.91 9.46
O3D NAP U . -40.33 40.91 8.69
C2D NAP U . -38.19 41.85 9.19
O2D NAP U . -37.67 40.55 9.06
C1D NAP U . -38.14 42.57 7.85
N1N NAP U . -36.84 43.17 7.47
C2N NAP U . -36.00 43.72 8.40
C3N NAP U . -34.80 44.32 8.02
C7N NAP U . -33.98 45.11 9.00
O7N NAP U . -32.62 45.30 8.74
N7N NAP U . -34.51 45.64 10.10
C4N NAP U . -34.46 44.35 6.67
C5N NAP U . -35.33 43.80 5.71
C6N NAP U . -36.52 43.22 6.12
P2B NAP U . -45.28 47.17 17.41
O1X NAP U . -46.60 47.43 18.08
O2X NAP U . -44.38 46.29 18.25
O3X NAP U . -44.57 48.45 17.06
C1 GOL V . -49.83 45.91 21.99
O1 GOL V . -51.09 45.29 21.80
C2 GOL V . -49.96 47.42 21.76
O2 GOL V . -49.24 48.10 22.77
C3 GOL V . -51.42 47.86 21.80
O3 GOL V . -51.54 49.24 21.52
C1 GOL W . -12.82 45.99 5.62
O1 GOL W . -12.67 46.36 6.97
C2 GOL W . -13.97 45.00 5.50
O2 GOL W . -13.73 43.83 6.26
C3 GOL W . -14.26 44.63 4.04
O3 GOL W . -14.85 43.36 4.09
C1 PEG X . -39.79 22.61 8.88
O1 PEG X . -38.89 23.33 9.75
C2 PEG X . -41.18 23.29 8.84
O2 PEG X . -42.14 22.41 8.22
C3 PEG X . -42.10 22.65 6.80
C4 PEG X . -42.57 21.37 6.04
O4 PEG X . -43.85 20.94 6.52
PA NAP Y . -7.04 10.96 34.29
O1A NAP Y . -7.25 12.37 33.89
O2A NAP Y . -7.69 10.66 35.58
O5B NAP Y . -5.44 10.74 34.33
C5B NAP Y . -4.69 10.76 33.14
C4B NAP Y . -3.29 10.27 33.44
O4B NAP Y . -2.40 10.71 32.43
C3B NAP Y . -2.77 10.83 34.75
O3B NAP Y . -2.01 9.81 35.35
C2B NAP Y . -1.83 11.95 34.33
O2B NAP Y . -0.77 12.17 35.20
C1B NAP Y . -1.30 11.35 33.04
N9A NAP Y . -0.65 12.38 32.21
C8A NAP Y . -1.24 13.46 31.62
N7A NAP Y . -0.28 14.14 30.95
C5A NAP Y . 0.91 13.50 31.10
C6A NAP Y . 2.20 13.77 30.63
N6A NAP Y . 2.44 14.83 29.86
N1A NAP Y . 3.22 12.91 30.96
C2A NAP Y . 2.97 11.81 31.76
N3A NAP Y . 1.71 11.57 32.22
C4A NAP Y . 0.69 12.39 31.90
O3 NAP Y . -7.50 9.96 33.11
PN NAP Y . -8.38 8.63 33.09
O1N NAP Y . -9.83 8.94 33.12
O2N NAP Y . -7.79 7.68 34.06
O5D NAP Y . -8.12 8.07 31.61
C5D NAP Y . -6.83 7.79 31.16
C4D NAP Y . -6.99 7.22 29.75
O4D NAP Y . -8.00 6.24 29.76
C3D NAP Y . -7.45 8.28 28.76
O3D NAP Y . -6.88 7.92 27.52
C2D NAP Y . -8.95 8.10 28.69
O2D NAP Y . -9.48 8.51 27.46
C1D NAP Y . -9.03 6.58 28.86
N1N NAP Y . -10.32 6.09 29.35
C2N NAP Y . -10.94 6.70 30.40
C3N NAP Y . -12.15 6.20 30.85
C7N NAP Y . -12.89 6.86 31.97
O7N NAP Y . -14.22 6.48 32.16
N7N NAP Y . -12.28 7.76 32.74
C4N NAP Y . -12.71 5.06 30.25
C5N NAP Y . -12.04 4.44 29.20
C6N NAP Y . -10.84 4.96 28.77
P2B NAP Y . -0.92 13.09 36.52
O1X NAP Y . 0.48 13.41 37.00
O2X NAP Y . -1.58 14.41 36.20
O3X NAP Y . -1.71 12.32 37.56
PA NAP Z . -1.68 21.95 -6.17
O1A NAP Z . -2.42 20.70 -5.92
O2A NAP Z . -1.87 22.46 -7.57
O5B NAP Z . -0.12 21.69 -5.88
C5B NAP Z . 0.42 21.33 -4.63
C4B NAP Z . 1.93 21.23 -4.77
O4B NAP Z . 2.52 20.52 -3.69
C3B NAP Z . 2.33 20.48 -6.04
O3B NAP Z . 3.47 21.11 -6.55
C2B NAP Z . 2.69 19.09 -5.55
O2B NAP Z . 3.60 18.40 -6.38
C1B NAP Z . 3.30 19.44 -4.20
N9A NAP Z . 3.27 18.28 -3.30
C8A NAP Z . 2.18 17.64 -2.78
N7A NAP Z . 2.60 16.62 -2.02
C5A NAP Z . 3.94 16.59 -2.04
C6A NAP Z . 4.86 15.75 -1.43
N6A NAP Z . 4.45 14.75 -0.65
N1A NAP Z . 6.22 15.97 -1.64
C2A NAP Z . 6.64 17.00 -2.46
N3A NAP Z . 5.71 17.84 -3.06
C4A NAP Z . 4.39 17.62 -2.85
O3 NAP Z . -2.10 23.04 -5.08
PN NAP Z . -1.94 24.63 -4.93
O1N NAP Z . -3.28 25.25 -4.99
O2N NAP Z . -0.89 25.08 -5.86
O5D NAP Z . -1.51 24.65 -3.37
C5D NAP Z . -0.28 25.11 -2.85
C4D NAP Z . -0.52 25.67 -1.44
O4D NAP Z . -1.04 26.99 -1.48
C3D NAP Z . -1.55 24.85 -0.66
O3D NAP Z . -1.14 24.81 0.70
C2D NAP Z . -2.82 25.67 -0.74
O2D NAP Z . -3.63 25.45 0.40
C1D NAP Z . -2.26 27.08 -0.76
N1N NAP Z . -3.12 28.09 -1.40
C2N NAP Z . -3.86 27.77 -2.52
C3N NAP Z . -4.64 28.76 -3.10
C7N NAP Z . -5.38 28.51 -4.38
O7N NAP Z . -6.46 29.36 -4.67
N7N NAP Z . -5.02 27.53 -5.20
C4N NAP Z . -4.68 30.04 -2.56
C5N NAP Z . -3.92 30.34 -1.45
C6N NAP Z . -3.14 29.35 -0.88
P2B NAP Z . 3.10 17.48 -7.60
O1X NAP Z . 4.17 16.44 -7.83
O2X NAP Z . 1.81 16.74 -7.28
O3X NAP Z . 2.90 18.31 -8.84
C1 PEG AA . -23.57 39.79 -9.32
O1 PEG AA . -22.24 40.33 -9.29
C2 PEG AA . -23.58 38.33 -8.80
O2 PEG AA . -22.65 38.21 -7.69
C3 PEG AA . -23.34 37.65 -6.56
C4 PEG AA . -22.97 38.42 -5.27
O4 PEG AA . -21.76 39.18 -5.46
PA NAP BA . -47.91 5.16 7.77
O1A NAP BA . -47.25 5.95 6.70
O2A NAP BA . -47.77 3.70 7.58
O5B NAP BA . -49.42 5.65 7.83
C5B NAP BA . -49.74 7.01 8.03
C4B NAP BA . -51.25 7.16 7.97
O4B NAP BA . -51.58 8.52 7.82
C3B NAP BA . -51.85 6.45 6.76
O3B NAP BA . -53.06 5.86 7.16
C2B NAP BA . -52.17 7.57 5.81
O2B NAP BA . -53.26 7.29 4.96
C1B NAP BA . -52.54 8.66 6.79
N9A NAP BA . -52.51 9.96 6.14
C8A NAP BA . -51.42 10.66 5.68
N7A NAP BA . -51.86 11.81 5.13
C5A NAP BA . -53.21 11.85 5.24
C6A NAP BA . -54.15 12.78 4.85
N6A NAP BA . -53.79 13.90 4.24
N1A NAP BA . -55.48 12.52 5.09
C2A NAP BA . -55.88 11.35 5.71
N3A NAP BA . -54.93 10.44 6.10
C4A NAP BA . -53.63 10.68 5.86
O3 NAP BA . -47.24 5.63 9.16
PN NAP BA . -47.22 5.03 10.65
O1N NAP BA . -45.89 4.59 11.02
O2N NAP BA . -48.38 4.12 10.80
O5D NAP BA . -47.44 6.40 11.44
C5D NAP BA . -48.67 6.94 11.84
C4D NAP BA . -48.33 7.86 13.00
O4D NAP BA . -47.74 7.09 14.03
C3D NAP BA . -47.27 8.90 12.63
O3D NAP BA . -47.56 10.06 13.37
C2D NAP BA . -46.00 8.31 13.16
O2D NAP BA . -45.02 9.28 13.44
C1D NAP BA . -46.53 7.65 14.44
N1N NAP BA . -45.66 6.61 14.95
C2N NAP BA . -45.11 5.70 14.07
C3N NAP BA . -44.28 4.70 14.58
C7N NAP BA . -43.73 3.60 13.71
O7N NAP BA . -42.61 2.90 14.19
N7N NAP BA . -44.26 3.32 12.52
C4N NAP BA . -44.03 4.64 15.95
C5N NAP BA . -44.60 5.57 16.82
C6N NAP BA . -45.42 6.54 16.30
P2B NAP BA . -53.04 6.41 3.62
O1X NAP BA . -54.18 6.76 2.69
O2X NAP BA . -51.70 6.74 3.03
O3X NAP BA . -53.07 4.94 3.96
C1 PEG CA . -26.80 -4.37 22.93
O1 PEG CA . -28.02 -4.90 23.47
C2 PEG CA . -27.09 -3.29 21.87
O2 PEG CA . -25.88 -2.87 21.27
C3 PEG CA . -25.70 -3.64 20.06
C4 PEG CA . -25.24 -5.08 20.42
O4 PEG CA . -26.05 -6.05 19.74
#